data_5YTK
#
_entry.id   5YTK
#
_cell.length_a   108.906
_cell.length_b   108.906
_cell.length_c   340.564
_cell.angle_alpha   90.00
_cell.angle_beta   90.00
_cell.angle_gamma   120.00
#
_symmetry.space_group_name_H-M   'P 32 2 1'
#
loop_
_entity.id
_entity.type
_entity.pdbx_description
1 polymer 'NAD-dependent protein deacetylase sirtuin-3, mitochondrial'
2 polymer AceCS2-KLeu
3 non-polymer 'ZINC ION'
4 non-polymer LEUCINE
5 non-polymer LYSINE
6 water water
#
loop_
_entity_poly.entity_id
_entity_poly.type
_entity_poly.pdbx_seq_one_letter_code
_entity_poly.pdbx_strand_id
1 'polypeptide(L)'
;GKLSLQDVAELIRARACQRVVVMVGAGISTPSGIPDFRSPGSGLYSNLQQYDLPYPEAIFELPFFFHNPKPFFTLAKELY
PGNYKPNVTHYFLRLLHDKGLLLRLYTQNIDGLERVSGIPASKLVEAHGTFASATCTVCQRPFPGEDIRADVMADRVPRC
PVCTGVVKPDIVFFGEPLPQRFLLHVVDFPMADLLLILGTSLEVEPFASLTEAVRSSVPRLLINRDLVGPLAWHPRSRDV
AQLGDVVHGVESLVELLGWTEEMRDLVQRETGKL
;
A,B,C,D,E,F
2 'polypeptide(L)' TRSGKVMR G,J,K,L
#
loop_
_chem_comp.id
_chem_comp.type
_chem_comp.name
_chem_comp.formula
ZN non-polymer 'ZINC ION' 'Zn 2'
#
# COMPACT_ATOMS: atom_id res chain seq x y z
N GLY A 1 5.21 5.08 -48.58
CA GLY A 1 6.43 4.67 -47.90
C GLY A 1 6.63 5.38 -46.57
N LYS A 2 7.90 5.60 -46.22
CA LYS A 2 8.24 6.26 -44.97
C LYS A 2 8.31 7.76 -45.20
N LEU A 3 8.00 8.54 -44.16
CA LEU A 3 7.88 9.99 -44.31
C LEU A 3 9.12 10.77 -43.92
N SER A 4 9.27 11.93 -44.55
CA SER A 4 10.37 12.85 -44.27
C SER A 4 9.86 14.11 -43.59
N LEU A 5 10.77 14.95 -43.13
CA LEU A 5 10.42 16.23 -42.53
C LEU A 5 9.66 17.10 -43.54
N GLN A 6 10.14 17.10 -44.78
CA GLN A 6 9.53 17.86 -45.86
C GLN A 6 8.12 17.35 -46.14
N ASP A 7 7.92 16.05 -46.02
CA ASP A 7 6.60 15.46 -46.19
C ASP A 7 5.61 16.02 -45.17
N VAL A 8 6.04 16.14 -43.92
CA VAL A 8 5.20 16.70 -42.87
C VAL A 8 4.93 18.18 -43.15
N ALA A 9 5.99 18.90 -43.53
CA ALA A 9 5.87 20.31 -43.89
C ALA A 9 4.81 20.51 -44.97
N GLU A 10 4.87 19.67 -45.98
CA GLU A 10 3.95 19.74 -47.11
C GLU A 10 2.54 19.37 -46.68
N LEU A 11 2.43 18.39 -45.80
CA LEU A 11 1.15 18.02 -45.22
C LEU A 11 0.50 19.21 -44.53
N ILE A 12 1.31 20.01 -43.85
CA ILE A 12 0.79 21.20 -43.19
C ILE A 12 0.42 22.27 -44.21
N ARG A 13 1.28 22.48 -45.19
CA ARG A 13 1.05 23.49 -46.23
C ARG A 13 -0.18 23.15 -47.06
N ALA A 14 -0.42 21.87 -47.26
CA ALA A 14 -1.56 21.38 -48.02
C ALA A 14 -2.85 21.36 -47.22
N ARG A 15 -2.78 21.83 -45.97
CA ARG A 15 -3.91 21.79 -45.03
C ARG A 15 -4.45 20.39 -44.76
N ALA A 16 -3.62 19.37 -44.98
CA ALA A 16 -3.97 18.00 -44.58
C ALA A 16 -3.80 17.78 -43.07
N CYS A 17 -2.95 18.60 -42.47
CA CYS A 17 -2.80 18.66 -41.03
C CYS A 17 -3.14 20.06 -40.53
N GLN A 18 -4.29 20.20 -39.87
CA GLN A 18 -4.72 21.49 -39.37
C GLN A 18 -5.17 21.41 -37.92
N ARG A 19 -4.95 20.26 -37.30
CA ARG A 19 -5.26 20.05 -35.89
C ARG A 19 -4.05 19.49 -35.16
N VAL A 20 -3.03 20.33 -35.00
CA VAL A 20 -1.77 19.91 -34.43
C VAL A 20 -1.74 19.92 -32.91
N VAL A 21 -1.36 18.80 -32.31
CA VAL A 21 -1.15 18.74 -30.87
C VAL A 21 0.34 18.69 -30.59
N VAL A 22 0.82 19.58 -29.72
CA VAL A 22 2.24 19.66 -29.44
C VAL A 22 2.56 19.31 -27.98
N MET A 23 3.62 18.53 -27.79
CA MET A 23 4.13 18.20 -26.48
C MET A 23 5.59 18.60 -26.40
N VAL A 24 5.93 19.44 -25.42
CA VAL A 24 7.29 19.96 -25.32
C VAL A 24 7.89 19.71 -23.95
N GLY A 25 9.22 19.72 -23.87
CA GLY A 25 9.93 19.51 -22.63
C GLY A 25 11.07 20.50 -22.47
N ALA A 26 12.02 20.18 -21.60
CA ALA A 26 13.11 21.11 -21.25
C ALA A 26 13.99 21.49 -22.44
N GLY A 27 14.06 20.62 -23.43
CA GLY A 27 14.92 20.82 -24.58
C GLY A 27 14.69 22.10 -25.36
N ILE A 28 13.44 22.54 -25.44
CA ILE A 28 13.10 23.72 -26.22
C ILE A 28 13.44 25.04 -25.52
N SER A 29 13.76 24.97 -24.23
CA SER A 29 13.97 26.18 -23.44
C SER A 29 15.42 26.47 -23.08
N THR A 30 16.31 25.51 -23.26
CA THR A 30 17.72 25.75 -22.97
C THR A 30 18.35 26.81 -23.90
N PRO A 31 17.89 26.92 -25.16
CA PRO A 31 18.36 28.07 -25.94
C PRO A 31 17.95 29.43 -25.38
N SER A 32 17.01 29.45 -24.43
CA SER A 32 16.62 30.70 -23.79
C SER A 32 17.55 30.98 -22.61
N GLY A 33 18.45 30.04 -22.35
CA GLY A 33 19.41 30.16 -21.28
C GLY A 33 18.93 29.61 -19.96
N ILE A 34 17.84 28.85 -20.00
CA ILE A 34 17.30 28.21 -18.80
C ILE A 34 18.27 27.17 -18.25
N PRO A 35 18.75 27.38 -17.01
CA PRO A 35 19.71 26.46 -16.39
C PRO A 35 19.07 25.16 -15.88
N ASP A 36 19.72 24.04 -16.11
CA ASP A 36 19.29 22.77 -15.54
C ASP A 36 19.77 22.66 -14.09
N PHE A 37 18.83 22.64 -13.16
CA PHE A 37 19.15 22.65 -11.73
C PHE A 37 19.75 21.33 -11.25
N ARG A 38 19.61 20.28 -12.07
CA ARG A 38 20.13 18.96 -11.74
C ARG A 38 21.59 18.84 -12.14
N SER A 39 22.01 19.64 -13.11
CA SER A 39 23.34 19.53 -13.67
C SER A 39 24.28 20.57 -13.08
N PRO A 40 25.46 20.13 -12.62
CA PRO A 40 26.47 21.04 -12.08
C PRO A 40 27.00 21.97 -13.16
N GLY A 41 27.45 23.15 -12.76
CA GLY A 41 28.00 24.11 -13.71
C GLY A 41 27.21 25.40 -13.80
N SER A 42 25.98 25.38 -13.31
CA SER A 42 25.15 26.58 -13.31
C SER A 42 25.19 27.25 -11.94
N GLY A 43 24.92 28.55 -11.92
CA GLY A 43 24.92 29.30 -10.69
C GLY A 43 23.80 28.88 -9.78
N LEU A 44 22.69 28.45 -10.38
CA LEU A 44 21.54 27.94 -9.65
C LEU A 44 21.93 26.71 -8.85
N TYR A 45 22.64 25.80 -9.51
CA TYR A 45 23.12 24.56 -8.92
C TYR A 45 24.00 24.88 -7.71
N SER A 46 24.93 25.81 -7.92
CA SER A 46 25.83 26.27 -6.89
C SER A 46 25.08 26.81 -5.67
N ASN A 47 24.11 27.69 -5.93
CA ASN A 47 23.29 28.25 -4.87
C ASN A 47 22.48 27.19 -4.13
N LEU A 48 22.07 26.15 -4.85
CA LEU A 48 21.28 25.07 -4.27
C LEU A 48 22.15 24.15 -3.42
N GLN A 49 23.43 24.10 -3.72
CA GLN A 49 24.35 23.28 -2.92
C GLN A 49 24.51 23.81 -1.49
N GLN A 50 24.07 25.05 -1.27
CA GLN A 50 24.14 25.68 0.04
C GLN A 50 23.29 24.95 1.09
N TYR A 51 22.28 24.22 0.63
CA TYR A 51 21.31 23.63 1.55
C TYR A 51 21.53 22.14 1.78
N ASP A 52 20.77 21.60 2.73
CA ASP A 52 20.92 20.19 3.11
C ASP A 52 20.06 19.28 2.25
N LEU A 53 20.12 19.50 0.94
CA LEU A 53 19.36 18.69 -0.01
C LEU A 53 20.08 17.36 -0.27
N PRO A 54 19.34 16.24 -0.16
CA PRO A 54 19.90 14.91 -0.44
C PRO A 54 20.12 14.70 -1.92
N TYR A 55 19.30 15.39 -2.73
CA TYR A 55 19.37 15.34 -4.18
C TYR A 55 18.58 16.53 -4.70
N PRO A 56 18.87 17.00 -5.91
CA PRO A 56 18.21 18.20 -6.46
C PRO A 56 16.68 18.12 -6.47
N GLU A 57 16.14 16.98 -6.87
CA GLU A 57 14.69 16.80 -7.01
C GLU A 57 13.94 17.09 -5.71
N ALA A 58 14.67 17.09 -4.60
CA ALA A 58 14.06 17.37 -3.31
C ALA A 58 13.50 18.77 -3.22
N ILE A 59 13.88 19.66 -4.14
CA ILE A 59 13.28 21.00 -4.10
C ILE A 59 11.81 20.95 -4.51
N PHE A 60 11.40 19.87 -5.15
CA PHE A 60 10.01 19.71 -5.54
C PHE A 60 9.30 18.68 -4.67
N GLU A 61 9.79 18.51 -3.44
CA GLU A 61 9.13 17.63 -2.49
C GLU A 61 8.56 18.42 -1.33
N LEU A 62 7.29 18.17 -1.01
CA LEU A 62 6.60 18.92 0.05
C LEU A 62 7.22 18.81 1.44
N PRO A 63 7.64 17.60 1.86
CA PRO A 63 8.29 17.53 3.18
C PRO A 63 9.51 18.43 3.31
N PHE A 64 10.33 18.48 2.28
N PHE A 64 10.35 18.50 2.28
CA PHE A 64 11.51 19.33 2.30
CA PHE A 64 11.51 19.36 2.38
C PHE A 64 11.13 20.81 2.23
C PHE A 64 11.10 20.82 2.29
N PHE A 65 10.08 21.11 1.48
CA PHE A 65 9.58 22.48 1.37
C PHE A 65 9.13 22.99 2.72
N PHE A 66 8.43 22.14 3.47
CA PHE A 66 7.94 22.50 4.80
C PHE A 66 9.04 22.44 5.85
N HIS A 67 10.11 21.72 5.55
CA HIS A 67 11.29 21.74 6.40
C HIS A 67 12.08 23.04 6.19
N ASN A 68 12.25 23.41 4.92
CA ASN A 68 12.96 24.63 4.54
C ASN A 68 12.57 25.02 3.12
N PRO A 69 11.73 26.04 2.99
CA PRO A 69 11.20 26.44 1.68
C PRO A 69 12.16 27.30 0.86
N LYS A 70 13.30 27.66 1.43
CA LYS A 70 14.21 28.58 0.76
C LYS A 70 14.88 28.06 -0.51
N PRO A 71 15.27 26.77 -0.58
CA PRO A 71 15.83 26.31 -1.86
C PRO A 71 14.87 26.46 -3.03
N PHE A 72 13.64 26.01 -2.80
CA PHE A 72 12.61 26.15 -3.82
C PHE A 72 12.45 27.59 -4.25
N PHE A 73 12.46 28.52 -3.29
CA PHE A 73 12.26 29.93 -3.63
C PHE A 73 13.50 30.54 -4.27
N THR A 74 14.65 29.90 -4.09
CA THR A 74 15.84 30.25 -4.86
C THR A 74 15.54 29.94 -6.32
N LEU A 75 15.04 28.72 -6.54
CA LEU A 75 14.65 28.34 -7.89
C LEU A 75 13.59 29.27 -8.48
N ALA A 76 12.58 29.56 -7.69
CA ALA A 76 11.45 30.38 -8.08
C ALA A 76 11.90 31.78 -8.45
N LYS A 77 12.82 32.31 -7.64
CA LYS A 77 13.44 33.59 -7.92
C LYS A 77 14.15 33.56 -9.26
N GLU A 78 14.86 32.46 -9.52
CA GLU A 78 15.60 32.34 -10.77
C GLU A 78 14.68 32.27 -12.01
N LEU A 79 13.58 31.54 -11.90
CA LEU A 79 12.73 31.28 -13.06
C LEU A 79 11.50 32.17 -13.15
N TYR A 80 11.35 33.11 -12.23
CA TYR A 80 10.19 34.00 -12.20
C TYR A 80 10.12 34.84 -13.47
N PRO A 81 8.90 35.09 -13.97
CA PRO A 81 8.61 35.86 -15.19
C PRO A 81 9.41 37.15 -15.33
N GLY A 82 10.03 37.32 -16.49
CA GLY A 82 10.81 38.52 -16.77
C GLY A 82 12.28 38.21 -17.01
N ASN A 83 12.84 37.33 -16.20
CA ASN A 83 14.26 37.03 -16.25
C ASN A 83 14.68 36.32 -17.54
N TYR A 84 13.74 35.64 -18.18
CA TYR A 84 14.05 34.92 -19.42
C TYR A 84 13.02 35.18 -20.50
N LYS A 85 13.46 35.06 -21.75
CA LYS A 85 12.64 35.31 -22.91
C LYS A 85 12.46 34.06 -23.77
N PRO A 86 11.33 33.96 -24.50
CA PRO A 86 11.11 32.86 -25.44
C PRO A 86 12.13 32.85 -26.58
N ASN A 87 12.37 31.69 -27.17
CA ASN A 87 13.24 31.60 -28.33
C ASN A 87 12.45 31.21 -29.59
N VAL A 88 13.17 30.82 -30.63
CA VAL A 88 12.56 30.57 -31.93
C VAL A 88 11.50 29.47 -31.90
N THR A 89 11.69 28.48 -31.04
CA THR A 89 10.74 27.36 -30.94
C THR A 89 9.38 27.83 -30.43
N HIS A 90 9.41 28.56 -29.31
CA HIS A 90 8.19 29.12 -28.73
C HIS A 90 7.44 29.94 -29.75
N TYR A 91 8.16 30.76 -30.50
CA TYR A 91 7.52 31.64 -31.47
C TYR A 91 7.03 30.84 -32.68
N PHE A 92 7.65 29.71 -32.96
CA PHE A 92 7.14 28.82 -33.99
C PHE A 92 5.79 28.28 -33.56
N LEU A 93 5.69 27.89 -32.30
CA LEU A 93 4.43 27.41 -31.76
C LEU A 93 3.37 28.53 -31.78
N ARG A 94 3.80 29.75 -31.50
CA ARG A 94 2.91 30.91 -31.56
C ARG A 94 2.37 31.12 -32.97
N LEU A 95 3.24 31.00 -33.95
CA LEU A 95 2.87 31.17 -35.34
C LEU A 95 1.90 30.07 -35.74
N LEU A 96 2.17 28.87 -35.24
CA LEU A 96 1.28 27.73 -35.44
C LEU A 96 -0.11 28.06 -34.90
N HIS A 97 -0.16 28.70 -33.75
CA HIS A 97 -1.44 29.13 -33.18
C HIS A 97 -2.14 30.18 -34.02
N ASP A 98 -1.39 31.17 -34.47
CA ASP A 98 -1.93 32.31 -35.22
C ASP A 98 -2.54 31.88 -36.54
N LYS A 99 -2.00 30.81 -37.13
CA LYS A 99 -2.50 30.31 -38.40
C LYS A 99 -3.65 29.33 -38.18
N GLY A 100 -4.08 29.20 -36.93
CA GLY A 100 -5.23 28.40 -36.58
C GLY A 100 -5.00 26.92 -36.66
N LEU A 101 -3.76 26.50 -36.43
CA LEU A 101 -3.38 25.10 -36.59
C LEU A 101 -3.14 24.40 -35.26
N LEU A 102 -3.04 25.18 -34.19
CA LEU A 102 -2.71 24.62 -32.88
C LEU A 102 -3.96 24.21 -32.09
N LEU A 103 -4.10 22.91 -31.88
CA LEU A 103 -5.20 22.37 -31.10
C LEU A 103 -4.91 22.52 -29.60
N ARG A 104 -3.73 22.07 -29.20
CA ARG A 104 -3.31 22.20 -27.81
C ARG A 104 -1.81 22.04 -27.67
N LEU A 105 -1.24 22.73 -26.69
CA LEU A 105 0.18 22.63 -26.40
C LEU A 105 0.38 22.17 -24.95
N TYR A 106 0.87 20.95 -24.79
CA TYR A 106 1.15 20.38 -23.47
C TYR A 106 2.61 20.60 -23.11
N THR A 107 2.85 21.27 -21.99
CA THR A 107 4.23 21.58 -21.63
C THR A 107 4.63 20.96 -20.30
N GLN A 108 5.88 20.52 -20.21
CA GLN A 108 6.43 19.97 -18.98
C GLN A 108 7.25 21.04 -18.28
N ASN A 109 7.51 22.13 -18.99
CA ASN A 109 8.33 23.21 -18.49
C ASN A 109 7.58 24.10 -17.54
N ILE A 110 8.31 24.79 -16.67
CA ILE A 110 7.70 25.72 -15.74
C ILE A 110 8.26 27.14 -15.91
N ASP A 111 8.98 27.36 -17.01
CA ASP A 111 9.57 28.67 -17.28
C ASP A 111 8.53 29.66 -17.79
N GLY A 112 7.38 29.15 -18.20
CA GLY A 112 6.27 30.00 -18.61
C GLY A 112 6.53 30.78 -19.88
N LEU A 113 7.45 30.29 -20.69
CA LEU A 113 7.83 30.99 -21.90
C LEU A 113 6.78 30.81 -22.99
N GLU A 114 5.97 29.76 -22.88
CA GLU A 114 4.88 29.55 -23.82
C GLU A 114 3.90 30.71 -23.74
N ARG A 115 3.59 31.15 -22.52
CA ARG A 115 2.72 32.30 -22.34
C ARG A 115 3.32 33.59 -22.87
N VAL A 116 4.58 33.81 -22.57
CA VAL A 116 5.25 35.05 -22.94
C VAL A 116 5.26 35.20 -24.46
N SER A 117 5.34 34.06 -25.15
CA SER A 117 5.38 34.05 -26.60
C SER A 117 4.02 34.43 -27.20
N GLY A 118 2.99 34.49 -26.37
CA GLY A 118 1.70 34.99 -26.81
C GLY A 118 0.66 33.94 -27.11
N ILE A 119 0.89 32.71 -26.66
CA ILE A 119 -0.10 31.66 -26.83
C ILE A 119 -1.13 31.74 -25.70
N PRO A 120 -2.42 31.85 -26.06
CA PRO A 120 -3.46 32.00 -25.04
C PRO A 120 -3.55 30.81 -24.08
N ALA A 121 -3.93 31.09 -22.85
CA ALA A 121 -3.99 30.09 -21.78
C ALA A 121 -4.89 28.92 -22.15
N SER A 122 -5.94 29.20 -22.92
CA SER A 122 -6.87 28.15 -23.29
C SER A 122 -6.21 27.13 -24.19
N LYS A 123 -5.12 27.53 -24.86
CA LYS A 123 -4.39 26.63 -25.74
C LYS A 123 -3.30 25.85 -25.00
N LEU A 124 -3.05 26.22 -23.75
CA LEU A 124 -1.96 25.62 -22.97
C LEU A 124 -2.43 24.62 -21.93
N VAL A 125 -1.63 23.59 -21.74
CA VAL A 125 -1.74 22.72 -20.58
C VAL A 125 -0.39 22.70 -19.89
N GLU A 126 -0.28 23.48 -18.82
CA GLU A 126 0.96 23.54 -18.05
C GLU A 126 0.93 22.42 -17.02
N ALA A 127 1.43 21.26 -17.43
CA ALA A 127 1.26 20.02 -16.69
C ALA A 127 2.09 19.94 -15.41
N HIS A 128 3.10 20.79 -15.28
CA HIS A 128 3.89 20.80 -14.07
C HIS A 128 3.69 22.08 -13.28
N GLY A 129 2.63 22.81 -13.61
CA GLY A 129 2.26 23.98 -12.85
C GLY A 129 2.83 25.29 -13.38
N THR A 130 2.67 26.34 -12.58
CA THR A 130 3.08 27.67 -13.01
C THR A 130 3.43 28.63 -11.87
N PHE A 131 4.23 29.63 -12.22
CA PHE A 131 4.57 30.73 -11.32
C PHE A 131 3.62 31.89 -11.50
N ALA A 132 2.69 31.77 -12.43
CA ALA A 132 1.75 32.84 -12.71
C ALA A 132 0.75 33.03 -11.57
N SER A 133 0.60 31.99 -10.76
CA SER A 133 -0.32 32.04 -9.63
C SER A 133 0.27 31.31 -8.42
N ALA A 134 -0.25 31.60 -7.24
CA ALA A 134 0.24 30.98 -6.03
C ALA A 134 -0.93 30.64 -5.12
N THR A 135 -0.68 29.74 -4.16
CA THR A 135 -1.72 29.32 -3.24
C THR A 135 -1.15 29.28 -1.84
N CYS A 136 -1.88 29.81 -0.88
CA CYS A 136 -1.43 29.74 0.51
C CYS A 136 -1.51 28.32 1.04
N THR A 137 -0.43 27.89 1.70
CA THR A 137 -0.33 26.53 2.18
C THR A 137 -1.27 26.21 3.34
N VAL A 138 -1.77 27.24 4.00
CA VAL A 138 -2.61 27.05 5.18
C VAL A 138 -4.10 27.21 4.88
N CYS A 139 -4.48 28.35 4.33
CA CYS A 139 -5.89 28.66 4.14
C CYS A 139 -6.34 28.51 2.70
N GLN A 140 -5.40 28.13 1.82
CA GLN A 140 -5.68 27.80 0.44
C GLN A 140 -6.15 28.99 -0.42
N ARG A 141 -5.98 30.20 0.09
CA ARG A 141 -6.34 31.38 -0.71
C ARG A 141 -5.45 31.51 -1.93
N PRO A 142 -6.07 31.76 -3.09
CA PRO A 142 -5.32 31.97 -4.33
C PRO A 142 -4.80 33.40 -4.48
N PHE A 143 -3.64 33.54 -5.10
CA PHE A 143 -3.06 34.86 -5.34
C PHE A 143 -2.43 34.92 -6.72
N PRO A 144 -2.53 36.09 -7.36
CA PRO A 144 -1.75 36.25 -8.58
C PRO A 144 -0.26 36.21 -8.24
N GLY A 145 0.56 35.72 -9.16
CA GLY A 145 2.01 35.63 -8.94
C GLY A 145 2.63 36.96 -8.57
N GLU A 146 2.18 38.02 -9.23
CA GLU A 146 2.68 39.37 -9.02
C GLU A 146 2.66 39.72 -7.54
N ASP A 147 1.61 39.27 -6.88
CA ASP A 147 1.38 39.56 -5.47
C ASP A 147 2.54 39.16 -4.58
N ILE A 148 3.33 38.17 -4.97
CA ILE A 148 4.44 37.76 -4.11
C ILE A 148 5.79 38.08 -4.73
N ARG A 149 5.75 38.60 -5.96
CA ARG A 149 6.97 38.86 -6.72
C ARG A 149 8.04 39.57 -5.91
N ALA A 150 7.69 40.72 -5.34
CA ALA A 150 8.63 41.48 -4.52
C ALA A 150 9.31 40.59 -3.48
N ASP A 151 8.52 39.89 -2.68
CA ASP A 151 9.06 39.03 -1.64
C ASP A 151 10.04 38.05 -2.27
N VAL A 152 9.63 37.46 -3.38
CA VAL A 152 10.43 36.43 -3.99
C VAL A 152 11.75 37.00 -4.49
N MET A 153 11.72 38.23 -4.99
CA MET A 153 12.96 38.79 -5.52
C MET A 153 13.83 39.35 -4.41
N ALA A 154 13.27 39.45 -3.20
CA ALA A 154 14.02 39.99 -2.08
C ALA A 154 14.45 38.89 -1.13
N ASP A 155 14.37 37.64 -1.60
CA ASP A 155 14.74 36.46 -0.84
C ASP A 155 13.93 36.33 0.45
N ARG A 156 12.73 36.90 0.44
CA ARG A 156 11.81 36.74 1.55
C ARG A 156 10.83 35.64 1.21
N VAL A 157 10.48 34.83 2.22
CA VAL A 157 9.46 33.81 2.03
C VAL A 157 8.10 34.47 2.12
N PRO A 158 7.34 34.43 1.01
CA PRO A 158 6.04 35.09 0.92
C PRO A 158 5.03 34.52 1.91
N ARG A 159 4.43 35.38 2.71
CA ARG A 159 3.46 34.95 3.70
C ARG A 159 2.09 35.54 3.42
N CYS A 160 1.04 34.78 3.73
CA CYS A 160 -0.31 35.22 3.44
C CYS A 160 -0.73 36.43 4.26
N PRO A 161 -1.36 37.42 3.60
CA PRO A 161 -1.83 38.61 4.31
C PRO A 161 -2.91 38.30 5.34
N VAL A 162 -3.58 37.17 5.19
CA VAL A 162 -4.67 36.82 6.09
C VAL A 162 -4.22 35.99 7.29
N CYS A 163 -3.57 34.86 7.04
CA CYS A 163 -3.23 33.93 8.12
C CYS A 163 -1.72 33.79 8.35
N THR A 164 -0.94 34.48 7.54
CA THR A 164 0.53 34.52 7.60
C THR A 164 1.23 33.21 7.20
N GLY A 165 0.47 32.27 6.65
CA GLY A 165 1.05 31.03 6.16
C GLY A 165 1.86 31.24 4.89
N VAL A 166 2.72 30.29 4.56
CA VAL A 166 3.53 30.38 3.36
C VAL A 166 2.69 30.31 2.09
N VAL A 167 2.92 31.27 1.19
CA VAL A 167 2.27 31.29 -0.11
C VAL A 167 3.18 30.63 -1.14
N LYS A 168 2.73 29.51 -1.69
CA LYS A 168 3.56 28.73 -2.61
C LYS A 168 3.05 28.81 -4.05
N PRO A 169 3.94 29.14 -5.00
CA PRO A 169 3.63 29.16 -6.43
C PRO A 169 2.95 27.87 -6.89
N ASP A 170 2.10 27.94 -7.91
CA ASP A 170 1.29 26.78 -8.23
C ASP A 170 2.07 25.78 -9.05
N ILE A 171 3.28 25.49 -8.61
CA ILE A 171 4.13 24.47 -9.21
C ILE A 171 3.76 23.11 -8.65
N VAL A 172 3.59 22.12 -9.53
CA VAL A 172 3.22 20.79 -9.10
C VAL A 172 4.42 20.05 -8.51
N PHE A 173 4.29 19.64 -7.25
CA PHE A 173 5.35 18.92 -6.55
C PHE A 173 5.18 17.42 -6.74
N PHE A 174 6.24 16.66 -6.44
CA PHE A 174 6.17 15.21 -6.55
C PHE A 174 5.14 14.68 -5.57
N GLY A 175 4.27 13.81 -6.05
CA GLY A 175 3.20 13.26 -5.23
C GLY A 175 1.89 13.98 -5.45
N GLU A 176 1.96 15.25 -5.83
CA GLU A 176 0.75 16.03 -6.05
C GLU A 176 0.10 15.63 -7.36
N PRO A 177 -1.23 15.76 -7.44
CA PRO A 177 -1.91 15.47 -8.70
C PRO A 177 -1.56 16.46 -9.80
N LEU A 178 -1.52 15.97 -11.04
CA LEU A 178 -1.35 16.86 -12.19
C LEU A 178 -2.52 17.81 -12.25
N PRO A 179 -2.32 18.97 -12.87
CA PRO A 179 -3.44 19.92 -12.97
C PRO A 179 -4.62 19.29 -13.70
N GLN A 180 -5.81 19.78 -13.41
CA GLN A 180 -7.04 19.25 -13.97
C GLN A 180 -7.06 19.28 -15.50
N ARG A 181 -6.53 20.37 -16.06
CA ARG A 181 -6.57 20.59 -17.50
C ARG A 181 -5.85 19.50 -18.30
N PHE A 182 -5.00 18.73 -17.63
CA PHE A 182 -4.34 17.60 -18.25
C PHE A 182 -5.36 16.65 -18.87
N LEU A 183 -6.51 16.52 -18.21
CA LEU A 183 -7.54 15.60 -18.68
C LEU A 183 -8.10 15.98 -20.05
N LEU A 184 -7.79 17.20 -20.49
CA LEU A 184 -8.17 17.62 -21.84
C LEU A 184 -7.60 16.68 -22.88
N HIS A 185 -6.54 15.95 -22.53
CA HIS A 185 -5.96 15.01 -23.47
C HIS A 185 -7.01 14.04 -23.98
N VAL A 186 -7.96 13.67 -23.11
CA VAL A 186 -9.03 12.75 -23.49
C VAL A 186 -9.72 13.17 -24.78
N VAL A 187 -9.88 14.47 -24.97
CA VAL A 187 -10.53 14.94 -26.19
C VAL A 187 -9.54 15.45 -27.23
N ASP A 188 -8.32 15.79 -26.81
CA ASP A 188 -7.43 16.46 -27.74
C ASP A 188 -6.74 15.46 -28.66
N PHE A 189 -6.30 14.34 -28.11
CA PHE A 189 -5.55 13.37 -28.88
C PHE A 189 -6.36 12.56 -29.90
N PRO A 190 -7.63 12.24 -29.61
CA PRO A 190 -8.42 11.62 -30.69
C PRO A 190 -8.70 12.58 -31.86
N MET A 191 -8.62 13.88 -31.62
CA MET A 191 -8.94 14.87 -32.66
C MET A 191 -7.72 15.27 -33.47
N ALA A 192 -6.53 14.99 -32.95
CA ALA A 192 -5.29 15.42 -33.59
C ALA A 192 -5.10 14.77 -34.96
N ASP A 193 -4.62 15.54 -35.92
CA ASP A 193 -4.25 14.96 -37.20
C ASP A 193 -2.74 15.06 -37.39
N LEU A 194 -2.07 15.61 -36.38
CA LEU A 194 -0.62 15.67 -36.34
C LEU A 194 -0.12 15.78 -34.90
N LEU A 195 0.86 14.94 -34.55
CA LEU A 195 1.47 15.00 -33.24
C LEU A 195 2.90 15.49 -33.34
N LEU A 196 3.18 16.59 -32.64
CA LEU A 196 4.49 17.20 -32.66
C LEU A 196 5.14 17.09 -31.29
N ILE A 197 6.31 16.48 -31.23
CA ILE A 197 7.02 16.32 -29.96
C ILE A 197 8.37 17.01 -29.98
N LEU A 198 8.56 18.00 -29.12
CA LEU A 198 9.76 18.84 -29.17
C LEU A 198 10.53 18.90 -27.86
N GLY A 199 11.82 18.57 -27.92
CA GLY A 199 12.75 18.72 -26.82
C GLY A 199 12.43 17.91 -25.59
N THR A 200 11.86 16.74 -25.80
CA THR A 200 11.55 15.81 -24.73
C THR A 200 11.42 14.41 -25.31
N SER A 201 11.92 13.41 -24.59
CA SER A 201 11.81 12.03 -25.03
C SER A 201 10.41 11.48 -24.72
N LEU A 202 9.75 12.08 -23.74
CA LEU A 202 8.45 11.64 -23.25
C LEU A 202 8.58 10.20 -22.78
N GLU A 203 9.60 9.95 -21.98
CA GLU A 203 9.92 8.62 -21.53
C GLU A 203 9.22 8.21 -20.24
N VAL A 204 8.72 9.20 -19.50
CA VAL A 204 8.07 8.93 -18.22
C VAL A 204 6.56 9.14 -18.34
N GLU A 205 5.79 8.22 -17.76
CA GLU A 205 4.33 8.32 -17.76
C GLU A 205 3.87 9.48 -16.88
N PRO A 206 2.65 10.01 -17.14
CA PRO A 206 1.65 9.55 -18.12
C PRO A 206 1.86 10.04 -19.54
N PHE A 207 2.95 10.75 -19.77
CA PHE A 207 3.20 11.37 -21.07
C PHE A 207 3.53 10.34 -22.13
N ALA A 208 4.25 9.30 -21.73
CA ALA A 208 4.67 8.22 -22.63
C ALA A 208 3.52 7.60 -23.40
N SER A 209 2.45 7.23 -22.70
CA SER A 209 1.33 6.57 -23.35
C SER A 209 0.56 7.51 -24.27
N LEU A 210 0.63 8.80 -24.01
CA LEU A 210 -0.08 9.78 -24.82
C LEU A 210 0.40 9.81 -26.25
N THR A 211 1.66 9.43 -26.46
CA THR A 211 2.23 9.35 -27.80
C THR A 211 1.53 8.30 -28.65
N GLU A 212 0.78 7.42 -28.01
CA GLU A 212 0.05 6.37 -28.71
C GLU A 212 -1.45 6.62 -28.72
N ALA A 213 -1.85 7.77 -28.16
CA ALA A 213 -3.27 8.07 -28.02
C ALA A 213 -3.85 8.65 -29.30
N VAL A 214 -2.97 9.09 -30.20
CA VAL A 214 -3.40 9.57 -31.50
C VAL A 214 -3.71 8.39 -32.41
N ARG A 215 -4.54 8.63 -33.42
CA ARG A 215 -4.92 7.58 -34.35
C ARG A 215 -3.71 7.05 -35.09
N SER A 216 -3.81 5.83 -35.59
CA SER A 216 -2.68 5.16 -36.21
C SER A 216 -2.20 5.88 -37.48
N SER A 217 -3.12 6.56 -38.16
CA SER A 217 -2.79 7.26 -39.39
C SER A 217 -2.09 8.60 -39.17
N VAL A 218 -2.07 9.06 -37.92
CA VAL A 218 -1.57 10.38 -37.60
C VAL A 218 -0.05 10.39 -37.50
N PRO A 219 0.59 11.29 -38.25
CA PRO A 219 2.04 11.43 -38.22
C PRO A 219 2.54 11.94 -36.87
N ARG A 220 3.64 11.37 -36.41
CA ARG A 220 4.29 11.82 -35.20
C ARG A 220 5.69 12.31 -35.54
N LEU A 221 5.90 13.61 -35.39
CA LEU A 221 7.20 14.21 -35.69
C LEU A 221 7.95 14.51 -34.40
N LEU A 222 9.09 13.85 -34.23
CA LEU A 222 9.94 14.07 -33.07
C LEU A 222 11.12 14.95 -33.43
N ILE A 223 11.23 16.10 -32.78
CA ILE A 223 12.41 16.94 -32.93
C ILE A 223 13.15 16.97 -31.60
N ASN A 224 14.17 16.14 -31.50
CA ASN A 224 14.87 15.93 -30.26
C ASN A 224 16.33 15.59 -30.50
N ARG A 225 17.13 15.57 -29.44
CA ARG A 225 18.53 15.19 -29.55
C ARG A 225 18.69 13.70 -29.90
N ASP A 226 17.92 12.86 -29.22
CA ASP A 226 18.04 11.41 -29.40
C ASP A 226 16.70 10.79 -29.78
N LEU A 227 16.74 9.61 -30.40
CA LEU A 227 15.53 8.85 -30.64
C LEU A 227 15.39 7.74 -29.58
N VAL A 228 14.76 8.10 -28.47
CA VAL A 228 14.50 7.15 -27.39
C VAL A 228 13.05 7.33 -26.95
N GLY A 229 12.59 6.49 -26.05
CA GLY A 229 11.23 6.56 -25.55
C GLY A 229 10.24 5.75 -26.40
N PRO A 230 8.95 6.01 -26.21
CA PRO A 230 7.86 5.27 -26.86
C PRO A 230 7.91 5.31 -28.38
N LEU A 231 8.51 6.35 -28.95
CA LEU A 231 8.66 6.40 -30.39
C LEU A 231 9.77 5.46 -30.84
N ALA A 232 10.73 5.19 -29.96
CA ALA A 232 11.81 4.27 -30.30
C ALA A 232 11.36 2.82 -30.17
N TRP A 233 10.61 2.51 -29.13
CA TRP A 233 10.20 1.13 -28.91
C TRP A 233 9.05 0.71 -29.81
N HIS A 234 8.06 1.59 -29.97
CA HIS A 234 6.89 1.28 -30.80
C HIS A 234 6.70 2.24 -31.98
N PRO A 235 7.55 2.12 -33.01
CA PRO A 235 7.49 3.03 -34.16
C PRO A 235 6.25 2.81 -35.01
N ARG A 236 5.77 3.87 -35.63
CA ARG A 236 4.66 3.75 -36.55
C ARG A 236 5.15 4.19 -37.92
N SER A 237 4.43 3.79 -38.95
CA SER A 237 4.89 3.99 -40.31
C SER A 237 5.05 5.46 -40.66
N ARG A 238 4.22 6.31 -40.06
CA ARG A 238 4.25 7.72 -40.44
C ARG A 238 4.95 8.59 -39.40
N ASP A 239 5.86 7.98 -38.64
CA ASP A 239 6.71 8.72 -37.70
C ASP A 239 7.90 9.34 -38.40
N VAL A 240 8.27 10.54 -37.94
CA VAL A 240 9.43 11.25 -38.47
C VAL A 240 10.31 11.73 -37.32
N ALA A 241 11.61 11.52 -37.43
CA ALA A 241 12.53 11.97 -36.39
C ALA A 241 13.55 12.96 -36.93
N GLN A 242 13.56 14.16 -36.37
CA GLN A 242 14.56 15.18 -36.69
C GLN A 242 15.59 15.30 -35.57
N LEU A 243 16.58 14.41 -35.57
CA LEU A 243 17.57 14.36 -34.50
C LEU A 243 18.64 15.43 -34.65
N GLY A 244 19.17 15.89 -33.53
CA GLY A 244 20.15 16.96 -33.56
C GLY A 244 19.68 18.14 -32.73
N ASP A 245 20.27 19.30 -32.95
CA ASP A 245 19.87 20.52 -32.27
C ASP A 245 18.40 20.82 -32.53
N VAL A 246 17.66 21.12 -31.47
CA VAL A 246 16.24 21.38 -31.57
C VAL A 246 15.95 22.65 -32.37
N VAL A 247 16.67 23.72 -32.04
CA VAL A 247 16.52 24.99 -32.75
C VAL A 247 16.75 24.82 -34.24
N HIS A 248 17.81 24.09 -34.59
CA HIS A 248 18.15 23.85 -35.98
C HIS A 248 17.02 23.13 -36.70
N GLY A 249 16.48 22.08 -36.07
CA GLY A 249 15.41 21.31 -36.66
C GLY A 249 14.15 22.12 -36.87
N VAL A 250 13.81 22.91 -35.86
CA VAL A 250 12.66 23.79 -35.95
C VAL A 250 12.84 24.78 -37.09
N GLU A 251 14.01 25.37 -37.22
CA GLU A 251 14.27 26.31 -38.31
C GLU A 251 14.17 25.63 -39.68
N SER A 252 14.67 24.41 -39.77
CA SER A 252 14.55 23.62 -40.99
C SER A 252 13.09 23.45 -41.36
N LEU A 253 12.28 23.07 -40.38
CA LEU A 253 10.86 22.87 -40.59
C LEU A 253 10.16 24.17 -41.01
N VAL A 254 10.58 25.27 -40.41
CA VAL A 254 10.03 26.58 -40.74
C VAL A 254 10.34 26.94 -42.19
N GLU A 255 11.56 26.71 -42.63
CA GLU A 255 11.89 26.94 -44.03
C GLU A 255 11.07 26.04 -44.95
N LEU A 256 11.03 24.74 -44.62
CA LEU A 256 10.29 23.78 -45.44
C LEU A 256 8.82 24.16 -45.54
N LEU A 257 8.33 24.84 -44.51
CA LEU A 257 6.97 25.36 -44.51
C LEU A 257 6.88 26.67 -45.31
N GLY A 258 8.02 27.33 -45.47
CA GLY A 258 8.05 28.61 -46.15
C GLY A 258 7.58 29.73 -45.24
N TRP A 259 7.86 29.59 -43.94
CA TRP A 259 7.41 30.57 -42.95
C TRP A 259 8.53 31.47 -42.43
N THR A 260 9.72 31.36 -43.02
CA THR A 260 10.91 32.06 -42.51
C THR A 260 10.71 33.57 -42.34
N GLU A 261 10.16 34.24 -43.35
CA GLU A 261 9.92 35.69 -43.26
C GLU A 261 8.85 36.05 -42.25
N GLU A 262 7.74 35.32 -42.27
CA GLU A 262 6.67 35.52 -41.29
C GLU A 262 7.23 35.36 -39.88
N MET A 263 8.17 34.43 -39.74
CA MET A 263 8.84 34.18 -38.47
C MET A 263 9.76 35.32 -38.06
N ARG A 264 10.58 35.81 -38.99
CA ARG A 264 11.51 36.89 -38.66
C ARG A 264 10.70 38.13 -38.27
N ASP A 265 9.58 38.35 -38.96
CA ASP A 265 8.68 39.46 -38.65
C ASP A 265 8.05 39.31 -37.27
N LEU A 266 7.53 38.11 -36.99
CA LEU A 266 6.91 37.82 -35.70
C LEU A 266 7.88 38.05 -34.56
N VAL A 267 9.08 37.49 -34.69
CA VAL A 267 10.12 37.65 -33.68
C VAL A 267 10.45 39.13 -33.56
N GLN A 268 10.44 39.86 -34.69
CA GLN A 268 10.72 41.30 -34.64
C GLN A 268 9.70 42.02 -33.77
N ARG A 269 8.42 41.79 -34.05
CA ARG A 269 7.36 42.45 -33.29
C ARG A 269 7.39 42.08 -31.81
N GLU A 270 7.52 40.79 -31.52
CA GLU A 270 7.40 40.33 -30.14
C GLU A 270 8.63 40.64 -29.28
N THR A 271 9.81 40.52 -29.87
CA THR A 271 11.03 40.92 -29.16
C THR A 271 11.02 42.43 -29.02
N GLY A 272 10.42 43.10 -30.00
CA GLY A 272 10.25 44.54 -29.97
C GLY A 272 9.38 45.00 -28.83
N LYS A 273 8.33 44.23 -28.53
CA LYS A 273 7.41 44.57 -27.44
C LYS A 273 8.05 44.37 -26.07
N LEU A 274 9.08 43.53 -26.00
CA LEU A 274 9.74 43.24 -24.74
C LEU A 274 10.96 44.12 -24.53
N GLY B 1 28.64 25.48 29.43
CA GLY B 1 27.97 26.61 30.04
C GLY B 1 26.47 26.52 29.92
N LYS B 2 25.81 26.16 31.01
CA LYS B 2 24.36 26.00 31.05
C LYS B 2 23.54 27.21 31.48
N LEU B 3 22.30 27.24 31.02
CA LEU B 3 21.35 28.29 31.36
C LEU B 3 20.45 27.79 32.49
N SER B 4 19.92 28.71 33.29
CA SER B 4 18.99 28.35 34.36
C SER B 4 17.60 28.85 34.04
N LEU B 5 16.63 28.45 34.86
CA LEU B 5 15.27 28.95 34.71
C LEU B 5 15.27 30.48 34.83
N GLN B 6 16.05 30.98 35.78
CA GLN B 6 16.16 32.42 36.02
C GLN B 6 16.76 33.15 34.82
N ASP B 7 17.72 32.52 34.15
CA ASP B 7 18.31 33.11 32.94
C ASP B 7 17.25 33.34 31.87
N VAL B 8 16.37 32.35 31.69
CA VAL B 8 15.29 32.47 30.73
C VAL B 8 14.32 33.57 31.18
N ALA B 9 13.99 33.56 32.46
CA ALA B 9 13.11 34.56 33.05
C ALA B 9 13.63 35.97 32.74
N GLU B 10 14.93 36.18 32.91
CA GLU B 10 15.53 37.47 32.66
C GLU B 10 15.51 37.79 31.17
N LEU B 11 15.74 36.78 30.34
CA LEU B 11 15.64 36.98 28.90
C LEU B 11 14.27 37.51 28.52
N ILE B 12 13.23 37.00 29.17
CA ILE B 12 11.88 37.46 28.92
C ILE B 12 11.63 38.86 29.48
N ARG B 13 12.10 39.13 30.70
CA ARG B 13 11.91 40.44 31.31
C ARG B 13 12.59 41.55 30.53
N ALA B 14 13.76 41.25 29.96
CA ALA B 14 14.48 42.22 29.16
C ALA B 14 13.90 42.25 27.76
N ARG B 15 12.94 41.35 27.52
CA ARG B 15 12.28 41.17 26.23
C ARG B 15 13.30 40.91 25.12
N ALA B 16 14.40 40.25 25.47
CA ALA B 16 15.35 39.73 24.50
C ALA B 16 14.68 38.54 23.81
N CYS B 17 13.70 37.97 24.49
CA CYS B 17 12.82 36.96 23.91
C CYS B 17 11.41 37.51 23.85
N GLN B 18 10.96 37.85 22.65
CA GLN B 18 9.64 38.42 22.45
C GLN B 18 8.86 37.70 21.37
N ARG B 19 9.40 36.57 20.91
CA ARG B 19 8.71 35.75 19.94
C ARG B 19 8.68 34.30 20.45
N VAL B 20 7.94 34.08 21.52
CA VAL B 20 7.93 32.78 22.18
C VAL B 20 6.98 31.82 21.49
N VAL B 21 7.48 30.64 21.15
CA VAL B 21 6.63 29.59 20.63
C VAL B 21 6.41 28.54 21.70
N VAL B 22 5.16 28.17 21.93
CA VAL B 22 4.85 27.23 23.00
C VAL B 22 4.22 25.94 22.45
N MET B 23 4.68 24.81 22.98
CA MET B 23 4.12 23.51 22.68
C MET B 23 3.64 22.86 23.98
N VAL B 24 2.36 22.49 24.04
CA VAL B 24 1.83 21.92 25.26
C VAL B 24 1.15 20.58 25.01
N GLY B 25 1.05 19.77 26.07
CA GLY B 25 0.40 18.48 25.99
C GLY B 25 -0.51 18.23 27.17
N ALA B 26 -0.85 16.97 27.42
CA ALA B 26 -1.85 16.62 28.41
C ALA B 26 -1.50 17.07 29.82
N GLY B 27 -0.20 17.17 30.08
CA GLY B 27 0.30 17.50 31.40
C GLY B 27 -0.19 18.80 32.00
N ILE B 28 -0.40 19.81 31.16
CA ILE B 28 -0.81 21.11 31.66
C ILE B 28 -2.29 21.18 32.02
N SER B 29 -3.06 20.17 31.61
CA SER B 29 -4.51 20.21 31.81
C SER B 29 -5.00 19.27 32.90
N THR B 30 -4.15 18.35 33.34
CA THR B 30 -4.54 17.45 34.41
C THR B 30 -4.76 18.19 35.75
N PRO B 31 -4.03 19.29 36.01
CA PRO B 31 -4.43 20.07 37.18
C PRO B 31 -5.84 20.65 37.08
N SER B 32 -6.43 20.67 35.89
CA SER B 32 -7.80 21.16 35.75
C SER B 32 -8.80 20.05 35.99
N GLY B 33 -8.31 18.83 36.16
CA GLY B 33 -9.16 17.69 36.44
C GLY B 33 -9.66 16.96 35.21
N ILE B 34 -9.04 17.24 34.07
CA ILE B 34 -9.39 16.57 32.82
C ILE B 34 -9.06 15.09 32.91
N PRO B 35 -10.07 14.23 32.78
CA PRO B 35 -9.90 12.78 32.90
C PRO B 35 -9.25 12.14 31.67
N ASP B 36 -8.33 11.21 31.90
CA ASP B 36 -7.76 10.42 30.82
C ASP B 36 -8.73 9.32 30.46
N PHE B 37 -9.25 9.36 29.24
CA PHE B 37 -10.29 8.42 28.82
C PHE B 37 -9.70 7.01 28.65
N ARG B 38 -8.38 6.92 28.62
CA ARG B 38 -7.70 5.64 28.46
C ARG B 38 -7.53 4.93 29.78
N SER B 39 -7.55 5.69 30.88
CA SER B 39 -7.23 5.13 32.20
C SER B 39 -8.48 4.80 33.01
N PRO B 40 -8.54 3.57 33.53
CA PRO B 40 -9.67 3.15 34.37
C PRO B 40 -9.70 3.95 35.66
N GLY B 41 -10.87 4.11 36.26
CA GLY B 41 -10.99 4.84 37.50
C GLY B 41 -11.80 6.11 37.34
N SER B 42 -11.99 6.52 36.08
CA SER B 42 -12.78 7.70 35.77
C SER B 42 -14.19 7.32 35.36
N GLY B 43 -15.12 8.26 35.52
CA GLY B 43 -16.49 8.04 35.11
C GLY B 43 -16.60 7.94 33.60
N LEU B 44 -15.71 8.66 32.91
CA LEU B 44 -15.64 8.64 31.47
C LEU B 44 -15.30 7.24 30.94
N TYR B 45 -14.28 6.62 31.56
CA TYR B 45 -13.83 5.27 31.21
C TYR B 45 -14.97 4.27 31.39
N SER B 46 -15.62 4.36 32.54
CA SER B 46 -16.76 3.50 32.87
C SER B 46 -17.87 3.65 31.84
N ASN B 47 -18.23 4.89 31.52
CA ASN B 47 -19.25 5.16 30.52
C ASN B 47 -18.87 4.60 29.17
N LEU B 48 -17.58 4.60 28.87
CA LEU B 48 -17.11 4.10 27.58
C LEU B 48 -17.15 2.59 27.53
N GLN B 49 -17.07 1.94 28.69
CA GLN B 49 -17.13 0.48 28.73
C GLN B 49 -18.50 -0.06 28.35
N GLN B 50 -19.50 0.81 28.36
CA GLN B 50 -20.87 0.42 28.06
C GLN B 50 -21.06 -0.05 26.61
N TYR B 51 -20.15 0.34 25.71
CA TYR B 51 -20.30 0.04 24.27
C TYR B 51 -19.42 -1.10 23.78
N ASP B 52 -19.62 -1.50 22.54
CA ASP B 52 -18.89 -2.62 21.95
C ASP B 52 -17.55 -2.18 21.36
N LEU B 53 -16.83 -1.37 22.12
CA LEU B 53 -15.50 -0.88 21.74
C LEU B 53 -14.42 -1.89 22.05
N PRO B 54 -13.52 -2.16 21.09
CA PRO B 54 -12.40 -3.08 21.32
C PRO B 54 -11.33 -2.50 22.23
N TYR B 55 -11.21 -1.18 22.22
CA TYR B 55 -10.27 -0.45 23.06
C TYR B 55 -10.71 1.01 23.04
N PRO B 56 -10.32 1.81 24.04
CA PRO B 56 -10.77 3.21 24.14
C PRO B 56 -10.50 4.05 22.89
N GLU B 57 -9.29 3.92 22.34
CA GLU B 57 -8.84 4.71 21.20
C GLU B 57 -9.77 4.58 19.98
N ALA B 58 -10.62 3.56 20.00
CA ALA B 58 -11.57 3.34 18.92
C ALA B 58 -12.61 4.46 18.81
N ILE B 59 -12.74 5.30 19.83
CA ILE B 59 -13.64 6.44 19.72
C ILE B 59 -13.09 7.49 18.77
N PHE B 60 -11.80 7.39 18.42
CA PHE B 60 -11.23 8.32 17.45
C PHE B 60 -10.95 7.66 16.11
N GLU B 61 -11.69 6.60 15.81
CA GLU B 61 -11.58 5.91 14.53
C GLU B 61 -12.87 6.10 13.75
N LEU B 62 -12.78 6.54 12.51
CA LEU B 62 -13.95 6.83 11.68
C LEU B 62 -14.87 5.63 11.38
N PRO B 63 -14.31 4.45 11.08
CA PRO B 63 -15.23 3.32 10.89
C PRO B 63 -16.12 3.03 12.12
N PHE B 64 -15.55 3.10 13.32
CA PHE B 64 -16.35 2.93 14.52
C PHE B 64 -17.32 4.07 14.72
N PHE B 65 -16.89 5.29 14.39
CA PHE B 65 -17.75 6.46 14.53
C PHE B 65 -19.00 6.32 13.66
N PHE B 66 -18.81 5.87 12.43
CA PHE B 66 -19.92 5.70 11.49
C PHE B 66 -20.72 4.45 11.80
N HIS B 67 -20.13 3.53 12.55
CA HIS B 67 -20.87 2.38 13.04
C HIS B 67 -21.74 2.79 14.22
N ASN B 68 -21.16 3.57 15.13
CA ASN B 68 -21.87 4.06 16.31
C ASN B 68 -21.15 5.27 16.89
N PRO B 69 -21.72 6.47 16.68
CA PRO B 69 -21.10 7.73 17.10
C PRO B 69 -21.32 8.06 18.58
N LYS B 70 -22.06 7.23 19.28
CA LYS B 70 -22.42 7.54 20.67
C LYS B 70 -21.25 7.57 21.67
N PRO B 71 -20.29 6.63 21.57
CA PRO B 71 -19.13 6.72 22.48
C PRO B 71 -18.35 8.03 22.36
N PHE B 72 -18.03 8.41 21.13
CA PHE B 72 -17.34 9.67 20.91
C PHE B 72 -18.11 10.82 21.53
N PHE B 73 -19.42 10.83 21.36
CA PHE B 73 -20.22 11.94 21.87
C PHE B 73 -20.34 11.88 23.39
N THR B 74 -20.09 10.71 23.97
CA THR B 74 -19.91 10.61 25.41
C THR B 74 -18.69 11.43 25.78
N LEU B 75 -17.59 11.19 25.07
CA LEU B 75 -16.40 11.99 25.29
C LEU B 75 -16.61 13.49 25.10
N ALA B 76 -17.29 13.85 24.00
CA ALA B 76 -17.53 15.24 23.67
C ALA B 76 -18.36 15.92 24.74
N LYS B 77 -19.37 15.21 25.23
CA LYS B 77 -20.21 15.70 26.31
C LYS B 77 -19.35 15.96 27.55
N GLU B 78 -18.43 15.05 27.84
CA GLU B 78 -17.56 15.26 29.00
C GLU B 78 -16.63 16.46 28.85
N LEU B 79 -16.05 16.65 27.67
CA LEU B 79 -15.00 17.66 27.50
C LEU B 79 -15.49 18.98 26.90
N TYR B 80 -16.79 19.08 26.66
CA TYR B 80 -17.36 20.30 26.08
C TYR B 80 -17.18 21.52 26.98
N PRO B 81 -16.95 22.70 26.38
CA PRO B 81 -16.76 23.98 27.06
C PRO B 81 -17.76 24.24 28.18
N GLY B 82 -17.25 24.61 29.35
CA GLY B 82 -18.08 24.88 30.52
C GLY B 82 -17.75 23.93 31.65
N ASN B 83 -17.53 22.67 31.31
CA ASN B 83 -17.33 21.64 32.32
C ASN B 83 -15.99 21.77 33.07
N TYR B 84 -15.00 22.39 32.44
CA TYR B 84 -13.69 22.53 33.07
C TYR B 84 -13.13 23.94 32.91
N LYS B 85 -12.27 24.35 33.83
CA LYS B 85 -11.66 25.68 33.78
C LYS B 85 -10.14 25.60 33.61
N PRO B 86 -9.55 26.60 32.95
CA PRO B 86 -8.09 26.66 32.83
C PRO B 86 -7.42 26.80 34.19
N ASN B 87 -6.16 26.38 34.27
CA ASN B 87 -5.38 26.52 35.49
C ASN B 87 -4.25 27.51 35.28
N VAL B 88 -3.29 27.52 36.20
CA VAL B 88 -2.23 28.52 36.23
C VAL B 88 -1.40 28.56 34.96
N THR B 89 -1.19 27.40 34.36
CA THR B 89 -0.38 27.30 33.14
C THR B 89 -1.04 28.01 31.96
N HIS B 90 -2.31 27.71 31.72
CA HIS B 90 -3.08 28.36 30.67
C HIS B 90 -3.06 29.87 30.82
N TYR B 91 -3.24 30.34 32.06
CA TYR B 91 -3.28 31.76 32.31
C TYR B 91 -1.91 32.39 32.21
N PHE B 92 -0.88 31.60 32.46
CA PHE B 92 0.49 32.07 32.23
C PHE B 92 0.68 32.32 30.76
N LEU B 93 0.19 31.40 29.93
CA LEU B 93 0.25 31.58 28.49
C LEU B 93 -0.60 32.78 28.05
N ARG B 94 -1.75 32.97 28.68
CA ARG B 94 -2.62 34.13 28.41
C ARG B 94 -1.90 35.43 28.68
N LEU B 95 -1.22 35.46 29.82
CA LEU B 95 -0.48 36.64 30.24
C LEU B 95 0.68 36.88 29.27
N LEU B 96 1.30 35.80 28.84
CA LEU B 96 2.34 35.84 27.85
C LEU B 96 1.85 36.49 26.57
N HIS B 97 0.63 36.14 26.17
CA HIS B 97 0.01 36.74 25.00
C HIS B 97 -0.28 38.23 25.19
N ASP B 98 -0.80 38.57 26.35
CA ASP B 98 -1.20 39.94 26.65
C ASP B 98 -0.01 40.90 26.65
N LYS B 99 1.16 40.40 27.04
CA LYS B 99 2.36 41.24 27.09
C LYS B 99 3.05 41.26 25.74
N GLY B 100 2.43 40.65 24.73
CA GLY B 100 2.91 40.71 23.37
C GLY B 100 4.12 39.84 23.10
N LEU B 101 4.23 38.74 23.84
CA LEU B 101 5.40 37.88 23.77
C LEU B 101 5.13 36.56 23.06
N LEU B 102 3.87 36.21 22.87
CA LEU B 102 3.49 34.92 22.31
C LEU B 102 3.35 34.94 20.78
N LEU B 103 4.23 34.22 20.11
CA LEU B 103 4.17 34.08 18.67
C LEU B 103 3.10 33.07 18.25
N ARG B 104 3.14 31.90 18.85
CA ARG B 104 2.15 30.87 18.60
C ARG B 104 2.13 29.82 19.70
N LEU B 105 0.98 29.23 19.93
CA LEU B 105 0.83 28.18 20.91
C LEU B 105 0.33 26.90 20.24
N TYR B 106 1.19 25.90 20.16
CA TYR B 106 0.83 24.61 19.58
C TYR B 106 0.36 23.65 20.65
N THR B 107 -0.87 23.17 20.53
CA THR B 107 -1.41 22.30 21.56
C THR B 107 -1.84 20.94 21.02
N GLN B 108 -1.64 19.91 21.84
CA GLN B 108 -2.09 18.58 21.49
C GLN B 108 -3.41 18.27 22.17
N ASN B 109 -3.79 19.16 23.08
CA ASN B 109 -5.01 18.96 23.87
C ASN B 109 -6.26 19.31 23.09
N ILE B 110 -7.38 18.71 23.49
CA ILE B 110 -8.66 19.00 22.86
C ILE B 110 -9.67 19.52 23.87
N ASP B 111 -9.20 19.89 25.06
CA ASP B 111 -10.08 20.43 26.09
C ASP B 111 -10.44 21.89 25.83
N GLY B 112 -9.72 22.53 24.92
CA GLY B 112 -10.03 23.89 24.52
C GLY B 112 -9.82 24.93 25.60
N LEU B 113 -8.97 24.64 26.57
CA LEU B 113 -8.78 25.55 27.70
C LEU B 113 -7.93 26.75 27.34
N GLU B 114 -7.16 26.63 26.25
CA GLU B 114 -6.40 27.76 25.74
C GLU B 114 -7.34 28.86 25.28
N ARG B 115 -8.41 28.47 24.60
CA ARG B 115 -9.41 29.43 24.15
C ARG B 115 -10.13 30.08 25.32
N VAL B 116 -10.51 29.26 26.30
CA VAL B 116 -11.25 29.74 27.47
C VAL B 116 -10.43 30.72 28.29
N SER B 117 -9.12 30.52 28.32
CA SER B 117 -8.25 31.42 29.08
C SER B 117 -8.13 32.79 28.41
N GLY B 118 -8.62 32.90 27.19
CA GLY B 118 -8.68 34.17 26.50
C GLY B 118 -7.62 34.38 25.45
N ILE B 119 -6.95 33.30 25.06
CA ILE B 119 -5.99 33.37 23.97
C ILE B 119 -6.75 33.26 22.65
N PRO B 120 -6.56 34.25 21.76
CA PRO B 120 -7.26 34.30 20.48
C PRO B 120 -6.93 33.13 19.57
N ALA B 121 -7.90 32.73 18.75
CA ALA B 121 -7.75 31.58 17.87
C ALA B 121 -6.56 31.73 16.92
N SER B 122 -6.26 32.96 16.53
CA SER B 122 -5.18 33.23 15.59
C SER B 122 -3.82 32.90 16.17
N LYS B 123 -3.72 32.89 17.49
CA LYS B 123 -2.47 32.57 18.16
C LYS B 123 -2.33 31.08 18.42
N LEU B 124 -3.39 30.34 18.18
CA LEU B 124 -3.43 28.92 18.52
C LEU B 124 -3.25 28.02 17.31
N VAL B 125 -2.60 26.89 17.52
CA VAL B 125 -2.65 25.78 16.58
C VAL B 125 -3.09 24.54 17.33
N GLU B 126 -4.38 24.23 17.19
CA GLU B 126 -4.97 23.07 17.82
C GLU B 126 -4.77 21.84 16.95
N ALA B 127 -3.65 21.16 17.17
CA ALA B 127 -3.16 20.13 16.27
C ALA B 127 -3.97 18.85 16.27
N HIS B 128 -4.79 18.65 17.28
CA HIS B 128 -5.64 17.47 17.33
C HIS B 128 -7.10 17.84 17.17
N GLY B 129 -7.35 19.07 16.75
CA GLY B 129 -8.70 19.52 16.48
C GLY B 129 -9.34 20.21 17.65
N THR B 130 -10.64 20.48 17.53
CA THR B 130 -11.36 21.22 18.54
C THR B 130 -12.86 20.94 18.59
N PHE B 131 -13.46 21.22 19.74
CA PHE B 131 -14.90 21.13 19.93
C PHE B 131 -15.56 22.48 19.70
N ALA B 132 -14.77 23.50 19.39
CA ALA B 132 -15.30 24.84 19.19
C ALA B 132 -16.10 24.95 17.90
N SER B 133 -15.86 24.03 16.98
CA SER B 133 -16.56 24.02 15.71
C SER B 133 -16.85 22.59 15.26
N ALA B 134 -17.81 22.43 14.36
CA ALA B 134 -18.19 21.12 13.88
C ALA B 134 -18.43 21.14 12.38
N THR B 135 -18.40 19.96 11.75
CA THR B 135 -18.61 19.85 10.32
C THR B 135 -19.56 18.70 10.06
N CYS B 136 -20.55 18.94 9.21
CA CYS B 136 -21.46 17.86 8.87
C CYS B 136 -20.75 16.79 8.05
N THR B 137 -20.99 15.53 8.40
CA THR B 137 -20.31 14.42 7.75
C THR B 137 -20.79 14.17 6.33
N VAL B 138 -21.96 14.73 5.98
CA VAL B 138 -22.53 14.50 4.66
C VAL B 138 -22.33 15.67 3.71
N CYS B 139 -22.76 16.86 4.12
CA CYS B 139 -22.74 18.02 3.23
C CYS B 139 -21.60 18.99 3.51
N GLN B 140 -20.80 18.68 4.52
CA GLN B 140 -19.57 19.42 4.83
C GLN B 140 -19.77 20.84 5.32
N ARG B 141 -21.00 21.20 5.67
CA ARG B 141 -21.26 22.53 6.22
C ARG B 141 -20.63 22.67 7.59
N PRO B 142 -19.96 23.81 7.84
CA PRO B 142 -19.40 24.14 9.15
C PRO B 142 -20.43 24.76 10.10
N PHE B 143 -20.26 24.50 11.39
CA PHE B 143 -21.14 25.04 12.42
C PHE B 143 -20.36 25.42 13.66
N PRO B 144 -20.78 26.50 14.33
CA PRO B 144 -20.23 26.80 15.65
C PRO B 144 -20.60 25.70 16.65
N GLY B 145 -19.76 25.48 17.66
CA GLY B 145 -20.03 24.47 18.66
C GLY B 145 -21.38 24.60 19.33
N GLU B 146 -21.76 25.83 19.68
CA GLU B 146 -23.05 26.09 20.33
C GLU B 146 -24.22 25.47 19.58
N ASP B 147 -24.13 25.48 18.26
CA ASP B 147 -25.21 24.97 17.41
C ASP B 147 -25.58 23.53 17.77
N ILE B 148 -24.62 22.75 18.26
CA ILE B 148 -24.95 21.37 18.60
C ILE B 148 -24.88 21.13 20.10
N ARG B 149 -24.50 22.17 20.85
CA ARG B 149 -24.30 22.07 22.29
C ARG B 149 -25.47 21.38 22.98
N ALA B 150 -26.66 21.93 22.78
CA ALA B 150 -27.88 21.37 23.37
C ALA B 150 -27.94 19.88 23.12
N ASP B 151 -27.84 19.49 21.85
CA ASP B 151 -27.93 18.07 21.48
C ASP B 151 -26.93 17.23 22.26
N VAL B 152 -25.71 17.73 22.34
CA VAL B 152 -24.63 17.00 22.98
C VAL B 152 -24.92 16.83 24.46
N MET B 153 -25.55 17.83 25.07
CA MET B 153 -25.81 17.75 26.49
C MET B 153 -27.02 16.88 26.79
N ALA B 154 -27.79 16.54 25.76
CA ALA B 154 -28.98 15.72 25.98
C ALA B 154 -28.80 14.29 25.48
N ASP B 155 -27.54 13.92 25.22
CA ASP B 155 -27.21 12.60 24.72
C ASP B 155 -27.87 12.30 23.38
N ARG B 156 -28.19 13.34 22.63
CA ARG B 156 -28.73 13.19 21.28
C ARG B 156 -27.62 13.35 20.28
N VAL B 157 -27.66 12.54 19.22
CA VAL B 157 -26.70 12.67 18.14
C VAL B 157 -27.12 13.83 17.25
N PRO B 158 -26.25 14.86 17.16
CA PRO B 158 -26.53 16.08 16.41
C PRO B 158 -26.71 15.84 14.92
N ARG B 159 -27.83 16.28 14.38
CA ARG B 159 -28.09 16.13 12.96
C ARG B 159 -28.18 17.48 12.27
N CYS B 160 -27.72 17.53 11.03
CA CYS B 160 -27.67 18.76 10.27
C CYS B 160 -29.04 19.32 9.91
N PRO B 161 -29.22 20.64 10.08
CA PRO B 161 -30.51 21.26 9.72
C PRO B 161 -30.82 21.21 8.22
N VAL B 162 -29.80 21.04 7.39
CA VAL B 162 -29.98 21.05 5.95
C VAL B 162 -30.25 19.67 5.37
N CYS B 163 -29.34 18.73 5.62
CA CYS B 163 -29.45 17.41 4.99
C CYS B 163 -29.68 16.27 5.99
N THR B 164 -29.71 16.62 7.29
CA THR B 164 -29.94 15.73 8.43
C THR B 164 -28.82 14.73 8.74
N GLY B 165 -27.65 14.91 8.13
CA GLY B 165 -26.50 14.09 8.44
C GLY B 165 -25.92 14.41 9.81
N VAL B 166 -25.09 13.52 10.33
CA VAL B 166 -24.44 13.74 11.62
C VAL B 166 -23.46 14.90 11.56
N VAL B 167 -23.59 15.82 12.51
CA VAL B 167 -22.66 16.91 12.62
C VAL B 167 -21.58 16.54 13.64
N LYS B 168 -20.35 16.43 13.16
CA LYS B 168 -19.24 15.95 13.97
C LYS B 168 -18.27 17.07 14.32
N PRO B 169 -17.97 17.23 15.61
CA PRO B 169 -16.98 18.19 16.13
C PRO B 169 -15.65 18.08 15.41
N ASP B 170 -14.89 19.18 15.32
CA ASP B 170 -13.71 19.16 14.47
C ASP B 170 -12.50 18.54 15.16
N ILE B 171 -12.70 17.38 15.78
CA ILE B 171 -11.63 16.61 16.38
C ILE B 171 -10.94 15.75 15.32
N VAL B 172 -9.62 15.75 15.31
CA VAL B 172 -8.87 14.97 14.34
C VAL B 172 -8.86 13.48 14.70
N PHE B 173 -9.36 12.65 13.80
CA PHE B 173 -9.39 11.22 14.03
C PHE B 173 -8.14 10.53 13.50
N PHE B 174 -7.92 9.29 13.90
CA PHE B 174 -6.76 8.55 13.44
C PHE B 174 -6.81 8.30 11.94
N GLY B 175 -5.70 8.56 11.26
CA GLY B 175 -5.63 8.39 9.83
C GLY B 175 -5.85 9.71 9.10
N GLU B 176 -6.60 10.59 9.74
CA GLU B 176 -6.91 11.90 9.15
C GLU B 176 -5.71 12.84 9.15
N PRO B 177 -5.67 13.74 8.17
CA PRO B 177 -4.61 14.74 8.17
C PRO B 177 -4.72 15.71 9.33
N LEU B 178 -3.58 16.20 9.81
CA LEU B 178 -3.57 17.27 10.80
C LEU B 178 -4.21 18.50 10.20
N PRO B 179 -4.72 19.40 11.05
CA PRO B 179 -5.35 20.64 10.56
C PRO B 179 -4.40 21.46 9.70
N GLN B 180 -4.97 22.28 8.80
CA GLN B 180 -4.17 23.10 7.90
C GLN B 180 -3.23 24.04 8.65
N ARG B 181 -3.73 24.62 9.74
CA ARG B 181 -2.98 25.60 10.52
C ARG B 181 -1.69 25.03 11.11
N PHE B 182 -1.60 23.70 11.19
CA PHE B 182 -0.37 23.07 11.63
C PHE B 182 0.80 23.53 10.78
N LEU B 183 0.55 23.72 9.48
CA LEU B 183 1.60 24.12 8.56
C LEU B 183 2.20 25.49 8.89
N LEU B 184 1.56 26.24 9.77
CA LEU B 184 2.13 27.49 10.23
C LEU B 184 3.52 27.27 10.83
N HIS B 185 3.80 26.04 11.27
CA HIS B 185 5.11 25.76 11.86
C HIS B 185 6.22 26.16 10.90
N VAL B 186 5.96 26.00 9.61
CA VAL B 186 6.93 26.34 8.57
C VAL B 186 7.52 27.74 8.76
N VAL B 187 6.67 28.68 9.18
CA VAL B 187 7.15 30.04 9.40
C VAL B 187 7.36 30.38 10.87
N ASP B 188 6.74 29.61 11.76
CA ASP B 188 6.76 30.02 13.16
C ASP B 188 8.06 29.63 13.84
N PHE B 189 8.54 28.42 13.57
CA PHE B 189 9.72 27.91 14.25
C PHE B 189 11.05 28.53 13.83
N PRO B 190 11.23 28.87 12.55
CA PRO B 190 12.46 29.62 12.26
C PRO B 190 12.47 31.02 12.85
N MET B 191 11.29 31.56 13.14
CA MET B 191 11.13 32.92 13.62
C MET B 191 11.18 33.02 15.14
N ALA B 192 11.03 31.89 15.81
CA ALA B 192 11.01 31.83 17.27
C ALA B 192 12.35 32.19 17.90
N ASP B 193 12.31 32.93 19.00
CA ASP B 193 13.53 33.22 19.76
C ASP B 193 13.51 32.52 21.12
N LEU B 194 12.45 31.78 21.39
CA LEU B 194 12.36 30.98 22.60
C LEU B 194 11.36 29.86 22.41
N LEU B 195 11.75 28.64 22.77
CA LEU B 195 10.81 27.51 22.68
C LEU B 195 10.42 27.03 24.08
N LEU B 196 9.13 27.02 24.36
CA LEU B 196 8.61 26.56 25.64
C LEU B 196 7.85 25.27 25.46
N ILE B 197 8.24 24.23 26.19
CA ILE B 197 7.55 22.95 26.11
C ILE B 197 6.97 22.59 27.46
N LEU B 198 5.64 22.48 27.53
CA LEU B 198 4.97 22.28 28.82
C LEU B 198 4.08 21.04 28.83
N GLY B 199 4.32 20.16 29.79
CA GLY B 199 3.44 19.04 30.03
C GLY B 199 3.29 18.03 28.91
N THR B 200 4.38 17.75 28.20
CA THR B 200 4.33 16.75 27.13
C THR B 200 5.68 16.08 26.90
N SER B 201 5.64 14.77 26.65
CA SER B 201 6.86 14.01 26.40
C SER B 201 7.35 14.22 24.98
N LEU B 202 6.42 14.56 24.09
CA LEU B 202 6.72 14.78 22.68
C LEU B 202 7.40 13.58 22.01
N GLU B 203 6.84 12.40 22.23
CA GLU B 203 7.42 11.20 21.63
C GLU B 203 6.79 10.88 20.29
N VAL B 204 5.66 11.53 19.99
CA VAL B 204 4.94 11.22 18.76
C VAL B 204 5.15 12.31 17.71
N GLU B 205 5.50 11.86 16.50
CA GLU B 205 5.64 12.76 15.37
C GLU B 205 4.26 13.19 14.88
N PRO B 206 4.17 14.36 14.22
CA PRO B 206 5.27 15.26 13.83
C PRO B 206 5.72 16.27 14.89
N PHE B 207 5.18 16.19 16.11
CA PHE B 207 5.58 17.10 17.18
C PHE B 207 6.99 16.91 17.71
N ALA B 208 7.43 15.66 17.77
CA ALA B 208 8.77 15.35 18.26
C ALA B 208 9.82 16.14 17.50
N SER B 209 9.74 16.10 16.18
CA SER B 209 10.73 16.76 15.32
C SER B 209 10.69 18.29 15.37
N LEU B 210 9.55 18.86 15.73
CA LEU B 210 9.41 20.31 15.76
C LEU B 210 10.33 20.95 16.80
N THR B 211 10.68 20.18 17.82
CA THR B 211 11.60 20.67 18.85
C THR B 211 12.98 20.99 18.31
N GLU B 212 13.27 20.49 17.12
CA GLU B 212 14.57 20.71 16.53
C GLU B 212 14.51 21.69 15.38
N ALA B 213 13.32 22.26 15.16
CA ALA B 213 13.12 23.19 14.05
C ALA B 213 13.56 24.61 14.41
N VAL B 214 13.72 24.90 15.70
CA VAL B 214 14.21 26.20 16.11
C VAL B 214 15.72 26.28 15.91
N ARG B 215 16.21 27.50 15.71
CA ARG B 215 17.62 27.73 15.48
C ARG B 215 18.47 27.32 16.68
N SER B 216 19.76 27.08 16.43
CA SER B 216 20.66 26.57 17.46
C SER B 216 20.83 27.56 18.61
N SER B 217 20.67 28.83 18.32
CA SER B 217 20.82 29.89 19.31
C SER B 217 19.63 30.03 20.23
N VAL B 218 18.55 29.35 19.89
CA VAL B 218 17.29 29.49 20.62
C VAL B 218 17.22 28.57 21.85
N PRO B 219 16.95 29.17 23.03
CA PRO B 219 16.77 28.40 24.26
C PRO B 219 15.50 27.55 24.21
N ARG B 220 15.60 26.31 24.68
CA ARG B 220 14.43 25.44 24.77
C ARG B 220 14.19 25.09 26.23
N LEU B 221 13.11 25.62 26.77
CA LEU B 221 12.77 25.40 28.16
C LEU B 221 11.68 24.35 28.31
N LEU B 222 12.03 23.24 28.95
CA LEU B 222 11.09 22.15 29.20
C LEU B 222 10.60 22.17 30.64
N ILE B 223 9.30 22.32 30.82
CA ILE B 223 8.70 22.20 32.14
C ILE B 223 7.79 20.97 32.13
N ASN B 224 8.32 19.87 32.62
CA ASN B 224 7.63 18.59 32.52
C ASN B 224 8.04 17.70 33.69
N ARG B 225 7.36 16.59 33.88
CA ARG B 225 7.72 15.68 34.95
C ARG B 225 9.08 15.04 34.68
N ASP B 226 9.29 14.62 33.43
CA ASP B 226 10.52 13.93 33.06
C ASP B 226 11.24 14.65 31.93
N LEU B 227 12.53 14.39 31.82
CA LEU B 227 13.30 14.81 30.66
C LEU B 227 13.47 13.63 29.71
N VAL B 228 12.54 13.46 28.79
CA VAL B 228 12.62 12.41 27.78
C VAL B 228 12.27 12.98 26.40
N GLY B 229 12.38 12.16 25.36
CA GLY B 229 12.08 12.60 24.02
C GLY B 229 13.28 13.19 23.32
N PRO B 230 13.06 13.94 22.25
CA PRO B 230 14.14 14.53 21.45
C PRO B 230 15.04 15.49 22.25
N LEU B 231 14.52 16.12 23.29
CA LEU B 231 15.33 17.01 24.11
C LEU B 231 16.27 16.23 25.00
N ALA B 232 15.91 14.98 25.31
CA ALA B 232 16.80 14.12 26.06
C ALA B 232 17.80 13.49 25.11
N TRP B 233 17.35 13.12 23.93
CA TRP B 233 18.20 12.42 22.98
C TRP B 233 19.18 13.36 22.28
N HIS B 234 18.71 14.54 21.91
CA HIS B 234 19.52 15.53 21.23
C HIS B 234 19.59 16.83 22.02
N PRO B 235 20.33 16.85 23.14
CA PRO B 235 20.38 18.06 23.96
C PRO B 235 21.15 19.17 23.26
N ARG B 236 20.77 20.41 23.52
CA ARG B 236 21.48 21.56 23.00
C ARG B 236 22.03 22.40 24.14
N SER B 237 23.04 23.22 23.85
CA SER B 237 23.76 23.95 24.88
C SER B 237 22.86 24.92 25.65
N ARG B 238 21.81 25.42 25.00
CA ARG B 238 20.96 26.42 25.65
C ARG B 238 19.61 25.84 26.11
N ASP B 239 19.58 24.53 26.35
CA ASP B 239 18.39 23.89 26.90
C ASP B 239 18.28 24.05 28.40
N VAL B 240 17.04 24.21 28.88
CA VAL B 240 16.77 24.29 30.31
C VAL B 240 15.63 23.33 30.66
N ALA B 241 15.85 22.52 31.70
CA ALA B 241 14.84 21.56 32.12
C ALA B 241 14.40 21.83 33.56
N GLN B 242 13.12 22.14 33.72
CA GLN B 242 12.51 22.31 35.03
C GLN B 242 11.66 21.09 35.34
N LEU B 243 12.30 20.02 35.81
CA LEU B 243 11.59 18.76 36.02
C LEU B 243 10.76 18.72 37.32
N GLY B 244 9.66 17.98 37.28
CA GLY B 244 8.76 17.92 38.41
C GLY B 244 7.35 18.32 38.04
N ASP B 245 6.55 18.65 39.06
CA ASP B 245 5.19 19.10 38.85
C ASP B 245 5.16 20.32 37.91
N VAL B 246 4.28 20.28 36.92
CA VAL B 246 4.21 21.34 35.92
C VAL B 246 3.75 22.66 36.51
N VAL B 247 2.68 22.60 37.30
CA VAL B 247 2.14 23.78 37.98
C VAL B 247 3.21 24.46 38.82
N HIS B 248 3.95 23.67 39.58
CA HIS B 248 5.01 24.18 40.43
C HIS B 248 6.07 24.91 39.61
N GLY B 249 6.51 24.31 38.50
CA GLY B 249 7.51 24.91 37.65
C GLY B 249 7.05 26.21 37.02
N VAL B 250 5.81 26.20 36.52
CA VAL B 250 5.23 27.39 35.94
C VAL B 250 5.10 28.51 36.97
N GLU B 251 4.66 28.18 38.18
CA GLU B 251 4.56 29.15 39.28
C GLU B 251 5.92 29.71 39.65
N SER B 252 6.94 28.85 39.66
CA SER B 252 8.30 29.26 39.92
C SER B 252 8.74 30.29 38.90
N LEU B 253 8.48 29.99 37.63
CA LEU B 253 8.83 30.89 36.53
C LEU B 253 8.08 32.21 36.61
N VAL B 254 6.80 32.15 36.98
CA VAL B 254 5.98 33.34 37.11
C VAL B 254 6.55 34.22 38.21
N GLU B 255 6.93 33.61 39.32
CA GLU B 255 7.55 34.33 40.42
C GLU B 255 8.85 34.98 39.98
N LEU B 256 9.71 34.22 39.31
CA LEU B 256 10.98 34.75 38.83
C LEU B 256 10.77 35.90 37.84
N LEU B 257 9.66 35.87 37.12
CA LEU B 257 9.32 36.96 36.21
C LEU B 257 8.75 38.15 36.95
N GLY B 258 8.26 37.91 38.17
CA GLY B 258 7.63 38.95 38.95
C GLY B 258 6.22 39.23 38.49
N TRP B 259 5.54 38.19 38.02
CA TRP B 259 4.20 38.33 37.48
C TRP B 259 3.14 37.79 38.43
N THR B 260 3.56 37.42 39.64
CA THR B 260 2.69 36.77 40.60
C THR B 260 1.41 37.54 40.87
N GLU B 261 1.52 38.85 41.10
CA GLU B 261 0.34 39.68 41.34
C GLU B 261 -0.55 39.84 40.12
N GLU B 262 0.06 40.17 38.99
CA GLU B 262 -0.67 40.29 37.74
C GLU B 262 -1.40 38.98 37.48
N MET B 263 -0.75 37.89 37.88
CA MET B 263 -1.32 36.56 37.75
C MET B 263 -2.52 36.31 38.64
N ARG B 264 -2.39 36.60 39.94
CA ARG B 264 -3.49 36.35 40.86
C ARG B 264 -4.68 37.19 40.46
N ASP B 265 -4.43 38.42 40.01
CA ASP B 265 -5.50 39.29 39.51
C ASP B 265 -6.14 38.78 38.23
N LEU B 266 -5.33 38.34 37.27
CA LEU B 266 -5.85 37.79 36.02
C LEU B 266 -6.75 36.59 36.31
N VAL B 267 -6.26 35.67 37.14
CA VAL B 267 -7.03 34.51 37.53
C VAL B 267 -8.29 34.94 38.26
N GLN B 268 -8.17 36.01 39.05
CA GLN B 268 -9.27 36.54 39.83
C GLN B 268 -10.40 37.01 38.88
N ARG B 269 -10.04 37.83 37.89
CA ARG B 269 -10.98 38.36 36.90
C ARG B 269 -11.59 37.28 36.00
N GLU B 270 -10.75 36.37 35.52
CA GLU B 270 -11.17 35.37 34.54
C GLU B 270 -12.03 34.30 35.19
N THR B 271 -11.67 33.89 36.40
CA THR B 271 -12.50 32.98 37.18
C THR B 271 -13.77 33.73 37.58
N GLY B 272 -13.65 35.03 37.73
CA GLY B 272 -14.79 35.87 38.01
C GLY B 272 -15.81 35.85 36.88
N LYS B 273 -15.33 35.88 35.64
CA LYS B 273 -16.26 35.82 34.51
C LYS B 273 -16.83 34.41 34.33
N LEU B 274 -16.12 33.41 34.83
CA LEU B 274 -16.57 32.03 34.69
C LEU B 274 -17.31 31.56 35.94
N LYS C 2 -15.75 -12.96 43.94
CA LYS C 2 -14.53 -12.73 43.19
C LYS C 2 -13.38 -13.47 43.88
N LEU C 3 -12.34 -13.81 43.11
CA LEU C 3 -11.25 -14.63 43.61
C LEU C 3 -10.10 -13.82 44.16
N SER C 4 -9.38 -14.44 45.09
CA SER C 4 -8.22 -13.82 45.69
C SER C 4 -6.93 -14.49 45.25
N LEU C 5 -5.81 -13.88 45.59
CA LEU C 5 -4.50 -14.45 45.31
C LEU C 5 -4.34 -15.82 45.98
N GLN C 6 -4.81 -15.92 47.23
CA GLN C 6 -4.73 -17.18 47.96
C GLN C 6 -5.58 -18.27 47.31
N ASP C 7 -6.72 -17.87 46.75
CA ASP C 7 -7.58 -18.82 46.06
C ASP C 7 -6.84 -19.45 44.88
N VAL C 8 -6.11 -18.62 44.14
CA VAL C 8 -5.32 -19.08 43.01
C VAL C 8 -4.19 -19.98 43.49
N ALA C 9 -3.52 -19.55 44.55
CA ALA C 9 -2.45 -20.33 45.17
C ALA C 9 -2.93 -21.72 45.53
N GLU C 10 -4.10 -21.78 46.14
CA GLU C 10 -4.70 -23.03 46.58
C GLU C 10 -5.11 -23.87 45.37
N LEU C 11 -5.58 -23.21 44.31
CA LEU C 11 -5.87 -23.90 43.06
C LEU C 11 -4.65 -24.61 42.49
N ILE C 12 -3.49 -23.96 42.61
CA ILE C 12 -2.25 -24.56 42.13
C ILE C 12 -1.83 -25.70 43.06
N ARG C 13 -1.93 -25.47 44.37
CA ARG C 13 -1.56 -26.48 45.36
C ARG C 13 -2.40 -27.75 45.26
N ALA C 14 -3.67 -27.58 44.91
CA ALA C 14 -4.57 -28.72 44.76
C ALA C 14 -4.38 -29.39 43.41
N ARG C 15 -3.49 -28.82 42.62
CA ARG C 15 -3.21 -29.24 41.24
C ARG C 15 -4.48 -29.22 40.38
N ALA C 16 -5.42 -28.35 40.72
CA ALA C 16 -6.59 -28.09 39.88
C ALA C 16 -6.19 -27.25 38.68
N CYS C 17 -5.09 -26.54 38.82
CA CYS C 17 -4.44 -25.82 37.73
C CYS C 17 -3.07 -26.41 37.52
N GLN C 18 -2.88 -27.16 36.45
CA GLN C 18 -1.59 -27.78 36.19
C GLN C 18 -1.12 -27.53 34.76
N ARG C 19 -1.83 -26.65 34.06
CA ARG C 19 -1.46 -26.23 32.73
C ARG C 19 -1.40 -24.71 32.65
N VAL C 20 -0.42 -24.13 33.33
CA VAL C 20 -0.30 -22.69 33.46
C VAL C 20 0.43 -22.06 32.27
N VAL C 21 -0.19 -21.05 31.67
CA VAL C 21 0.45 -20.26 30.63
C VAL C 21 0.83 -18.90 31.18
N VAL C 22 2.08 -18.50 30.97
CA VAL C 22 2.62 -17.27 31.52
C VAL C 22 3.02 -16.27 30.44
N MET C 23 2.71 -15.01 30.66
CA MET C 23 3.13 -13.91 29.81
C MET C 23 3.92 -12.91 30.64
N VAL C 24 5.14 -12.60 30.22
CA VAL C 24 5.95 -11.68 31.00
C VAL C 24 6.50 -10.54 30.15
N GLY C 25 6.83 -9.43 30.81
CA GLY C 25 7.36 -8.26 30.14
C GLY C 25 8.54 -7.69 30.90
N ALA C 26 8.86 -6.43 30.64
CA ALA C 26 10.06 -5.79 31.19
C ALA C 26 10.07 -5.72 32.71
N GLY C 27 8.88 -5.66 33.29
CA GLY C 27 8.72 -5.50 34.73
C GLY C 27 9.42 -6.56 35.55
N ILE C 28 9.48 -7.78 35.03
CA ILE C 28 10.09 -8.86 35.78
C ILE C 28 11.61 -8.81 35.71
N SER C 29 12.16 -8.01 34.80
CA SER C 29 13.62 -7.99 34.63
C SER C 29 14.31 -6.74 35.16
N THR C 30 13.55 -5.70 35.47
CA THR C 30 14.17 -4.50 36.03
C THR C 30 14.76 -4.74 37.43
N PRO C 31 14.16 -5.62 38.25
CA PRO C 31 14.89 -5.93 39.49
C PRO C 31 16.24 -6.61 39.28
N SER C 32 16.52 -7.10 38.09
CA SER C 32 17.81 -7.70 37.80
C SER C 32 18.80 -6.64 37.34
N GLY C 33 18.31 -5.42 37.19
CA GLY C 33 19.16 -4.30 36.81
C GLY C 33 19.31 -4.09 35.32
N ILE C 34 18.44 -4.74 34.54
CA ILE C 34 18.45 -4.56 33.09
C ILE C 34 18.11 -3.13 32.75
N PRO C 35 19.04 -2.42 32.11
CA PRO C 35 18.82 -1.01 31.77
C PRO C 35 17.86 -0.82 30.59
N ASP C 36 16.96 0.14 30.72
CA ASP C 36 16.08 0.54 29.63
C ASP C 36 16.86 1.45 28.68
N PHE C 37 17.04 1.00 27.44
CA PHE C 37 17.87 1.72 26.49
C PHE C 37 17.21 3.02 26.01
N ARG C 38 15.91 3.16 26.26
CA ARG C 38 15.17 4.35 25.84
C ARG C 38 15.26 5.44 26.89
N SER C 39 15.58 5.05 28.12
CA SER C 39 15.57 5.97 29.24
C SER C 39 16.95 6.53 29.56
N PRO C 40 17.05 7.87 29.65
CA PRO C 40 18.31 8.53 29.99
C PRO C 40 18.75 8.23 31.42
N GLY C 41 20.05 8.25 31.67
CA GLY C 41 20.57 8.02 33.01
C GLY C 41 21.43 6.78 33.14
N SER C 42 21.34 5.88 32.17
CA SER C 42 22.18 4.68 32.15
C SER C 42 23.35 4.89 31.22
N GLY C 43 24.41 4.11 31.43
CA GLY C 43 25.57 4.20 30.58
C GLY C 43 25.24 3.74 29.18
N LEU C 44 24.29 2.83 29.07
CA LEU C 44 23.84 2.34 27.77
C LEU C 44 23.28 3.46 26.92
N TYR C 45 22.44 4.30 27.52
CA TYR C 45 21.83 5.43 26.84
C TYR C 45 22.89 6.37 26.25
N SER C 46 23.87 6.73 27.08
CA SER C 46 24.98 7.59 26.68
C SER C 46 25.81 6.98 25.55
N ASN C 47 26.17 5.71 25.73
CA ASN C 47 26.94 4.98 24.74
C ASN C 47 26.20 4.97 23.42
N LEU C 48 24.88 4.90 23.48
CA LEU C 48 24.08 4.92 22.27
C LEU C 48 23.98 6.34 21.72
N GLN C 49 24.11 7.33 22.60
CA GLN C 49 24.11 8.73 22.17
C GLN C 49 25.37 9.06 21.40
N GLN C 50 26.37 8.21 21.54
CA GLN C 50 27.62 8.42 20.82
C GLN C 50 27.48 8.28 19.30
N TYR C 51 26.43 7.61 18.83
CA TYR C 51 26.27 7.35 17.42
C TYR C 51 25.24 8.27 16.77
N ASP C 52 25.11 8.18 15.45
CA ASP C 52 24.23 9.08 14.70
C ASP C 52 22.78 8.61 14.63
N LEU C 53 22.24 8.17 15.76
CA LEU C 53 20.84 7.73 15.85
C LEU C 53 19.86 8.89 15.95
N PRO C 54 18.79 8.86 15.12
CA PRO C 54 17.75 9.87 15.18
C PRO C 54 16.89 9.73 16.44
N TYR C 55 16.80 8.50 16.93
CA TYR C 55 16.08 8.17 18.15
C TYR C 55 16.57 6.78 18.55
N PRO C 56 16.46 6.42 19.84
CA PRO C 56 16.95 5.13 20.34
C PRO C 56 16.38 3.90 19.62
N GLU C 57 15.07 3.91 19.37
CA GLU C 57 14.39 2.76 18.77
C GLU C 57 14.99 2.38 17.42
N ALA C 58 15.73 3.30 16.83
CA ALA C 58 16.35 3.06 15.53
C ALA C 58 17.37 1.93 15.59
N ILE C 59 17.78 1.50 16.78
CA ILE C 59 18.70 0.38 16.87
C ILE C 59 18.00 -0.92 16.45
N PHE C 60 16.68 -0.91 16.42
CA PHE C 60 15.93 -2.10 15.99
C PHE C 60 15.32 -1.93 14.61
N GLU C 61 15.92 -1.07 13.80
CA GLU C 61 15.48 -0.85 12.43
C GLU C 61 16.55 -1.35 11.47
N LEU C 62 16.14 -2.18 10.51
CA LEU C 62 17.07 -2.77 9.56
C LEU C 62 17.81 -1.78 8.65
N PRO C 63 17.12 -0.74 8.12
CA PRO C 63 17.86 0.22 7.31
C PRO C 63 19.02 0.88 8.07
N PHE C 64 18.78 1.24 9.32
CA PHE C 64 19.85 1.82 10.13
C PHE C 64 20.92 0.80 10.46
N PHE C 65 20.51 -0.44 10.71
CA PHE C 65 21.42 -1.54 11.02
C PHE C 65 22.39 -1.77 9.87
N PHE C 66 21.87 -1.73 8.65
CA PHE C 66 22.69 -1.92 7.46
C PHE C 66 23.46 -0.65 7.12
N HIS C 67 23.03 0.46 7.69
CA HIS C 67 23.81 1.70 7.62
C HIS C 67 24.97 1.65 8.62
N ASN C 68 24.68 1.22 9.84
CA ASN C 68 25.68 1.11 10.90
C ASN C 68 25.19 0.15 11.98
N PRO C 69 25.76 -1.06 12.03
CA PRO C 69 25.31 -2.10 12.97
C PRO C 69 25.89 -1.93 14.37
N LYS C 70 26.76 -0.95 14.57
CA LYS C 70 27.47 -0.80 15.84
C LYS C 70 26.61 -0.40 17.06
N PRO C 71 25.62 0.52 16.91
CA PRO C 71 24.76 0.82 18.06
C PRO C 71 24.02 -0.41 18.59
N PHE C 72 23.45 -1.17 17.67
CA PHE C 72 22.77 -2.38 18.04
C PHE C 72 23.71 -3.31 18.80
N PHE C 73 24.93 -3.45 18.33
CA PHE C 73 25.85 -4.37 18.97
C PHE C 73 26.36 -3.82 20.30
N THR C 74 26.22 -2.52 20.48
CA THR C 74 26.42 -1.92 21.79
C THR C 74 25.35 -2.46 22.74
N LEU C 75 24.11 -2.40 22.29
CA LEU C 75 23.01 -2.97 23.07
C LEU C 75 23.19 -4.47 23.34
N ALA C 76 23.60 -5.20 22.31
CA ALA C 76 23.80 -6.64 22.42
C ALA C 76 24.89 -6.94 23.45
N LYS C 77 25.98 -6.19 23.39
CA LYS C 77 27.05 -6.34 24.36
C LYS C 77 26.54 -6.11 25.78
N GLU C 78 25.71 -5.10 25.95
CA GLU C 78 25.16 -4.82 27.27
C GLU C 78 24.23 -5.93 27.78
N LEU C 79 23.40 -6.48 26.89
CA LEU C 79 22.37 -7.43 27.32
C LEU C 79 22.72 -8.91 27.10
N TYR C 80 23.90 -9.20 26.58
CA TYR C 80 24.28 -10.57 26.27
C TYR C 80 24.31 -11.45 27.50
N PRO C 81 23.90 -12.72 27.35
CA PRO C 81 23.87 -13.73 28.42
C PRO C 81 25.14 -13.74 29.24
N GLY C 82 25.00 -13.66 30.56
CA GLY C 82 26.14 -13.66 31.44
C GLY C 82 26.22 -12.38 32.24
N ASN C 83 25.94 -11.26 31.59
CA ASN C 83 26.09 -9.95 32.20
C ASN C 83 25.11 -9.70 33.33
N TYR C 84 23.99 -10.40 33.31
CA TYR C 84 22.93 -10.21 34.29
C TYR C 84 22.40 -11.53 34.82
N LYS C 85 21.82 -11.49 36.01
CA LYS C 85 21.31 -12.70 36.67
C LYS C 85 19.79 -12.67 36.78
N PRO C 86 19.15 -13.86 36.75
CA PRO C 86 17.71 -13.95 36.97
C PRO C 86 17.34 -13.53 38.38
N ASN C 87 16.10 -13.07 38.59
CA ASN C 87 15.64 -12.75 39.93
C ASN C 87 14.55 -13.69 40.35
N VAL C 88 13.86 -13.34 41.44
CA VAL C 88 12.89 -14.22 42.08
C VAL C 88 11.75 -14.66 41.16
N THR C 89 11.32 -13.77 40.28
CA THR C 89 10.22 -14.05 39.36
C THR C 89 10.60 -15.16 38.39
N HIS C 90 11.77 -15.01 37.76
CA HIS C 90 12.31 -16.03 36.87
C HIS C 90 12.39 -17.37 37.55
N TYR C 91 12.89 -17.39 38.78
CA TYR C 91 13.09 -18.65 39.47
C TYR C 91 11.76 -19.25 39.92
N PHE C 92 10.77 -18.40 40.15
CA PHE C 92 9.42 -18.85 40.41
C PHE C 92 8.84 -19.56 39.19
N LEU C 93 9.06 -18.97 38.02
CA LEU C 93 8.61 -19.59 36.78
C LEU C 93 9.33 -20.91 36.55
N ARG C 94 10.61 -20.94 36.89
CA ARG C 94 11.44 -22.14 36.79
C ARG C 94 10.90 -23.25 37.68
N LEU C 95 10.54 -22.88 38.91
CA LEU C 95 10.01 -23.82 39.87
C LEU C 95 8.67 -24.35 39.39
N LEU C 96 7.90 -23.45 38.80
CA LEU C 96 6.63 -23.80 38.17
C LEU C 96 6.84 -24.87 37.12
N HIS C 97 7.91 -24.73 36.33
CA HIS C 97 8.25 -25.73 35.33
C HIS C 97 8.68 -27.06 35.96
N ASP C 98 9.48 -26.99 37.02
CA ASP C 98 10.00 -28.18 37.68
C ASP C 98 8.91 -29.04 38.30
N LYS C 99 7.83 -28.39 38.74
CA LYS C 99 6.73 -29.10 39.37
C LYS C 99 5.73 -29.59 38.32
N GLY C 100 6.06 -29.40 37.05
CA GLY C 100 5.24 -29.91 35.97
C GLY C 100 3.95 -29.13 35.74
N LEU C 101 3.99 -27.84 36.05
CA LEU C 101 2.81 -27.00 35.98
C LEU C 101 2.84 -26.01 34.82
N LEU C 102 4.01 -25.85 34.20
CA LEU C 102 4.17 -24.85 33.16
C LEU C 102 3.89 -25.40 31.77
N LEU C 103 2.84 -24.90 31.13
CA LEU C 103 2.51 -25.26 29.76
C LEU C 103 3.39 -24.48 28.79
N ARG C 104 3.44 -23.16 28.94
CA ARG C 104 4.28 -22.32 28.10
C ARG C 104 4.51 -20.94 28.72
N LEU C 105 5.68 -20.36 28.45
CA LEU C 105 6.01 -19.03 28.93
C LEU C 105 6.28 -18.10 27.76
N TYR C 106 5.40 -17.13 27.55
CA TYR C 106 5.55 -16.16 26.49
C TYR C 106 6.24 -14.92 27.02
N THR C 107 7.38 -14.58 26.44
CA THR C 107 8.14 -13.45 26.94
C THR C 107 8.37 -12.38 25.86
N GLN C 108 8.33 -11.13 26.27
CA GLN C 108 8.62 -10.00 25.39
C GLN C 108 10.04 -9.51 25.58
N ASN C 109 10.70 -10.04 26.61
CA ASN C 109 12.05 -9.63 26.96
C ASN C 109 13.07 -10.27 26.03
N ILE C 110 14.24 -9.64 25.92
CA ILE C 110 15.32 -10.20 25.12
C ILE C 110 16.57 -10.43 25.97
N ASP C 111 16.40 -10.33 27.29
CA ASP C 111 17.51 -10.51 28.21
C ASP C 111 17.90 -11.99 28.39
N GLY C 112 17.05 -12.89 27.95
CA GLY C 112 17.34 -14.31 27.96
C GLY C 112 17.45 -14.91 29.35
N LEU C 113 16.83 -14.25 30.33
CA LEU C 113 16.93 -14.69 31.71
C LEU C 113 16.06 -15.90 32.02
N GLU C 114 15.06 -16.15 31.19
CA GLU C 114 14.25 -17.35 31.34
C GLU C 114 15.10 -18.60 31.13
N ARG C 115 15.94 -18.56 30.10
CA ARG C 115 16.84 -19.67 29.79
C ARG C 115 17.88 -19.87 30.88
N VAL C 116 18.46 -18.77 31.35
CA VAL C 116 19.49 -18.83 32.37
C VAL C 116 18.95 -19.42 33.66
N SER C 117 17.68 -19.15 33.94
CA SER C 117 17.04 -19.63 35.15
C SER C 117 16.77 -21.13 35.11
N GLY C 118 16.94 -21.73 33.94
CA GLY C 118 16.82 -23.17 33.80
C GLY C 118 15.53 -23.65 33.16
N ILE C 119 14.79 -22.75 32.52
CA ILE C 119 13.62 -23.15 31.77
C ILE C 119 14.04 -23.57 30.37
N PRO C 120 13.69 -24.81 29.98
CA PRO C 120 14.07 -25.35 28.68
C PRO C 120 13.46 -24.55 27.52
N ALA C 121 14.16 -24.51 26.40
CA ALA C 121 13.74 -23.73 25.24
C ALA C 121 12.36 -24.12 24.74
N SER C 122 12.02 -25.40 24.90
CA SER C 122 10.74 -25.92 24.42
C SER C 122 9.55 -25.34 25.19
N LYS C 123 9.79 -24.86 26.40
CA LYS C 123 8.71 -24.27 27.20
C LYS C 123 8.58 -22.77 26.94
N LEU C 124 9.50 -22.22 26.16
CA LEU C 124 9.54 -20.78 25.94
C LEU C 124 9.03 -20.34 24.58
N VAL C 125 8.38 -19.19 24.55
CA VAL C 125 8.14 -18.47 23.31
C VAL C 125 8.70 -17.06 23.48
N GLU C 126 9.88 -16.86 22.91
CA GLU C 126 10.56 -15.58 22.94
C GLU C 126 10.06 -14.71 21.79
N ALA C 127 9.02 -13.94 22.07
CA ALA C 127 8.24 -13.26 21.04
C ALA C 127 8.99 -12.11 20.36
N HIS C 128 10.04 -11.61 20.99
CA HIS C 128 10.82 -10.55 20.37
C HIS C 128 12.21 -11.03 19.98
N GLY C 129 12.39 -12.33 19.98
CA GLY C 129 13.63 -12.92 19.52
C GLY C 129 14.63 -13.21 20.61
N THR C 130 15.84 -13.57 20.21
CA THR C 130 16.84 -13.99 21.17
C THR C 130 18.29 -13.81 20.73
N PHE C 131 19.17 -13.77 21.73
CA PHE C 131 20.60 -13.74 21.54
C PHE C 131 21.17 -15.16 21.57
N ALA C 132 20.30 -16.13 21.80
CA ALA C 132 20.75 -17.52 21.90
C ALA C 132 21.16 -18.07 20.54
N SER C 133 20.66 -17.45 19.48
CA SER C 133 21.00 -17.87 18.12
C SER C 133 21.15 -16.66 17.22
N ALA C 134 21.88 -16.83 16.13
CA ALA C 134 22.15 -15.75 15.20
C ALA C 134 22.07 -16.23 13.76
N THR C 135 21.91 -15.30 12.84
CA THR C 135 21.80 -15.65 11.43
C THR C 135 22.66 -14.71 10.61
N CYS C 136 23.42 -15.25 9.67
CA CYS C 136 24.17 -14.37 8.81
C CYS C 136 23.24 -13.61 7.88
N THR C 137 23.45 -12.31 7.79
CA THR C 137 22.58 -11.43 7.03
C THR C 137 22.71 -11.65 5.52
N VAL C 138 23.79 -12.30 5.10
CA VAL C 138 24.02 -12.52 3.68
C VAL C 138 23.68 -13.94 3.22
N CYS C 139 24.27 -14.95 3.84
CA CYS C 139 24.10 -16.31 3.35
C CYS C 139 23.11 -17.13 4.16
N GLN C 140 22.53 -16.51 5.19
CA GLN C 140 21.45 -17.07 6.00
C GLN C 140 21.87 -18.26 6.86
N ARG C 141 23.16 -18.49 6.99
CA ARG C 141 23.64 -19.56 7.86
C ARG C 141 23.33 -19.26 9.31
N PRO C 142 22.83 -20.26 10.04
CA PRO C 142 22.56 -20.14 11.48
C PRO C 142 23.81 -20.40 12.31
N PHE C 143 23.91 -19.73 13.45
CA PHE C 143 25.03 -19.92 14.37
C PHE C 143 24.52 -19.87 15.80
N PRO C 144 25.08 -20.70 16.68
CA PRO C 144 24.75 -20.50 18.10
C PRO C 144 25.27 -19.15 18.57
N GLY C 145 24.58 -18.55 19.54
CA GLY C 145 24.99 -17.26 20.08
C GLY C 145 26.42 -17.27 20.57
N GLU C 146 26.79 -18.38 21.21
CA GLU C 146 28.12 -18.56 21.77
C GLU C 146 29.20 -18.30 20.73
N ASP C 147 28.94 -18.76 19.51
CA ASP C 147 29.88 -18.63 18.40
C ASP C 147 30.31 -17.20 18.14
N ILE C 148 29.45 -16.24 18.51
CA ILE C 148 29.80 -14.85 18.25
C ILE C 148 30.06 -14.06 19.53
N ARG C 149 29.89 -14.72 20.67
CA ARG C 149 30.03 -14.07 21.97
C ARG C 149 31.28 -13.23 22.09
N ALA C 150 32.44 -13.84 21.84
CA ALA C 150 33.71 -13.15 21.93
C ALA C 150 33.66 -11.84 21.16
N ASP C 151 33.26 -11.91 19.89
CA ASP C 151 33.23 -10.72 19.07
C ASP C 151 32.37 -9.64 19.71
N VAL C 152 31.20 -10.04 20.17
CA VAL C 152 30.25 -9.09 20.71
C VAL C 152 30.82 -8.47 21.98
N MET C 153 31.54 -9.26 22.75
CA MET C 153 32.07 -8.78 24.00
C MET C 153 33.36 -7.97 23.81
N ALA C 154 33.90 -8.01 22.60
CA ALA C 154 35.12 -7.27 22.29
C ALA C 154 34.85 -6.03 21.42
N ASP C 155 33.59 -5.61 21.37
CA ASP C 155 33.16 -4.47 20.56
C ASP C 155 33.41 -4.67 19.06
N ARG C 156 33.50 -5.92 18.64
CA ARG C 156 33.64 -6.20 17.22
C ARG C 156 32.31 -6.59 16.59
N VAL C 157 32.12 -6.18 15.35
CA VAL C 157 30.96 -6.58 14.58
C VAL C 157 31.23 -7.98 14.04
N PRO C 158 30.43 -8.97 14.48
CA PRO C 158 30.60 -10.38 14.12
C PRO C 158 30.42 -10.62 12.63
N ARG C 159 31.41 -11.25 12.00
CA ARG C 159 31.31 -11.52 10.58
C ARG C 159 31.30 -13.02 10.33
N CYS C 160 30.59 -13.42 9.29
CA CYS C 160 30.42 -14.83 8.96
C CYS C 160 31.74 -15.48 8.54
N PRO C 161 32.02 -16.67 9.06
CA PRO C 161 33.23 -17.39 8.68
C PRO C 161 33.26 -17.78 7.19
N VAL C 162 32.10 -17.84 6.55
CA VAL C 162 32.06 -18.25 5.16
C VAL C 162 32.14 -17.08 4.18
N CYS C 163 31.20 -16.14 4.29
CA CYS C 163 31.10 -15.08 3.29
C CYS C 163 31.42 -13.69 3.84
N THR C 164 31.73 -13.63 5.13
CA THR C 164 32.12 -12.42 5.86
C THR C 164 31.01 -11.39 6.05
N GLY C 165 29.78 -11.78 5.76
CA GLY C 165 28.66 -10.91 6.00
C GLY C 165 28.42 -10.79 7.50
N VAL C 166 27.69 -9.76 7.91
CA VAL C 166 27.39 -9.56 9.31
C VAL C 166 26.49 -10.66 9.84
N VAL C 167 26.87 -11.24 10.96
CA VAL C 167 26.04 -12.23 11.63
C VAL C 167 25.20 -11.52 12.68
N LYS C 168 23.89 -11.55 12.49
CA LYS C 168 22.96 -10.81 13.34
C LYS C 168 22.19 -11.73 14.27
N PRO C 169 22.21 -11.42 15.57
CA PRO C 169 21.43 -12.14 16.59
C PRO C 169 19.96 -12.22 16.20
N ASP C 170 19.24 -13.25 16.62
CA ASP C 170 17.88 -13.46 16.11
C ASP C 170 16.88 -12.61 16.88
N ILE C 171 17.20 -11.34 17.03
CA ILE C 171 16.30 -10.36 17.62
C ILE C 171 15.35 -9.83 16.56
N VAL C 172 14.08 -9.72 16.89
CA VAL C 172 13.08 -9.23 15.94
C VAL C 172 13.16 -7.70 15.79
N PHE C 173 13.40 -7.25 14.56
CA PHE C 173 13.47 -5.83 14.28
C PHE C 173 12.09 -5.29 13.88
N PHE C 174 11.94 -3.98 13.87
CA PHE C 174 10.68 -3.35 13.52
C PHE C 174 10.31 -3.70 12.09
N GLY C 175 9.07 -4.12 11.90
CA GLY C 175 8.60 -4.52 10.57
C GLY C 175 8.68 -6.01 10.33
N GLU C 176 9.62 -6.67 10.99
CA GLU C 176 9.82 -8.09 10.82
C GLU C 176 8.70 -8.93 11.42
N PRO C 177 8.46 -10.10 10.85
CA PRO C 177 7.49 -11.04 11.42
C PRO C 177 7.94 -11.58 12.77
N LEU C 178 6.98 -11.85 13.65
CA LEU C 178 7.26 -12.51 14.91
C LEU C 178 7.82 -13.90 14.63
N PRO C 179 8.57 -14.47 15.59
CA PRO C 179 9.10 -15.81 15.39
C PRO C 179 7.99 -16.84 15.13
N GLN C 180 8.34 -17.92 14.45
CA GLN C 180 7.35 -18.94 14.09
C GLN C 180 6.66 -19.51 15.32
N ARG C 181 7.43 -19.74 16.38
CA ARG C 181 6.93 -20.38 17.58
C ARG C 181 5.81 -19.59 18.25
N PHE C 182 5.69 -18.31 17.91
CA PHE C 182 4.59 -17.48 18.40
C PHE C 182 3.25 -18.11 18.06
N LEU C 183 3.15 -18.75 16.90
CA LEU C 183 1.89 -19.36 16.49
C LEU C 183 1.45 -20.50 17.42
N LEU C 184 2.34 -20.95 18.29
CA LEU C 184 1.95 -21.94 19.29
C LEU C 184 0.80 -21.44 20.14
N HIS C 185 0.61 -20.11 20.19
CA HIS C 185 -0.48 -19.57 20.96
C HIS C 185 -1.80 -20.19 20.53
N VAL C 186 -1.95 -20.48 19.24
CA VAL C 186 -3.16 -21.09 18.71
C VAL C 186 -3.58 -22.32 19.51
N VAL C 187 -2.61 -23.11 19.97
CA VAL C 187 -2.95 -24.30 20.75
C VAL C 187 -2.75 -24.11 22.24
N ASP C 188 -1.96 -23.11 22.63
CA ASP C 188 -1.56 -23.03 24.03
C ASP C 188 -2.64 -22.37 24.88
N PHE C 189 -3.22 -21.30 24.37
CA PHE C 189 -4.19 -20.54 25.13
C PHE C 189 -5.56 -21.22 25.30
N PRO C 190 -6.03 -21.97 24.29
CA PRO C 190 -7.25 -22.73 24.58
C PRO C 190 -7.04 -23.87 25.58
N MET C 191 -5.80 -24.30 25.75
CA MET C 191 -5.49 -25.44 26.61
C MET C 191 -5.16 -25.03 28.05
N ALA C 192 -4.89 -23.74 28.24
CA ALA C 192 -4.52 -23.22 29.55
C ALA C 192 -5.66 -23.33 30.53
N ASP C 193 -5.34 -23.67 31.78
CA ASP C 193 -6.34 -23.63 32.85
C ASP C 193 -6.01 -22.50 33.81
N LEU C 194 -4.93 -21.78 33.52
CA LEU C 194 -4.55 -20.60 34.29
C LEU C 194 -3.66 -19.66 33.48
N LEU C 195 -4.00 -18.39 33.48
CA LEU C 195 -3.18 -17.39 32.79
C LEU C 195 -2.49 -16.45 33.79
N LEU C 196 -1.18 -16.38 33.71
CA LEU C 196 -0.38 -15.51 34.58
C LEU C 196 0.25 -14.38 33.79
N ILE C 197 0.01 -13.14 34.18
CA ILE C 197 0.56 -11.99 33.49
C ILE C 197 1.47 -11.23 34.44
N LEU C 198 2.75 -11.14 34.11
CA LEU C 198 3.71 -10.53 35.04
C LEU C 198 4.56 -9.43 34.42
N GLY C 199 4.55 -8.26 35.04
CA GLY C 199 5.47 -7.21 34.67
C GLY C 199 5.30 -6.67 33.27
N THR C 200 4.07 -6.51 32.83
CA THR C 200 3.84 -5.96 31.51
C THR C 200 2.54 -5.17 31.45
N SER C 201 2.61 -4.04 30.76
CA SER C 201 1.49 -3.13 30.60
C SER C 201 0.50 -3.66 29.57
N LEU C 202 0.99 -4.56 28.73
CA LEU C 202 0.20 -5.16 27.66
C LEU C 202 -0.34 -4.11 26.71
N GLU C 203 0.53 -3.20 26.31
CA GLU C 203 0.16 -2.11 25.42
C GLU C 203 0.40 -2.49 23.96
N VAL C 204 1.18 -3.54 23.74
CA VAL C 204 1.55 -3.90 22.38
C VAL C 204 0.84 -5.15 21.84
N GLU C 205 0.18 -4.98 20.69
CA GLU C 205 -0.41 -6.08 19.94
C GLU C 205 0.69 -6.78 19.14
N PRO C 206 0.50 -8.06 18.80
CA PRO C 206 -0.63 -8.95 19.06
C PRO C 206 -0.59 -9.60 20.44
N PHE C 207 0.36 -9.16 21.26
CA PHE C 207 0.59 -9.78 22.57
C PHE C 207 -0.56 -9.51 23.54
N ALA C 208 -1.13 -8.30 23.49
CA ALA C 208 -2.25 -7.93 24.34
C ALA C 208 -3.48 -8.84 24.18
N SER C 209 -3.89 -9.04 22.94
CA SER C 209 -5.13 -9.77 22.64
C SER C 209 -5.08 -11.21 23.09
N LEU C 210 -3.88 -11.73 23.28
CA LEU C 210 -3.71 -13.10 23.73
C LEU C 210 -4.33 -13.30 25.10
N THR C 211 -4.43 -12.22 25.88
CA THR C 211 -5.07 -12.31 27.20
C THR C 211 -6.53 -12.68 27.11
N GLU C 212 -7.12 -12.57 25.92
CA GLU C 212 -8.53 -12.88 25.78
C GLU C 212 -8.74 -14.21 25.09
N ALA C 213 -7.63 -14.89 24.78
CA ALA C 213 -7.68 -16.14 24.04
C ALA C 213 -7.96 -17.34 24.93
N VAL C 214 -7.79 -17.17 26.24
CA VAL C 214 -8.12 -18.25 27.17
C VAL C 214 -9.62 -18.33 27.41
N ARG C 215 -10.09 -19.52 27.79
CA ARG C 215 -11.51 -19.73 28.01
C ARG C 215 -12.02 -18.87 29.15
N SER C 216 -13.33 -18.61 29.15
CA SER C 216 -13.95 -17.69 30.09
C SER C 216 -13.86 -18.17 31.54
N SER C 217 -13.79 -19.48 31.72
CA SER C 217 -13.70 -20.06 33.05
C SER C 217 -12.29 -19.98 33.62
N VAL C 218 -11.33 -19.60 32.80
CA VAL C 218 -9.93 -19.58 33.21
C VAL C 218 -9.57 -18.29 33.92
N PRO C 219 -9.00 -18.41 35.13
CA PRO C 219 -8.53 -17.25 35.90
C PRO C 219 -7.34 -16.55 35.26
N ARG C 220 -7.37 -15.24 35.29
CA ARG C 220 -6.26 -14.44 34.83
C ARG C 220 -5.67 -13.64 35.98
N LEU C 221 -4.45 -14.00 36.38
CA LEU C 221 -3.78 -13.35 37.50
C LEU C 221 -2.75 -12.34 37.01
N LEU C 222 -2.98 -11.07 37.33
CA LEU C 222 -2.07 -9.99 36.96
C LEU C 222 -1.22 -9.51 38.11
N ILE C 223 0.09 -9.67 37.98
CA ILE C 223 1.02 -9.11 38.94
C ILE C 223 1.82 -8.03 38.26
N ASN C 224 1.40 -6.79 38.45
CA ASN C 224 1.95 -5.66 37.74
C ASN C 224 1.80 -4.42 38.60
N ARG C 225 2.43 -3.32 38.21
CA ARG C 225 2.25 -2.07 38.92
C ARG C 225 0.82 -1.57 38.76
N ASP C 226 0.32 -1.63 37.52
CA ASP C 226 -0.99 -1.08 37.20
C ASP C 226 -1.94 -2.10 36.64
N LEU C 227 -3.23 -1.82 36.76
CA LEU C 227 -4.26 -2.60 36.08
C LEU C 227 -4.64 -1.88 34.81
N VAL C 228 -3.93 -2.18 33.73
CA VAL C 228 -4.22 -1.57 32.45
C VAL C 228 -4.22 -2.59 31.32
N GLY C 229 -4.58 -2.14 30.12
CA GLY C 229 -4.62 -3.02 28.97
C GLY C 229 -5.96 -3.72 28.86
N PRO C 230 -6.02 -4.82 28.10
CA PRO C 230 -7.22 -5.62 27.86
C PRO C 230 -7.81 -6.17 29.15
N LEU C 231 -6.97 -6.27 30.18
CA LEU C 231 -7.43 -6.74 31.48
C LEU C 231 -8.26 -5.68 32.18
N ALA C 232 -7.95 -4.42 31.89
CA ALA C 232 -8.71 -3.30 32.45
C ALA C 232 -9.97 -3.05 31.63
N TRP C 233 -9.85 -3.13 30.30
CA TRP C 233 -10.96 -2.80 29.41
C TRP C 233 -12.04 -3.87 29.37
N HIS C 234 -11.62 -5.14 29.31
CA HIS C 234 -12.57 -6.25 29.29
C HIS C 234 -12.33 -7.19 30.47
N PRO C 235 -12.71 -6.76 31.68
CA PRO C 235 -12.49 -7.58 32.87
C PRO C 235 -13.39 -8.82 32.85
N ARG C 236 -12.91 -9.91 33.44
CA ARG C 236 -13.70 -11.12 33.56
C ARG C 236 -13.88 -11.48 35.03
N SER C 237 -14.88 -12.29 35.33
CA SER C 237 -15.28 -12.56 36.72
C SER C 237 -14.18 -13.21 37.55
N ARG C 238 -13.33 -13.99 36.92
CA ARG C 238 -12.29 -14.73 37.63
C ARG C 238 -10.91 -14.09 37.46
N ASP C 239 -10.87 -12.79 37.20
CA ASP C 239 -9.61 -12.08 37.13
C ASP C 239 -9.10 -11.71 38.52
N VAL C 240 -7.78 -11.76 38.69
CA VAL C 240 -7.17 -11.35 39.94
C VAL C 240 -6.03 -10.38 39.64
N ALA C 241 -6.00 -9.27 40.36
CA ALA C 241 -4.94 -8.29 40.16
C ALA C 241 -4.17 -8.11 41.45
N GLN C 242 -2.88 -8.42 41.42
CA GLN C 242 -2.02 -8.16 42.55
C GLN C 242 -1.18 -6.94 42.19
N LEU C 243 -1.75 -5.77 42.39
CA LEU C 243 -1.11 -4.53 41.97
C LEU C 243 -0.03 -4.11 42.96
N GLY C 244 1.00 -3.46 42.44
CA GLY C 244 2.13 -3.05 43.25
C GLY C 244 3.41 -3.61 42.67
N ASP C 245 4.48 -3.58 43.46
CA ASP C 245 5.78 -4.11 43.04
C ASP C 245 5.67 -5.57 42.62
N VAL C 246 6.26 -5.90 41.49
CA VAL C 246 6.17 -7.24 40.94
C VAL C 246 6.86 -8.27 41.82
N VAL C 247 8.09 -7.97 42.25
CA VAL C 247 8.83 -8.87 43.12
C VAL C 247 8.06 -9.18 44.40
N HIS C 248 7.51 -8.15 45.02
CA HIS C 248 6.74 -8.34 46.23
C HIS C 248 5.51 -9.23 46.02
N GLY C 249 4.78 -9.00 44.94
CA GLY C 249 3.60 -9.79 44.62
C GLY C 249 3.92 -11.25 44.37
N VAL C 250 4.99 -11.47 43.60
CA VAL C 250 5.47 -12.82 43.33
C VAL C 250 5.88 -13.51 44.64
N GLU C 251 6.59 -12.80 45.52
CA GLU C 251 6.97 -13.37 46.81
C GLU C 251 5.76 -13.72 47.67
N SER C 252 4.74 -12.85 47.65
CA SER C 252 3.49 -13.14 48.37
C SER C 252 2.86 -14.42 47.86
N LEU C 253 2.78 -14.55 46.54
CA LEU C 253 2.22 -15.75 45.94
C LEU C 253 3.03 -16.99 46.30
N VAL C 254 4.35 -16.84 46.33
CA VAL C 254 5.24 -17.93 46.68
C VAL C 254 4.99 -18.41 48.11
N GLU C 255 4.82 -17.46 49.03
CA GLU C 255 4.46 -17.80 50.40
C GLU C 255 3.11 -18.51 50.49
N LEU C 256 2.09 -17.95 49.83
CA LEU C 256 0.76 -18.55 49.81
C LEU C 256 0.77 -19.97 49.24
N LEU C 257 1.71 -20.23 48.33
CA LEU C 257 1.89 -21.56 47.77
C LEU C 257 2.66 -22.46 48.73
N GLY C 258 3.37 -21.86 49.69
CA GLY C 258 4.20 -22.59 50.62
C GLY C 258 5.50 -23.06 50.01
N TRP C 259 6.04 -22.26 49.10
CA TRP C 259 7.26 -22.62 48.38
C TRP C 259 8.48 -21.83 48.81
N THR C 260 8.33 -21.01 49.84
CA THR C 260 9.38 -20.06 50.22
C THR C 260 10.76 -20.69 50.42
N GLU C 261 10.83 -21.77 51.19
CA GLU C 261 12.12 -22.42 51.42
C GLU C 261 12.67 -23.09 50.17
N GLU C 262 11.81 -23.79 49.43
CA GLU C 262 12.23 -24.41 48.19
C GLU C 262 12.82 -23.36 47.26
N MET C 263 12.21 -22.17 47.29
CA MET C 263 12.65 -21.05 46.49
C MET C 263 14.01 -20.54 46.94
N ARG C 264 14.18 -20.36 48.25
CA ARG C 264 15.45 -19.88 48.78
C ARG C 264 16.58 -20.86 48.49
N ASP C 265 16.27 -22.15 48.58
CA ASP C 265 17.24 -23.19 48.28
C ASP C 265 17.64 -23.14 46.80
N LEU C 266 16.62 -23.07 45.94
CA LEU C 266 16.85 -22.99 44.50
C LEU C 266 17.70 -21.78 44.12
N VAL C 267 17.35 -20.62 44.64
CA VAL C 267 18.10 -19.40 44.37
C VAL C 267 19.52 -19.55 44.88
N GLN C 268 19.68 -20.21 46.02
CA GLN C 268 21.00 -20.45 46.57
C GLN C 268 21.86 -21.28 45.63
N ARG C 269 21.33 -22.41 45.18
CA ARG C 269 22.07 -23.31 44.29
C ARG C 269 22.41 -22.63 42.98
N GLU C 270 21.41 -21.96 42.39
CA GLU C 270 21.55 -21.42 41.05
C GLU C 270 22.42 -20.17 41.02
N THR C 271 22.31 -19.32 42.04
CA THR C 271 23.20 -18.17 42.17
C THR C 271 24.60 -18.67 42.48
N GLY C 272 24.68 -19.79 43.18
CA GLY C 272 25.94 -20.42 43.47
C GLY C 272 26.66 -20.87 42.22
N LYS C 273 25.90 -21.42 41.27
CA LYS C 273 26.52 -21.88 40.02
C LYS C 273 26.96 -20.71 39.12
N LEU C 274 26.39 -19.53 39.34
CA LEU C 274 26.71 -18.36 38.51
C LEU C 274 27.81 -17.49 39.14
N GLY D 1 44.54 20.35 -0.53
CA GLY D 1 43.80 20.80 -1.69
C GLY D 1 43.13 19.67 -2.44
N LYS D 2 42.99 19.83 -3.75
CA LYS D 2 42.36 18.83 -4.59
C LYS D 2 43.40 17.85 -5.14
N LEU D 3 42.98 16.61 -5.36
CA LEU D 3 43.88 15.54 -5.81
C LEU D 3 43.80 15.25 -7.30
N SER D 4 44.89 14.70 -7.83
CA SER D 4 44.96 14.30 -9.22
C SER D 4 44.94 12.79 -9.35
N LEU D 5 44.82 12.32 -10.59
CA LEU D 5 44.84 10.90 -10.89
C LEU D 5 46.17 10.26 -10.45
N GLN D 6 47.27 10.98 -10.65
CA GLN D 6 48.60 10.53 -10.28
C GLN D 6 48.73 10.33 -8.77
N ASP D 7 48.09 11.20 -8.00
CA ASP D 7 48.10 11.08 -6.55
C ASP D 7 47.51 9.74 -6.15
N VAL D 8 46.42 9.38 -6.83
CA VAL D 8 45.77 8.10 -6.62
C VAL D 8 46.71 6.98 -7.01
N ALA D 9 47.36 7.14 -8.16
CA ALA D 9 48.33 6.16 -8.64
C ALA D 9 49.40 5.86 -7.60
N GLU D 10 49.99 6.89 -7.01
CA GLU D 10 51.00 6.69 -5.96
C GLU D 10 50.42 6.15 -4.66
N LEU D 11 49.19 6.56 -4.34
CA LEU D 11 48.48 6.01 -3.18
C LEU D 11 48.35 4.49 -3.32
N ILE D 12 48.09 4.03 -4.54
CA ILE D 12 48.01 2.61 -4.82
C ILE D 12 49.39 1.96 -4.78
N ARG D 13 50.37 2.64 -5.37
CA ARG D 13 51.74 2.15 -5.44
C ARG D 13 52.41 1.94 -4.07
N ALA D 14 52.11 2.80 -3.11
CA ALA D 14 52.67 2.64 -1.77
C ALA D 14 51.87 1.59 -1.00
N ARG D 15 50.80 1.12 -1.64
CA ARG D 15 49.86 0.17 -1.07
C ARG D 15 49.32 0.66 0.27
N ALA D 16 49.24 1.98 0.41
CA ALA D 16 48.56 2.61 1.53
C ALA D 16 47.06 2.41 1.34
N CYS D 17 46.68 2.13 0.09
CA CYS D 17 45.32 1.74 -0.26
C CYS D 17 45.34 0.30 -0.76
N GLN D 18 44.87 -0.61 0.08
CA GLN D 18 44.89 -2.04 -0.24
C GLN D 18 43.51 -2.68 -0.05
N ARG D 19 42.50 -1.84 0.18
CA ARG D 19 41.13 -2.30 0.30
C ARG D 19 40.22 -1.51 -0.64
N VAL D 20 40.39 -1.71 -1.94
CA VAL D 20 39.65 -0.95 -2.95
C VAL D 20 38.26 -1.53 -3.22
N VAL D 21 37.24 -0.69 -3.14
CA VAL D 21 35.89 -1.12 -3.52
C VAL D 21 35.49 -0.51 -4.86
N VAL D 22 35.04 -1.35 -5.78
CA VAL D 22 34.71 -0.89 -7.13
C VAL D 22 33.23 -1.09 -7.44
N MET D 23 32.64 -0.08 -8.07
CA MET D 23 31.28 -0.09 -8.55
C MET D 23 31.25 0.22 -10.04
N VAL D 24 30.66 -0.66 -10.85
CA VAL D 24 30.64 -0.46 -12.29
C VAL D 24 29.24 -0.55 -12.89
N GLY D 25 29.07 0.03 -14.07
CA GLY D 25 27.79 0.01 -14.75
C GLY D 25 27.89 -0.36 -16.22
N ALA D 26 26.85 -0.04 -16.98
CA ALA D 26 26.73 -0.50 -18.36
C ALA D 26 27.85 0.00 -19.27
N GLY D 27 28.37 1.18 -18.97
CA GLY D 27 29.35 1.80 -19.84
C GLY D 27 30.58 0.97 -20.10
N ILE D 28 31.05 0.26 -19.08
CA ILE D 28 32.30 -0.47 -19.20
C ILE D 28 32.12 -1.67 -20.10
N SER D 29 30.88 -1.95 -20.46
CA SER D 29 30.60 -3.11 -21.28
C SER D 29 30.28 -2.70 -22.69
N THR D 30 30.06 -1.40 -22.92
CA THR D 30 29.78 -0.99 -24.30
C THR D 30 31.00 -1.14 -25.24
N PRO D 31 32.24 -0.96 -24.73
CA PRO D 31 33.39 -1.31 -25.58
C PRO D 31 33.50 -2.79 -25.94
N SER D 32 32.78 -3.67 -25.25
CA SER D 32 32.84 -5.09 -25.57
C SER D 32 31.82 -5.42 -26.65
N GLY D 33 31.02 -4.42 -27.02
CA GLY D 33 30.03 -4.60 -28.06
C GLY D 33 28.69 -5.05 -27.52
N ILE D 34 28.50 -4.94 -26.21
CA ILE D 34 27.23 -5.30 -25.59
C ILE D 34 26.15 -4.36 -26.09
N PRO D 35 25.14 -4.91 -26.77
CA PRO D 35 24.08 -4.07 -27.35
C PRO D 35 23.15 -3.53 -26.30
N ASP D 36 22.77 -2.26 -26.42
CA ASP D 36 21.78 -1.72 -25.53
C ASP D 36 20.44 -2.18 -26.08
N PHE D 37 19.75 -3.02 -25.30
CA PHE D 37 18.53 -3.66 -25.77
C PHE D 37 17.34 -2.72 -25.90
N ARG D 38 17.42 -1.54 -25.30
CA ARG D 38 16.32 -0.57 -25.40
C ARG D 38 16.47 0.31 -26.65
N SER D 39 17.72 0.43 -27.13
CA SER D 39 18.07 1.34 -28.22
C SER D 39 18.15 0.65 -29.57
N PRO D 40 17.49 1.24 -30.60
CA PRO D 40 17.48 0.72 -31.96
C PRO D 40 18.87 0.71 -32.60
N GLY D 41 19.09 -0.20 -33.53
CA GLY D 41 20.37 -0.33 -34.21
C GLY D 41 21.05 -1.66 -33.98
N SER D 42 20.62 -2.39 -32.96
CA SER D 42 21.15 -3.72 -32.69
C SER D 42 20.20 -4.80 -33.18
N GLY D 43 20.74 -5.98 -33.43
CA GLY D 43 19.93 -7.12 -33.86
C GLY D 43 19.02 -7.60 -32.74
N LEU D 44 19.48 -7.42 -31.51
CA LEU D 44 18.71 -7.79 -30.33
C LEU D 44 17.42 -7.00 -30.32
N TYR D 45 17.53 -5.70 -30.57
CA TYR D 45 16.37 -4.81 -30.67
C TYR D 45 15.33 -5.25 -31.70
N SER D 46 15.82 -5.52 -32.91
CA SER D 46 14.98 -5.97 -34.00
C SER D 46 14.26 -7.26 -33.63
N ASN D 47 15.02 -8.21 -33.11
CA ASN D 47 14.45 -9.48 -32.66
C ASN D 47 13.41 -9.29 -31.56
N LEU D 48 13.63 -8.30 -30.68
CA LEU D 48 12.71 -8.06 -29.56
C LEU D 48 11.44 -7.33 -29.96
N GLN D 49 11.48 -6.53 -31.02
CA GLN D 49 10.26 -5.87 -31.46
C GLN D 49 9.22 -6.83 -32.05
N GLN D 50 9.63 -8.05 -32.33
CA GLN D 50 8.71 -9.06 -32.87
C GLN D 50 7.60 -9.38 -31.87
N TYR D 51 7.82 -9.05 -30.60
CA TYR D 51 6.89 -9.43 -29.53
C TYR D 51 6.02 -8.26 -29.07
N ASP D 52 5.06 -8.56 -28.21
CA ASP D 52 4.10 -7.57 -27.72
C ASP D 52 4.58 -6.83 -26.47
N LEU D 53 5.82 -6.39 -26.46
CA LEU D 53 6.35 -5.65 -25.32
C LEU D 53 5.92 -4.19 -25.32
N PRO D 54 5.34 -3.74 -24.20
CA PRO D 54 4.91 -2.35 -24.04
C PRO D 54 6.09 -1.38 -23.85
N TYR D 55 7.17 -1.90 -23.29
CA TYR D 55 8.39 -1.14 -23.06
C TYR D 55 9.50 -2.15 -22.77
N PRO D 56 10.77 -1.76 -22.99
CA PRO D 56 11.90 -2.69 -22.81
C PRO D 56 11.96 -3.34 -21.42
N GLU D 57 11.74 -2.56 -20.38
CA GLU D 57 11.85 -3.06 -19.00
C GLU D 57 10.91 -4.22 -18.71
N ALA D 58 9.88 -4.38 -19.53
CA ALA D 58 8.92 -5.48 -19.38
C ALA D 58 9.58 -6.82 -19.61
N ILE D 59 10.77 -6.81 -20.18
CA ILE D 59 11.50 -8.05 -20.38
C ILE D 59 12.00 -8.59 -19.04
N PHE D 60 12.07 -7.71 -18.04
CA PHE D 60 12.51 -8.11 -16.71
C PHE D 60 11.36 -8.07 -15.72
N GLU D 61 10.13 -8.24 -16.21
CA GLU D 61 8.97 -8.29 -15.34
C GLU D 61 8.33 -9.66 -15.35
N LEU D 62 8.08 -10.18 -14.15
CA LEU D 62 7.55 -11.53 -13.98
C LEU D 62 6.19 -11.78 -14.63
N PRO D 63 5.22 -10.85 -14.50
CA PRO D 63 3.95 -11.10 -15.18
C PRO D 63 4.07 -11.31 -16.69
N PHE D 64 4.90 -10.50 -17.33
CA PHE D 64 5.11 -10.67 -18.75
C PHE D 64 5.85 -11.96 -19.05
N PHE D 65 6.82 -12.30 -18.20
CA PHE D 65 7.61 -13.52 -18.38
C PHE D 65 6.72 -14.75 -18.33
N PHE D 66 5.79 -14.76 -17.39
CA PHE D 66 4.89 -15.89 -17.24
C PHE D 66 3.80 -15.84 -18.29
N HIS D 67 3.59 -14.65 -18.87
CA HIS D 67 2.70 -14.56 -20.03
C HIS D 67 3.42 -15.03 -21.29
N ASN D 68 4.67 -14.61 -21.44
CA ASN D 68 5.47 -15.01 -22.59
C ASN D 68 6.95 -14.85 -22.29
N PRO D 69 7.63 -15.97 -22.02
CA PRO D 69 9.05 -15.98 -21.63
C PRO D 69 10.01 -15.88 -22.80
N LYS D 70 9.50 -15.87 -24.02
CA LYS D 70 10.36 -15.89 -25.20
C LYS D 70 11.22 -14.62 -25.40
N PRO D 71 10.66 -13.42 -25.13
CA PRO D 71 11.54 -12.26 -25.25
C PRO D 71 12.75 -12.29 -24.32
N PHE D 72 12.49 -12.57 -23.05
CA PHE D 72 13.57 -12.66 -22.08
C PHE D 72 14.62 -13.66 -22.53
N PHE D 73 14.18 -14.81 -23.04
CA PHE D 73 15.13 -15.83 -23.46
C PHE D 73 15.83 -15.47 -24.78
N THR D 74 15.24 -14.56 -25.55
CA THR D 74 15.93 -13.97 -26.68
C THR D 74 17.12 -13.19 -26.14
N LEU D 75 16.83 -12.34 -25.16
CA LEU D 75 17.89 -11.57 -24.50
C LEU D 75 18.97 -12.48 -23.89
N ALA D 76 18.54 -13.53 -23.23
CA ALA D 76 19.42 -14.48 -22.57
C ALA D 76 20.32 -15.17 -23.58
N LYS D 77 19.72 -15.56 -24.69
CA LYS D 77 20.46 -16.17 -25.79
C LYS D 77 21.51 -15.21 -26.29
N GLU D 78 21.16 -13.94 -26.40
CA GLU D 78 22.13 -12.95 -26.85
C GLU D 78 23.27 -12.74 -25.86
N LEU D 79 22.98 -12.69 -24.58
CA LEU D 79 24.00 -12.31 -23.59
C LEU D 79 24.68 -13.48 -22.88
N TYR D 80 24.32 -14.71 -23.27
CA TYR D 80 24.88 -15.88 -22.60
C TYR D 80 26.40 -15.94 -22.74
N PRO D 81 27.09 -16.42 -21.69
CA PRO D 81 28.55 -16.55 -21.64
C PRO D 81 29.14 -17.14 -22.91
N GLY D 82 30.14 -16.46 -23.48
CA GLY D 82 30.78 -16.93 -24.68
C GLY D 82 30.63 -15.99 -25.86
N ASN D 83 29.44 -15.41 -26.01
N ASN D 83 29.44 -15.43 -26.01
CA ASN D 83 29.15 -14.56 -27.16
CA ASN D 83 29.12 -14.55 -27.13
C ASN D 83 29.94 -13.26 -27.12
C ASN D 83 29.92 -13.25 -27.10
N TYR D 84 30.34 -12.85 -25.91
CA TYR D 84 31.09 -11.60 -25.74
C TYR D 84 32.30 -11.79 -24.83
N LYS D 85 33.32 -10.96 -25.04
CA LYS D 85 34.55 -11.03 -24.28
C LYS D 85 34.78 -9.78 -23.44
N PRO D 86 35.48 -9.93 -22.30
CA PRO D 86 35.84 -8.78 -21.47
C PRO D 86 36.80 -7.83 -22.20
N ASN D 87 36.80 -6.57 -21.82
CA ASN D 87 37.72 -5.60 -22.38
C ASN D 87 38.73 -5.12 -21.34
N VAL D 88 39.44 -4.04 -21.66
CA VAL D 88 40.54 -3.55 -20.83
C VAL D 88 40.12 -3.18 -19.40
N THR D 89 38.89 -2.70 -19.25
CA THR D 89 38.39 -2.31 -17.92
C THR D 89 38.31 -3.51 -16.99
N HIS D 90 37.65 -4.55 -17.48
CA HIS D 90 37.49 -5.79 -16.75
C HIS D 90 38.84 -6.36 -16.32
N TYR D 91 39.80 -6.35 -17.24
CA TYR D 91 41.11 -6.92 -16.97
C TYR D 91 41.94 -6.03 -16.05
N PHE D 92 41.65 -4.73 -16.06
CA PHE D 92 42.25 -3.83 -15.10
C PHE D 92 41.75 -4.17 -13.70
N LEU D 93 40.45 -4.44 -13.59
CA LEU D 93 39.89 -4.85 -12.31
C LEU D 93 40.50 -6.19 -11.88
N ARG D 94 40.72 -7.06 -12.85
CA ARG D 94 41.36 -8.34 -12.61
C ARG D 94 42.77 -8.18 -12.04
N LEU D 95 43.55 -7.28 -12.63
CA LEU D 95 44.90 -7.03 -12.15
C LEU D 95 44.86 -6.44 -10.76
N LEU D 96 43.88 -5.56 -10.53
CA LEU D 96 43.65 -5.01 -9.20
C LEU D 96 43.45 -6.13 -8.20
N HIS D 97 42.70 -7.16 -8.58
CA HIS D 97 42.51 -8.31 -7.71
C HIS D 97 43.79 -9.12 -7.51
N ASP D 98 44.52 -9.34 -8.60
CA ASP D 98 45.72 -10.18 -8.58
C ASP D 98 46.82 -9.62 -7.67
N LYS D 99 46.89 -8.30 -7.56
CA LYS D 99 47.88 -7.68 -6.69
C LYS D 99 47.36 -7.54 -5.27
N GLY D 100 46.18 -8.11 -5.01
CA GLY D 100 45.64 -8.16 -3.66
C GLY D 100 45.08 -6.85 -3.13
N LEU D 101 44.56 -6.02 -4.02
CA LEU D 101 44.10 -4.70 -3.63
C LEU D 101 42.57 -4.59 -3.64
N LEU D 102 41.91 -5.57 -4.26
CA LEU D 102 40.47 -5.53 -4.44
C LEU D 102 39.71 -6.15 -3.28
N LEU D 103 38.95 -5.32 -2.57
CA LEU D 103 38.09 -5.79 -1.49
C LEU D 103 36.80 -6.39 -2.02
N ARG D 104 36.12 -5.64 -2.89
CA ARG D 104 34.88 -6.11 -3.52
C ARG D 104 34.54 -5.32 -4.77
N LEU D 105 33.90 -5.98 -5.72
CA LEU D 105 33.46 -5.34 -6.95
C LEU D 105 31.95 -5.46 -7.12
N TYR D 106 31.26 -4.34 -7.01
CA TYR D 106 29.82 -4.30 -7.16
C TYR D 106 29.43 -3.97 -8.60
N THR D 107 28.70 -4.86 -9.24
CA THR D 107 28.36 -4.63 -10.64
C THR D 107 26.85 -4.61 -10.90
N GLN D 108 26.42 -3.75 -11.81
CA GLN D 108 25.03 -3.70 -12.21
C GLN D 108 24.82 -4.46 -13.51
N ASN D 109 25.91 -4.83 -14.17
CA ASN D 109 25.81 -5.50 -15.46
C ASN D 109 25.41 -6.94 -15.30
N ILE D 110 24.82 -7.50 -16.34
CA ILE D 110 24.41 -8.89 -16.29
C ILE D 110 25.11 -9.70 -17.38
N ASP D 111 26.15 -9.12 -17.96
CA ASP D 111 26.92 -9.80 -18.99
C ASP D 111 27.91 -10.81 -18.38
N GLY D 112 28.16 -10.69 -17.08
CA GLY D 112 29.00 -11.63 -16.37
C GLY D 112 30.46 -11.60 -16.78
N LEU D 113 30.90 -10.47 -17.32
CA LEU D 113 32.27 -10.37 -17.84
C LEU D 113 33.28 -10.23 -16.71
N GLU D 114 32.84 -9.82 -15.54
CA GLU D 114 33.73 -9.76 -14.39
C GLU D 114 34.26 -11.15 -14.04
N ARG D 115 33.38 -12.15 -14.07
CA ARG D 115 33.80 -13.53 -13.82
C ARG D 115 34.72 -14.04 -14.92
N VAL D 116 34.36 -13.75 -16.17
CA VAL D 116 35.11 -14.23 -17.32
C VAL D 116 36.54 -13.67 -17.31
N SER D 117 36.71 -12.45 -16.80
CA SER D 117 38.02 -11.84 -16.74
C SER D 117 38.89 -12.49 -15.67
N GLY D 118 38.28 -13.35 -14.86
CA GLY D 118 39.03 -14.13 -13.88
C GLY D 118 38.90 -13.66 -12.44
N ILE D 119 37.91 -12.82 -12.18
CA ILE D 119 37.64 -12.38 -10.82
C ILE D 119 36.80 -13.40 -10.07
N PRO D 120 37.28 -13.87 -8.91
CA PRO D 120 36.53 -14.88 -8.16
C PRO D 120 35.17 -14.37 -7.67
N ALA D 121 34.21 -15.29 -7.61
CA ALA D 121 32.84 -14.97 -7.24
C ALA D 121 32.74 -14.31 -5.86
N SER D 122 33.63 -14.70 -4.96
CA SER D 122 33.62 -14.16 -3.60
C SER D 122 33.95 -12.67 -3.59
N LYS D 123 34.63 -12.21 -4.64
CA LYS D 123 34.98 -10.79 -4.75
C LYS D 123 33.89 -9.99 -5.45
N LEU D 124 32.88 -10.67 -5.97
CA LEU D 124 31.84 -10.02 -6.75
C LEU D 124 30.52 -9.85 -6.02
N VAL D 125 29.85 -8.74 -6.29
CA VAL D 125 28.45 -8.62 -5.94
C VAL D 125 27.70 -8.28 -7.22
N GLU D 126 27.10 -9.29 -7.83
CA GLU D 126 26.35 -9.11 -9.05
C GLU D 126 24.93 -8.71 -8.68
N ALA D 127 24.71 -7.41 -8.55
CA ALA D 127 23.50 -6.87 -7.93
C ALA D 127 22.23 -7.06 -8.75
N HIS D 128 22.35 -7.37 -10.02
CA HIS D 128 21.16 -7.61 -10.83
C HIS D 128 21.06 -9.06 -11.28
N GLY D 129 21.88 -9.91 -10.68
CA GLY D 129 21.81 -11.34 -10.96
C GLY D 129 22.80 -11.83 -12.01
N THR D 130 22.60 -13.07 -12.45
CA THR D 130 23.53 -13.70 -13.36
C THR D 130 22.91 -14.80 -14.22
N PHE D 131 23.56 -15.06 -15.34
CA PHE D 131 23.19 -16.16 -16.23
C PHE D 131 23.97 -17.43 -15.90
N ALA D 132 24.88 -17.34 -14.94
CA ALA D 132 25.73 -18.49 -14.59
C ALA D 132 24.93 -19.59 -13.91
N SER D 133 23.79 -19.22 -13.34
CA SER D 133 22.95 -20.20 -12.68
C SER D 133 21.47 -19.89 -12.92
N ALA D 134 20.63 -20.89 -12.73
CA ALA D 134 19.21 -20.77 -12.98
C ALA D 134 18.42 -21.46 -11.87
N THR D 135 17.14 -21.13 -11.78
CA THR D 135 16.26 -21.73 -10.78
C THR D 135 14.94 -22.09 -11.44
N CYS D 136 14.43 -23.28 -11.17
CA CYS D 136 13.13 -23.65 -11.71
C CYS D 136 12.02 -22.84 -11.05
N THR D 137 11.11 -22.33 -11.87
CA THR D 137 10.05 -21.45 -11.40
C THR D 137 8.99 -22.17 -10.57
N VAL D 138 8.95 -23.48 -10.67
CA VAL D 138 7.93 -24.26 -9.98
C VAL D 138 8.45 -24.94 -8.72
N CYS D 139 9.50 -25.72 -8.82
CA CYS D 139 9.97 -26.50 -7.68
C CYS D 139 11.23 -25.93 -7.04
N GLN D 140 11.72 -24.83 -7.58
CA GLN D 140 12.84 -24.06 -7.02
C GLN D 140 14.19 -24.77 -7.03
N ARG D 141 14.31 -25.87 -7.76
CA ARG D 141 15.59 -26.56 -7.86
C ARG D 141 16.60 -25.69 -8.61
N PRO D 142 17.82 -25.58 -8.08
CA PRO D 142 18.90 -24.81 -8.71
C PRO D 142 19.61 -25.60 -9.79
N PHE D 143 20.08 -24.91 -10.83
CA PHE D 143 20.80 -25.55 -11.91
C PHE D 143 21.96 -24.67 -12.38
N PRO D 144 23.08 -25.29 -12.76
CA PRO D 144 24.13 -24.49 -13.42
C PRO D 144 23.61 -23.99 -14.76
N GLY D 145 24.12 -22.86 -15.24
CA GLY D 145 23.70 -22.32 -16.53
C GLY D 145 23.83 -23.32 -17.67
N GLU D 146 24.95 -24.04 -17.68
CA GLU D 146 25.24 -25.02 -18.73
C GLU D 146 24.08 -25.98 -18.98
N ASP D 147 23.40 -26.38 -17.90
CA ASP D 147 22.32 -27.35 -17.96
C ASP D 147 21.22 -26.94 -18.92
N ILE D 148 21.07 -25.63 -19.13
CA ILE D 148 20.02 -25.17 -20.02
C ILE D 148 20.58 -24.54 -21.30
N ARG D 149 21.91 -24.43 -21.36
CA ARG D 149 22.56 -23.73 -22.47
C ARG D 149 22.04 -24.16 -23.83
N ALA D 150 22.10 -25.46 -24.11
CA ALA D 150 21.61 -26.00 -25.37
C ALA D 150 20.21 -25.48 -25.67
N ASP D 151 19.30 -25.66 -24.72
CA ASP D 151 17.92 -25.24 -24.88
C ASP D 151 17.86 -23.77 -25.27
N VAL D 152 18.70 -22.97 -24.63
CA VAL D 152 18.71 -21.53 -24.86
C VAL D 152 19.20 -21.21 -26.27
N MET D 153 20.18 -21.96 -26.76
CA MET D 153 20.76 -21.64 -28.07
C MET D 153 19.90 -22.17 -29.21
N ALA D 154 18.95 -23.02 -28.89
CA ALA D 154 18.08 -23.62 -29.91
C ALA D 154 16.70 -23.00 -29.87
N ASP D 155 16.59 -21.85 -29.21
CA ASP D 155 15.33 -21.12 -29.09
C ASP D 155 14.24 -21.96 -28.43
N ARG D 156 14.65 -22.91 -27.60
CA ARG D 156 13.70 -23.70 -26.83
C ARG D 156 13.59 -23.14 -25.42
N VAL D 157 12.38 -23.16 -24.87
CA VAL D 157 12.19 -22.75 -23.49
C VAL D 157 12.60 -23.89 -22.57
N PRO D 158 13.63 -23.67 -21.74
CA PRO D 158 14.20 -24.70 -20.86
C PRO D 158 13.21 -25.19 -19.84
N ARG D 159 12.98 -26.50 -19.79
CA ARG D 159 12.04 -27.06 -18.84
C ARG D 159 12.75 -28.00 -17.87
N CYS D 160 12.30 -28.00 -16.62
CA CYS D 160 12.92 -28.79 -15.57
C CYS D 160 12.75 -30.28 -15.79
N PRO D 161 13.84 -31.04 -15.61
CA PRO D 161 13.78 -32.50 -15.78
C PRO D 161 12.87 -33.19 -14.79
N VAL D 162 12.61 -32.54 -13.66
CA VAL D 162 11.81 -33.15 -12.61
C VAL D 162 10.32 -32.84 -12.76
N CYS D 163 9.96 -31.55 -12.78
CA CYS D 163 8.55 -31.17 -12.78
C CYS D 163 8.08 -30.48 -14.07
N THR D 164 9.02 -30.29 -15.01
CA THR D 164 8.78 -29.69 -16.33
C THR D 164 8.44 -28.20 -16.31
N GLY D 165 8.60 -27.54 -15.17
CA GLY D 165 8.41 -26.10 -15.10
C GLY D 165 9.51 -25.34 -15.79
N VAL D 166 9.28 -24.07 -16.08
CA VAL D 166 10.28 -23.25 -16.74
C VAL D 166 11.47 -23.01 -15.83
N VAL D 167 12.66 -23.25 -16.36
CA VAL D 167 13.88 -22.98 -15.62
C VAL D 167 14.38 -21.59 -15.99
N LYS D 168 14.40 -20.69 -15.02
CA LYS D 168 14.72 -19.29 -15.27
C LYS D 168 16.09 -18.90 -14.74
N PRO D 169 16.94 -18.31 -15.59
CA PRO D 169 18.26 -17.79 -15.23
C PRO D 169 18.19 -16.84 -14.03
N ASP D 170 19.24 -16.74 -13.23
CA ASP D 170 19.12 -16.03 -11.97
C ASP D 170 19.30 -14.54 -12.12
N ILE D 171 18.61 -13.97 -13.10
CA ILE D 171 18.58 -12.53 -13.30
C ILE D 171 17.52 -11.93 -12.41
N VAL D 172 17.84 -10.84 -11.72
CA VAL D 172 16.89 -10.21 -10.83
C VAL D 172 15.87 -9.39 -11.61
N PHE D 173 14.59 -9.73 -11.44
CA PHE D 173 13.51 -9.04 -12.12
C PHE D 173 12.99 -7.87 -11.28
N PHE D 174 12.25 -6.98 -11.94
CA PHE D 174 11.68 -5.84 -11.23
C PHE D 174 10.68 -6.32 -10.19
N GLY D 175 10.79 -5.78 -8.99
CA GLY D 175 9.95 -6.18 -7.87
C GLY D 175 10.63 -7.19 -6.96
N GLU D 176 11.53 -8.00 -7.54
CA GLU D 176 12.25 -8.98 -6.76
C GLU D 176 13.30 -8.31 -5.90
N PRO D 177 13.62 -8.90 -4.74
CA PRO D 177 14.69 -8.37 -3.89
C PRO D 177 16.06 -8.50 -4.53
N LEU D 178 16.95 -7.54 -4.27
CA LEU D 178 18.34 -7.64 -4.70
C LEU D 178 18.97 -8.86 -4.06
N PRO D 179 20.01 -9.42 -4.69
CA PRO D 179 20.67 -10.61 -4.12
C PRO D 179 21.18 -10.39 -2.71
N GLN D 180 21.29 -11.48 -1.97
CA GLN D 180 21.70 -11.46 -0.59
C GLN D 180 23.07 -10.80 -0.42
N ARG D 181 23.96 -11.10 -1.35
CA ARG D 181 25.35 -10.65 -1.29
C ARG D 181 25.46 -9.12 -1.30
N PHE D 182 24.42 -8.46 -1.77
CA PHE D 182 24.38 -7.00 -1.74
C PHE D 182 24.61 -6.49 -0.32
N LEU D 183 24.07 -7.21 0.66
CA LEU D 183 24.18 -6.77 2.05
C LEU D 183 25.63 -6.72 2.53
N LEU D 184 26.54 -7.32 1.77
CA LEU D 184 27.96 -7.21 2.09
C LEU D 184 28.40 -5.75 2.16
N HIS D 185 27.68 -4.85 1.50
CA HIS D 185 28.04 -3.43 1.53
C HIS D 185 28.16 -2.95 2.97
N VAL D 186 27.31 -3.49 3.86
CA VAL D 186 27.33 -3.11 5.27
C VAL D 186 28.74 -3.17 5.87
N VAL D 187 29.51 -4.17 5.45
CA VAL D 187 30.87 -4.29 5.95
C VAL D 187 31.89 -3.78 4.96
N ASP D 188 31.51 -3.66 3.70
CA ASP D 188 32.53 -3.40 2.69
C ASP D 188 32.92 -1.92 2.61
N PHE D 189 31.92 -1.05 2.65
CA PHE D 189 32.14 0.38 2.48
C PHE D 189 32.75 1.07 3.70
N PRO D 190 32.40 0.63 4.92
CA PRO D 190 33.15 1.22 6.04
C PRO D 190 34.63 0.80 6.05
N MET D 191 34.97 -0.29 5.38
CA MET D 191 36.33 -0.81 5.38
C MET D 191 37.16 -0.27 4.23
N ALA D 192 36.51 0.27 3.21
CA ALA D 192 37.18 0.73 2.01
C ALA D 192 38.14 1.90 2.27
N ASP D 193 39.29 1.87 1.61
CA ASP D 193 40.19 3.01 1.65
C ASP D 193 40.31 3.67 0.27
N LEU D 194 39.59 3.14 -0.71
CA LEU D 194 39.51 3.75 -2.03
C LEU D 194 38.25 3.31 -2.76
N LEU D 195 37.52 4.27 -3.33
CA LEU D 195 36.31 3.92 -4.08
C LEU D 195 36.45 4.20 -5.58
N LEU D 196 36.23 3.19 -6.40
CA LEU D 196 36.33 3.33 -7.85
C LEU D 196 34.99 3.19 -8.55
N ILE D 197 34.60 4.19 -9.34
CA ILE D 197 33.32 4.11 -10.04
C ILE D 197 33.50 4.17 -11.55
N LEU D 198 33.07 3.12 -12.26
CA LEU D 198 33.34 3.02 -13.69
C LEU D 198 32.09 2.81 -14.55
N GLY D 199 31.91 3.68 -15.53
CA GLY D 199 30.90 3.52 -16.55
C GLY D 199 29.48 3.52 -16.03
N THR D 200 29.22 4.32 -15.00
CA THR D 200 27.88 4.45 -14.48
C THR D 200 27.69 5.79 -13.79
N SER D 201 26.53 6.38 -13.98
CA SER D 201 26.19 7.65 -13.34
C SER D 201 25.73 7.42 -11.91
N LEU D 202 25.25 6.21 -11.63
CA LEU D 202 24.74 5.84 -10.31
C LEU D 202 23.62 6.76 -9.87
N GLU D 203 22.64 6.93 -10.74
CA GLU D 203 21.54 7.84 -10.49
C GLU D 203 20.40 7.14 -9.76
N VAL D 204 20.43 5.81 -9.74
CA VAL D 204 19.36 5.03 -9.14
C VAL D 204 19.79 4.40 -7.81
N GLU D 205 18.92 4.51 -6.81
CA GLU D 205 19.16 3.87 -5.52
C GLU D 205 19.01 2.37 -5.63
N PRO D 206 19.65 1.61 -4.72
CA PRO D 206 20.45 2.01 -3.55
C PRO D 206 21.93 2.31 -3.79
N PHE D 207 22.40 2.33 -5.04
CA PHE D 207 23.82 2.51 -5.33
C PHE D 207 24.29 3.94 -5.04
N ALA D 208 23.37 4.86 -5.36
CA ALA D 208 23.59 6.27 -5.18
C ALA D 208 24.00 6.57 -3.76
N SER D 209 23.23 6.08 -2.80
CA SER D 209 23.55 6.34 -1.41
C SER D 209 24.80 5.59 -0.98
N LEU D 210 25.08 4.47 -1.64
CA LEU D 210 26.27 3.69 -1.33
C LEU D 210 27.53 4.47 -1.67
N THR D 211 27.41 5.38 -2.63
CA THR D 211 28.55 6.23 -2.95
C THR D 211 29.00 7.12 -1.79
N GLU D 212 28.14 7.30 -0.78
CA GLU D 212 28.46 8.16 0.34
C GLU D 212 28.74 7.35 1.60
N ALA D 213 28.77 6.04 1.47
CA ALA D 213 28.94 5.16 2.63
C ALA D 213 30.40 4.99 3.02
N VAL D 214 31.32 5.36 2.14
CA VAL D 214 32.73 5.30 2.49
C VAL D 214 33.07 6.49 3.38
N ARG D 215 34.12 6.36 4.18
CA ARG D 215 34.51 7.42 5.11
C ARG D 215 34.92 8.68 4.38
N SER D 216 34.82 9.82 5.07
CA SER D 216 35.06 11.12 4.46
C SER D 216 36.49 11.30 3.99
N SER D 217 37.42 10.61 4.65
CA SER D 217 38.83 10.68 4.29
C SER D 217 39.16 9.82 3.07
N VAL D 218 38.21 9.00 2.65
CA VAL D 218 38.42 8.06 1.56
C VAL D 218 38.19 8.71 0.19
N PRO D 219 39.19 8.59 -0.70
CA PRO D 219 39.12 9.10 -2.08
C PRO D 219 38.09 8.38 -2.94
N ARG D 220 37.36 9.16 -3.74
CA ARG D 220 36.42 8.61 -4.70
C ARG D 220 36.81 8.98 -6.13
N LEU D 221 37.23 7.99 -6.91
CA LEU D 221 37.64 8.21 -8.28
C LEU D 221 36.56 7.78 -9.29
N LEU D 222 36.04 8.74 -10.03
CA LEU D 222 35.04 8.48 -11.05
C LEU D 222 35.63 8.49 -12.45
N ILE D 223 35.50 7.37 -13.16
CA ILE D 223 35.88 7.31 -14.56
C ILE D 223 34.63 7.07 -15.41
N ASN D 224 34.08 8.15 -15.93
CA ASN D 224 32.80 8.10 -16.63
C ASN D 224 32.73 9.19 -17.69
N ARG D 225 31.71 9.13 -18.54
CA ARG D 225 31.50 10.17 -19.54
C ARG D 225 31.14 11.50 -18.89
N ASP D 226 30.24 11.45 -17.92
CA ASP D 226 29.74 12.67 -17.30
C ASP D 226 29.97 12.67 -15.79
N LEU D 227 29.98 13.85 -15.20
CA LEU D 227 29.97 13.98 -13.75
C LEU D 227 28.55 14.28 -13.30
N VAL D 228 27.78 13.22 -13.05
CA VAL D 228 26.41 13.37 -12.57
C VAL D 228 26.18 12.39 -11.42
N GLY D 229 25.01 12.48 -10.79
CA GLY D 229 24.67 11.62 -9.67
C GLY D 229 25.13 12.23 -8.36
N PRO D 230 25.19 11.42 -7.31
CA PRO D 230 25.55 11.84 -5.94
C PRO D 230 26.94 12.46 -5.87
N LEU D 231 27.78 12.13 -6.84
CA LEU D 231 29.13 12.66 -6.88
C LEU D 231 29.16 14.12 -7.28
N ALA D 232 28.17 14.51 -8.07
CA ALA D 232 28.04 15.90 -8.49
C ALA D 232 27.36 16.73 -7.42
N TRP D 233 26.35 16.15 -6.79
CA TRP D 233 25.55 16.86 -5.81
C TRP D 233 26.27 17.01 -4.47
N HIS D 234 26.95 15.95 -4.04
CA HIS D 234 27.67 15.98 -2.77
C HIS D 234 29.16 15.72 -2.97
N PRO D 235 29.87 16.71 -3.53
CA PRO D 235 31.30 16.53 -3.78
C PRO D 235 32.11 16.49 -2.48
N ARG D 236 33.20 15.74 -2.48
CA ARG D 236 34.09 15.71 -1.32
C ARG D 236 35.49 16.18 -1.71
N SER D 237 36.28 16.60 -0.72
CA SER D 237 37.58 17.22 -0.97
C SER D 237 38.55 16.29 -1.69
N ARG D 238 38.41 14.99 -1.48
CA ARG D 238 39.34 14.04 -2.06
C ARG D 238 38.76 13.28 -3.26
N ASP D 239 37.79 13.89 -3.92
CA ASP D 239 37.22 13.31 -5.13
C ASP D 239 38.10 13.59 -6.34
N VAL D 240 38.16 12.63 -7.26
CA VAL D 240 38.88 12.80 -8.51
C VAL D 240 38.00 12.34 -9.68
N ALA D 241 37.89 13.17 -10.71
CA ALA D 241 37.06 12.82 -11.85
C ALA D 241 37.84 12.72 -13.16
N GLN D 242 37.83 11.53 -13.75
CA GLN D 242 38.41 11.31 -15.07
C GLN D 242 37.31 11.21 -16.11
N LEU D 243 36.81 12.37 -16.53
CA LEU D 243 35.71 12.41 -17.49
C LEU D 243 36.23 12.14 -18.89
N GLY D 244 35.38 11.56 -19.72
CA GLY D 244 35.78 11.20 -21.06
C GLY D 244 35.59 9.72 -21.29
N ASP D 245 36.24 9.20 -22.32
CA ASP D 245 36.18 7.78 -22.63
C ASP D 245 36.60 6.91 -21.44
N VAL D 246 35.78 5.90 -21.15
CA VAL D 246 36.05 5.01 -20.03
C VAL D 246 37.31 4.21 -20.30
N VAL D 247 37.37 3.62 -21.49
CA VAL D 247 38.53 2.86 -21.92
C VAL D 247 39.80 3.70 -21.90
N HIS D 248 39.73 4.89 -22.49
CA HIS D 248 40.90 5.76 -22.54
C HIS D 248 41.35 6.17 -21.14
N GLY D 249 40.40 6.53 -20.28
CA GLY D 249 40.72 6.94 -18.93
C GLY D 249 41.37 5.82 -18.13
N VAL D 250 40.83 4.63 -18.28
CA VAL D 250 41.39 3.44 -17.64
C VAL D 250 42.82 3.22 -18.15
N GLU D 251 43.01 3.37 -19.45
CA GLU D 251 44.33 3.21 -20.05
C GLU D 251 45.31 4.22 -19.44
N SER D 252 44.81 5.44 -19.24
CA SER D 252 45.59 6.51 -18.60
C SER D 252 46.01 6.13 -17.19
N LEU D 253 45.06 5.63 -16.39
CA LEU D 253 45.37 5.22 -15.03
C LEU D 253 46.37 4.06 -14.99
N VAL D 254 46.20 3.12 -15.90
CA VAL D 254 47.09 1.97 -16.01
C VAL D 254 48.51 2.40 -16.36
N GLU D 255 48.63 3.31 -17.32
CA GLU D 255 49.94 3.84 -17.69
C GLU D 255 50.57 4.58 -16.50
N LEU D 256 49.80 5.45 -15.87
CA LEU D 256 50.28 6.23 -14.73
C LEU D 256 50.71 5.33 -13.57
N LEU D 257 50.10 4.15 -13.47
CA LEU D 257 50.50 3.18 -12.45
C LEU D 257 51.76 2.44 -12.87
N GLY D 258 52.04 2.45 -14.17
CA GLY D 258 53.16 1.73 -14.71
C GLY D 258 52.87 0.25 -14.84
N TRP D 259 51.61 -0.08 -15.10
CA TRP D 259 51.17 -1.46 -15.22
C TRP D 259 50.85 -1.83 -16.67
N THR D 260 51.10 -0.89 -17.58
CA THR D 260 50.68 -1.06 -18.97
C THR D 260 51.18 -2.33 -19.66
N GLU D 261 52.47 -2.62 -19.58
CA GLU D 261 52.96 -3.82 -20.23
C GLU D 261 52.45 -5.05 -19.47
N GLU D 262 52.45 -4.99 -18.14
CA GLU D 262 51.87 -6.07 -17.35
C GLU D 262 50.42 -6.33 -17.79
N MET D 263 49.73 -5.24 -18.13
CA MET D 263 48.35 -5.31 -18.60
C MET D 263 48.23 -5.99 -19.95
N ARG D 264 49.04 -5.58 -20.91
CA ARG D 264 48.97 -6.19 -22.24
C ARG D 264 49.38 -7.66 -22.18
N ASP D 265 50.30 -7.97 -21.26
CA ASP D 265 50.71 -9.34 -21.00
C ASP D 265 49.49 -10.12 -20.53
N LEU D 266 48.79 -9.55 -19.55
CA LEU D 266 47.60 -10.14 -19.01
C LEU D 266 46.55 -10.38 -20.09
N VAL D 267 46.28 -9.37 -20.90
CA VAL D 267 45.30 -9.47 -21.98
C VAL D 267 45.70 -10.53 -23.00
N GLN D 268 47.00 -10.61 -23.29
CA GLN D 268 47.50 -11.62 -24.21
C GLN D 268 47.17 -13.00 -23.65
N ARG D 269 47.58 -13.23 -22.41
CA ARG D 269 47.39 -14.50 -21.75
C ARG D 269 45.92 -14.89 -21.66
N GLU D 270 45.08 -13.94 -21.28
CA GLU D 270 43.67 -14.21 -21.01
C GLU D 270 42.89 -14.41 -22.30
N THR D 271 43.21 -13.65 -23.34
CA THR D 271 42.60 -13.85 -24.65
C THR D 271 43.04 -15.18 -25.24
N GLY D 272 44.23 -15.62 -24.84
CA GLY D 272 44.74 -16.90 -25.29
C GLY D 272 43.85 -18.07 -24.95
N LYS D 273 43.27 -18.07 -23.76
CA LYS D 273 42.43 -19.16 -23.31
C LYS D 273 41.04 -19.21 -23.98
N LEU D 274 40.59 -18.08 -24.53
CA LEU D 274 39.29 -18.02 -25.19
C LEU D 274 39.44 -18.20 -26.70
N GLY E 1 -43.17 -18.03 17.30
CA GLY E 1 -42.80 -16.63 17.34
C GLY E 1 -42.26 -16.11 16.01
N LYS E 2 -42.65 -16.74 14.92
CA LYS E 2 -42.19 -16.31 13.60
C LYS E 2 -43.18 -15.33 12.97
N LEU E 3 -42.68 -14.41 12.15
CA LEU E 3 -43.54 -13.41 11.52
C LEU E 3 -43.87 -13.81 10.09
N SER E 4 -45.03 -13.36 9.61
CA SER E 4 -45.46 -13.61 8.25
C SER E 4 -45.44 -12.31 7.46
N LEU E 5 -45.63 -12.41 6.15
CA LEU E 5 -45.75 -11.24 5.32
C LEU E 5 -46.94 -10.42 5.79
N GLN E 6 -48.02 -11.10 6.15
CA GLN E 6 -49.22 -10.44 6.65
C GLN E 6 -48.96 -9.72 7.97
N ASP E 7 -48.12 -10.30 8.82
CA ASP E 7 -47.76 -9.67 10.08
C ASP E 7 -47.10 -8.31 9.84
N VAL E 8 -46.18 -8.29 8.87
CA VAL E 8 -45.51 -7.05 8.51
C VAL E 8 -46.52 -6.07 7.92
N ALA E 9 -47.38 -6.57 7.04
CA ALA E 9 -48.44 -5.75 6.43
C ALA E 9 -49.30 -5.05 7.47
N GLU E 10 -49.73 -5.79 8.49
CA GLU E 10 -50.56 -5.25 9.54
C GLU E 10 -49.75 -4.27 10.39
N LEU E 11 -48.47 -4.59 10.60
CA LEU E 11 -47.58 -3.67 11.29
C LEU E 11 -47.52 -2.32 10.59
N ILE E 12 -47.51 -2.35 9.26
CA ILE E 12 -47.50 -1.12 8.47
C ILE E 12 -48.85 -0.41 8.50
N ARG E 13 -49.93 -1.16 8.34
CA ARG E 13 -51.27 -0.58 8.32
C ARG E 13 -51.59 0.09 9.66
N ALA E 14 -51.10 -0.51 10.74
CA ALA E 14 -51.30 0.05 12.08
C ALA E 14 -50.30 1.17 12.38
N ARG E 15 -49.39 1.41 11.44
CA ARG E 15 -48.28 2.35 11.63
C ARG E 15 -47.42 2.06 12.85
N ALA E 16 -47.28 0.79 13.20
CA ALA E 16 -46.29 0.39 14.18
C ALA E 16 -44.91 0.48 13.52
N CYS E 17 -44.93 0.43 12.19
CA CYS E 17 -43.73 0.68 11.38
C CYS E 17 -43.96 1.89 10.48
N GLN E 18 -43.36 3.02 10.80
CA GLN E 18 -43.55 4.21 9.98
C GLN E 18 -42.23 4.87 9.60
N ARG E 19 -41.13 4.20 9.92
CA ARG E 19 -39.81 4.69 9.56
C ARG E 19 -39.07 3.59 8.82
N VAL E 20 -39.54 3.29 7.61
CA VAL E 20 -39.03 2.17 6.82
C VAL E 20 -37.79 2.54 6.03
N VAL E 21 -36.75 1.74 6.16
CA VAL E 21 -35.55 1.91 5.33
C VAL E 21 -35.50 0.80 4.30
N VAL E 22 -35.32 1.18 3.04
CA VAL E 22 -35.33 0.22 1.95
C VAL E 22 -33.99 0.14 1.24
N MET E 23 -33.56 -1.08 0.94
CA MET E 23 -32.36 -1.34 0.16
C MET E 23 -32.71 -2.14 -1.08
N VAL E 24 -32.36 -1.64 -2.25
CA VAL E 24 -32.71 -2.32 -3.49
C VAL E 24 -31.51 -2.56 -4.40
N GLY E 25 -31.65 -3.54 -5.29
CA GLY E 25 -30.61 -3.89 -6.23
C GLY E 25 -31.18 -4.12 -7.63
N ALA E 26 -30.43 -4.80 -8.47
CA ALA E 26 -30.78 -4.97 -9.89
C ALA E 26 -32.09 -5.72 -10.08
N GLY E 27 -32.42 -6.57 -9.12
CA GLY E 27 -33.60 -7.40 -9.18
C GLY E 27 -34.91 -6.65 -9.39
N ILE E 28 -35.00 -5.44 -8.84
CA ILE E 28 -36.23 -4.66 -8.98
C ILE E 28 -36.35 -3.95 -10.32
N SER E 29 -35.28 -3.92 -11.10
CA SER E 29 -35.31 -3.17 -12.35
C SER E 29 -35.38 -4.03 -13.60
N THR E 30 -35.13 -5.33 -13.48
CA THR E 30 -35.23 -6.21 -14.64
C THR E 30 -36.68 -6.37 -15.16
N PRO E 31 -37.69 -6.30 -14.27
CA PRO E 31 -39.04 -6.25 -14.87
C PRO E 31 -39.30 -5.02 -15.74
N SER E 32 -38.45 -4.00 -15.66
CA SER E 32 -38.61 -2.82 -16.50
C SER E 32 -37.90 -3.01 -17.84
N GLY E 33 -37.17 -4.11 -17.97
CA GLY E 33 -36.46 -4.42 -19.19
C GLY E 33 -35.05 -3.87 -19.24
N ILE E 34 -34.51 -3.45 -18.10
CA ILE E 34 -33.15 -2.95 -18.01
C ILE E 34 -32.14 -4.05 -18.34
N PRO E 35 -31.36 -3.86 -19.42
CA PRO E 35 -30.39 -4.87 -19.85
C PRO E 35 -29.13 -4.92 -18.98
N ASP E 36 -28.67 -6.12 -18.65
CA ASP E 36 -27.41 -6.31 -17.95
C ASP E 36 -26.24 -6.22 -18.93
N PHE E 37 -25.38 -5.21 -18.75
CA PHE E 37 -24.29 -4.97 -19.68
C PHE E 37 -23.22 -6.05 -19.58
N ARG E 38 -23.26 -6.82 -18.50
CA ARG E 38 -22.30 -7.89 -18.27
C ARG E 38 -22.72 -9.19 -18.94
N SER E 39 -24.02 -9.34 -19.19
N SER E 39 -24.02 -9.34 -19.19
CA SER E 39 -24.55 -10.59 -19.73
CA SER E 39 -24.57 -10.57 -19.74
C SER E 39 -24.80 -10.51 -21.24
C SER E 39 -24.78 -10.49 -21.25
N PRO E 40 -24.28 -11.49 -21.98
CA PRO E 40 -24.47 -11.57 -23.43
C PRO E 40 -25.93 -11.81 -23.79
N GLY E 41 -26.34 -11.35 -24.97
CA GLY E 41 -27.70 -11.54 -25.42
C GLY E 41 -28.46 -10.24 -25.64
N SER E 42 -27.94 -9.15 -25.09
CA SER E 42 -28.55 -7.84 -25.28
C SER E 42 -27.81 -7.07 -26.36
N GLY E 43 -28.49 -6.11 -26.96
CA GLY E 43 -27.90 -5.27 -27.98
C GLY E 43 -26.82 -4.40 -27.40
N LEU E 44 -27.00 -4.05 -26.13
CA LEU E 44 -26.02 -3.25 -25.41
C LEU E 44 -24.68 -3.98 -25.34
N TYR E 45 -24.74 -5.25 -24.96
CA TYR E 45 -23.57 -6.11 -24.86
C TYR E 45 -22.83 -6.21 -26.20
N SER E 46 -23.61 -6.45 -27.25
CA SER E 46 -23.07 -6.52 -28.60
C SER E 46 -22.39 -5.22 -29.01
N ASN E 47 -23.07 -4.11 -28.78
CA ASN E 47 -22.51 -2.79 -29.09
C ASN E 47 -21.23 -2.53 -28.31
N LEU E 48 -21.16 -3.10 -27.11
CA LEU E 48 -19.99 -2.95 -26.26
C LEU E 48 -18.83 -3.84 -26.70
N GLN E 49 -19.13 -4.95 -27.37
CA GLN E 49 -18.05 -5.81 -27.85
C GLN E 49 -17.23 -5.18 -28.98
N GLN E 50 -17.77 -4.14 -29.58
CA GLN E 50 -17.10 -3.42 -30.67
C GLN E 50 -15.82 -2.71 -30.24
N TYR E 51 -15.66 -2.46 -28.94
CA TYR E 51 -14.53 -1.68 -28.46
C TYR E 51 -13.44 -2.57 -27.89
N ASP E 52 -12.31 -1.95 -27.56
CA ASP E 52 -11.15 -2.69 -27.05
C ASP E 52 -11.21 -2.88 -25.54
N LEU E 53 -12.39 -3.28 -25.05
CA LEU E 53 -12.57 -3.55 -23.63
C LEU E 53 -12.04 -4.92 -23.26
N PRO E 54 -11.20 -5.00 -22.22
CA PRO E 54 -10.69 -6.28 -21.75
C PRO E 54 -11.77 -7.08 -21.03
N TYR E 55 -12.73 -6.37 -20.45
CA TYR E 55 -13.86 -6.96 -19.76
C TYR E 55 -14.89 -5.85 -19.59
N PRO E 56 -16.18 -6.21 -19.45
CA PRO E 56 -17.25 -5.21 -19.36
C PRO E 56 -17.05 -4.15 -18.27
N GLU E 57 -16.64 -4.57 -17.08
CA GLU E 57 -16.50 -3.67 -15.92
C GLU E 57 -15.54 -2.52 -16.20
N ALA E 58 -14.74 -2.67 -17.25
CA ALA E 58 -13.78 -1.63 -17.64
C ALA E 58 -14.51 -0.35 -18.05
N ILE E 59 -15.81 -0.44 -18.24
CA ILE E 59 -16.60 0.74 -18.57
C ILE E 59 -16.71 1.69 -17.38
N PHE E 60 -16.52 1.16 -16.18
CA PHE E 60 -16.59 1.99 -14.98
C PHE E 60 -15.22 2.23 -14.38
N GLU E 61 -14.21 2.16 -15.23
CA GLU E 61 -12.84 2.42 -14.79
C GLU E 61 -12.33 3.69 -15.44
N LEU E 62 -11.81 4.58 -14.62
CA LEU E 62 -11.35 5.89 -15.09
C LEU E 62 -10.22 5.84 -16.11
N PRO E 63 -9.21 4.96 -15.92
CA PRO E 63 -8.16 4.92 -16.95
C PRO E 63 -8.69 4.61 -18.34
N PHE E 64 -9.59 3.64 -18.43
N PHE E 64 -9.58 3.63 -18.44
CA PHE E 64 -10.17 3.28 -19.72
CA PHE E 64 -10.15 3.29 -19.73
C PHE E 64 -11.06 4.38 -20.26
C PHE E 64 -11.01 4.43 -20.26
N PHE E 65 -11.78 5.05 -19.36
CA PHE E 65 -12.64 6.17 -19.74
C PHE E 65 -11.82 7.30 -20.35
N PHE E 66 -10.68 7.60 -19.75
CA PHE E 66 -9.82 8.66 -20.25
C PHE E 66 -9.02 8.19 -21.46
N HIS E 67 -8.92 6.88 -21.64
CA HIS E 67 -8.37 6.35 -22.88
C HIS E 67 -9.40 6.43 -24.00
N ASN E 68 -10.63 6.07 -23.69
CA ASN E 68 -11.72 6.07 -24.65
C ASN E 68 -13.08 6.10 -23.95
N PRO E 69 -13.73 7.26 -23.92
CA PRO E 69 -15.00 7.44 -23.20
C PRO E 69 -16.24 6.94 -23.93
N LYS E 70 -16.10 6.47 -25.16
CA LYS E 70 -17.26 6.10 -25.96
C LYS E 70 -18.06 4.88 -25.47
N PRO E 71 -17.40 3.82 -24.97
CA PRO E 71 -18.21 2.70 -24.44
C PRO E 71 -19.14 3.10 -23.30
N PHE E 72 -18.58 3.83 -22.33
CA PHE E 72 -19.37 4.31 -21.23
C PHE E 72 -20.57 5.09 -21.73
N PHE E 73 -20.37 5.93 -22.73
CA PHE E 73 -21.46 6.74 -23.25
C PHE E 73 -22.43 5.92 -24.07
N THR E 74 -22.00 4.77 -24.55
CA THR E 74 -22.92 3.79 -25.14
C THR E 74 -23.88 3.34 -24.05
N LEU E 75 -23.31 2.94 -22.91
CA LEU E 75 -24.14 2.56 -21.78
C LEU E 75 -25.09 3.67 -21.33
N ALA E 76 -24.55 4.89 -21.21
CA ALA E 76 -25.31 6.05 -20.77
C ALA E 76 -26.46 6.33 -21.72
N LYS E 77 -26.17 6.26 -23.01
CA LYS E 77 -27.18 6.43 -24.04
C LYS E 77 -28.28 5.40 -23.86
N GLU E 78 -27.89 4.17 -23.55
CA GLU E 78 -28.92 3.14 -23.36
C GLU E 78 -29.79 3.41 -22.13
N LEU E 79 -29.17 3.85 -21.03
CA LEU E 79 -29.88 3.97 -19.76
C LEU E 79 -30.37 5.37 -19.39
N TYR E 80 -30.18 6.33 -20.29
CA TYR E 80 -30.57 7.72 -20.01
C TYR E 80 -32.07 7.81 -19.75
N PRO E 81 -32.47 8.68 -18.80
CA PRO E 81 -33.87 8.90 -18.41
C PRO E 81 -34.81 9.07 -19.61
N GLY E 82 -35.88 8.30 -19.63
CA GLY E 82 -36.84 8.35 -20.71
C GLY E 82 -36.96 7.02 -21.43
N ASN E 83 -35.83 6.35 -21.66
CA ASN E 83 -35.80 5.11 -22.42
C ASN E 83 -36.50 3.96 -21.71
N TYR E 84 -36.58 4.03 -20.39
CA TYR E 84 -37.19 2.96 -19.62
C TYR E 84 -38.14 3.52 -18.58
N LYS E 85 -39.12 2.72 -18.19
CA LYS E 85 -40.13 3.15 -17.24
C LYS E 85 -40.05 2.36 -15.94
N PRO E 86 -40.44 2.98 -14.82
CA PRO E 86 -40.51 2.28 -13.54
C PRO E 86 -41.55 1.17 -13.59
N ASN E 87 -41.40 0.14 -12.76
CA ASN E 87 -42.40 -0.91 -12.68
C ASN E 87 -43.10 -0.88 -11.33
N VAL E 88 -43.84 -1.93 -11.01
CA VAL E 88 -44.71 -1.93 -9.85
C VAL E 88 -43.98 -1.73 -8.51
N THR E 89 -42.75 -2.24 -8.41
CA THR E 89 -41.96 -2.11 -7.19
C THR E 89 -41.60 -0.65 -6.90
N HIS E 90 -41.08 0.03 -7.92
CA HIS E 90 -40.74 1.44 -7.81
C HIS E 90 -41.94 2.25 -7.33
N TYR E 91 -43.10 1.96 -7.89
CA TYR E 91 -44.31 2.68 -7.55
C TYR E 91 -44.85 2.32 -6.17
N PHE E 92 -44.55 1.11 -5.73
CA PHE E 92 -44.85 0.72 -4.35
C PHE E 92 -44.01 1.53 -3.39
N LEU E 93 -42.74 1.69 -3.70
CA LEU E 93 -41.86 2.50 -2.88
C LEU E 93 -42.30 3.96 -2.89
N ARG E 94 -42.76 4.42 -4.06
CA ARG E 94 -43.30 5.76 -4.20
C ARG E 94 -44.53 5.98 -3.32
N LEU E 95 -45.42 4.99 -3.32
CA LEU E 95 -46.62 5.07 -2.50
C LEU E 95 -46.24 5.06 -1.03
N LEU E 96 -45.23 4.27 -0.71
CA LEU E 96 -44.64 4.22 0.61
C LEU E 96 -44.20 5.60 1.05
N HIS E 97 -43.58 6.34 0.11
CA HIS E 97 -43.20 7.71 0.39
C HIS E 97 -44.40 8.64 0.58
N ASP E 98 -45.39 8.51 -0.30
CA ASP E 98 -46.57 9.39 -0.27
C ASP E 98 -47.39 9.28 1.01
N LYS E 99 -47.42 8.09 1.59
CA LYS E 99 -48.17 7.87 2.81
C LYS E 99 -47.32 8.21 4.05
N GLY E 100 -46.13 8.76 3.82
CA GLY E 100 -45.28 9.24 4.90
C GLY E 100 -44.57 8.15 5.70
N LEU E 101 -44.29 7.03 5.05
CA LEU E 101 -43.71 5.88 5.74
C LEU E 101 -42.25 5.63 5.37
N LEU E 102 -41.77 6.27 4.31
CA LEU E 102 -40.43 6.01 3.82
C LEU E 102 -39.40 6.92 4.46
N LEU E 103 -38.50 6.33 5.25
CA LEU E 103 -37.42 7.08 5.87
C LEU E 103 -36.31 7.34 4.88
N ARG E 104 -35.86 6.28 4.22
CA ARG E 104 -34.83 6.39 3.20
C ARG E 104 -34.78 5.15 2.32
N LEU E 105 -34.40 5.35 1.06
CA LEU E 105 -34.24 4.29 0.09
C LEU E 105 -32.82 4.28 -0.45
N TYR E 106 -32.07 3.23 -0.12
CA TYR E 106 -30.70 3.04 -0.59
C TYR E 106 -30.65 2.19 -1.84
N THR E 107 -30.13 2.72 -2.94
CA THR E 107 -30.13 1.94 -4.17
C THR E 107 -28.74 1.73 -4.76
N GLN E 108 -28.52 0.56 -5.34
CA GLN E 108 -27.27 0.24 -6.01
C GLN E 108 -27.40 0.43 -7.51
N ASN E 109 -28.63 0.65 -7.97
CA ASN E 109 -28.92 0.77 -9.38
C ASN E 109 -28.56 2.13 -9.94
N ILE E 110 -28.33 2.20 -11.24
CA ILE E 110 -28.02 3.48 -11.87
C ILE E 110 -29.05 3.82 -12.95
N ASP E 111 -30.16 3.09 -12.99
CA ASP E 111 -31.18 3.34 -14.00
C ASP E 111 -32.00 4.59 -13.69
N GLY E 112 -31.91 5.06 -12.47
CA GLY E 112 -32.56 6.29 -12.06
C GLY E 112 -34.07 6.19 -12.02
N LEU E 113 -34.60 4.98 -11.88
CA LEU E 113 -36.04 4.77 -11.92
C LEU E 113 -36.75 5.16 -10.63
N GLU E 114 -36.03 5.20 -9.51
CA GLU E 114 -36.61 5.66 -8.25
C GLU E 114 -37.01 7.12 -8.37
N ARG E 115 -36.12 7.89 -8.97
CA ARG E 115 -36.34 9.30 -9.20
C ARG E 115 -37.49 9.51 -10.18
N VAL E 116 -37.51 8.71 -11.25
CA VAL E 116 -38.54 8.83 -12.28
C VAL E 116 -39.94 8.52 -11.73
N SER E 117 -40.01 7.61 -10.76
CA SER E 117 -41.29 7.26 -10.17
C SER E 117 -41.83 8.37 -9.28
N GLY E 118 -41.01 9.37 -9.02
CA GLY E 118 -41.49 10.54 -8.30
C GLY E 118 -41.07 10.62 -6.84
N ILE E 119 -40.09 9.80 -6.46
CA ILE E 119 -39.52 9.88 -5.12
C ILE E 119 -38.48 10.97 -5.08
N PRO E 120 -38.64 11.93 -4.16
CA PRO E 120 -37.72 13.06 -4.08
C PRO E 120 -36.30 12.62 -3.74
N ALA E 121 -35.33 13.39 -4.24
CA ALA E 121 -33.93 13.06 -4.08
C ALA E 121 -33.49 12.89 -2.63
N SER E 122 -34.11 13.65 -1.74
CA SER E 122 -33.76 13.64 -0.32
C SER E 122 -34.09 12.31 0.36
N LYS E 123 -35.02 11.57 -0.22
CA LYS E 123 -35.40 10.27 0.30
C LYS E 123 -34.51 9.21 -0.29
N LEU E 124 -33.69 9.62 -1.24
CA LEU E 124 -32.85 8.68 -1.96
C LEU E 124 -31.40 8.72 -1.54
N VAL E 125 -30.77 7.55 -1.55
CA VAL E 125 -29.33 7.47 -1.53
C VAL E 125 -28.93 6.65 -2.74
N GLU E 126 -28.52 7.34 -3.79
CA GLU E 126 -28.06 6.70 -5.01
C GLU E 126 -26.59 6.40 -4.85
N ALA E 127 -26.31 5.21 -4.32
CA ALA E 127 -24.97 4.87 -3.87
C ALA E 127 -23.98 4.65 -5.00
N HIS E 128 -24.47 4.43 -6.21
CA HIS E 128 -23.56 4.28 -7.33
C HIS E 128 -23.69 5.44 -8.32
N GLY E 129 -24.34 6.51 -7.87
CA GLY E 129 -24.41 7.70 -8.68
C GLY E 129 -25.64 7.75 -9.56
N THR E 130 -25.66 8.68 -10.50
CA THR E 130 -26.83 8.88 -11.35
C THR E 130 -26.48 9.52 -12.69
N PHE E 131 -27.37 9.31 -13.65
CA PHE E 131 -27.28 9.96 -14.96
C PHE E 131 -28.05 11.27 -14.97
N ALA E 132 -28.73 11.56 -13.87
CA ALA E 132 -29.56 12.76 -13.78
C ALA E 132 -28.72 14.03 -13.74
N SER E 133 -27.45 13.90 -13.37
CA SER E 133 -26.58 15.06 -13.34
C SER E 133 -25.19 14.66 -13.81
N ALA E 134 -24.41 15.64 -14.22
CA ALA E 134 -23.07 15.38 -14.74
C ALA E 134 -22.09 16.42 -14.23
N THR E 135 -20.80 16.08 -14.32
CA THR E 135 -19.74 16.98 -13.89
C THR E 135 -18.64 17.00 -14.93
N CYS E 136 -18.15 18.18 -15.26
CA CYS E 136 -17.05 18.27 -16.20
C CYS E 136 -15.76 17.78 -15.56
N THR E 137 -15.04 16.94 -16.29
CA THR E 137 -13.84 16.29 -15.77
C THR E 137 -12.66 17.25 -15.60
N VAL E 138 -12.74 18.40 -16.22
CA VAL E 138 -11.63 19.35 -16.17
C VAL E 138 -11.87 20.50 -15.19
N CYS E 139 -12.96 21.23 -15.36
CA CYS E 139 -13.17 22.42 -14.54
C CYS E 139 -14.19 22.20 -13.42
N GLN E 140 -14.72 20.98 -13.34
CA GLN E 140 -15.60 20.54 -12.26
C GLN E 140 -16.97 21.23 -12.20
N ARG E 141 -17.32 21.95 -13.26
CA ARG E 141 -18.63 22.57 -13.31
C ARG E 141 -19.74 21.52 -13.37
N PRO E 142 -20.79 21.71 -12.58
CA PRO E 142 -21.95 20.81 -12.58
C PRO E 142 -22.90 21.14 -13.72
N PHE E 143 -23.56 20.11 -14.26
CA PHE E 143 -24.54 20.30 -15.31
C PHE E 143 -25.72 19.38 -15.07
N PRO E 144 -26.93 19.86 -15.36
CA PRO E 144 -28.08 18.95 -15.37
C PRO E 144 -27.91 17.93 -16.49
N GLY E 145 -28.46 16.74 -16.34
CA GLY E 145 -28.35 15.72 -17.36
C GLY E 145 -28.82 16.20 -18.72
N GLU E 146 -29.96 16.89 -18.71
CA GLU E 146 -30.57 17.42 -19.95
C GLU E 146 -29.58 18.20 -20.80
N ASP E 147 -28.72 18.96 -20.12
CA ASP E 147 -27.77 19.82 -20.80
C ASP E 147 -26.91 19.04 -21.80
N ILE E 148 -26.68 17.76 -21.55
CA ILE E 148 -25.85 16.98 -22.47
C ILE E 148 -26.65 15.92 -23.21
N ARG E 149 -27.94 15.83 -22.91
CA ARG E 149 -28.80 14.79 -23.47
C ARG E 149 -28.63 14.64 -24.98
N ALA E 150 -28.80 15.75 -25.70
CA ALA E 150 -28.64 15.75 -27.15
C ALA E 150 -27.33 15.08 -27.56
N ASP E 151 -26.23 15.55 -26.99
CA ASP E 151 -24.92 15.00 -27.33
C ASP E 151 -24.90 13.50 -27.11
N VAL E 152 -25.48 13.06 -26.00
CA VAL E 152 -25.49 11.64 -25.69
C VAL E 152 -26.33 10.87 -26.69
N MET E 153 -27.43 11.47 -27.12
CA MET E 153 -28.35 10.74 -28.00
C MET E 153 -27.87 10.75 -29.44
N ALA E 154 -26.88 11.58 -29.72
CA ALA E 154 -26.33 11.70 -31.06
C ALA E 154 -24.97 11.03 -31.14
N ASP E 155 -24.65 10.21 -30.14
CA ASP E 155 -23.38 9.50 -30.05
C ASP E 155 -22.18 10.45 -30.06
N ARG E 156 -22.41 11.68 -29.61
CA ARG E 156 -21.34 12.66 -29.47
C ARG E 156 -20.84 12.71 -28.03
N VAL E 157 -19.53 12.87 -27.86
CA VAL E 157 -18.97 13.03 -26.53
C VAL E 157 -19.15 14.46 -26.05
N PRO E 158 -19.91 14.64 -24.96
CA PRO E 158 -20.29 15.94 -24.41
C PRO E 158 -19.08 16.75 -23.99
N ARG E 159 -18.99 17.97 -24.49
CA ARG E 159 -17.85 18.82 -24.19
C ARG E 159 -18.34 20.01 -23.37
N CYS E 160 -17.52 20.44 -22.43
CA CYS E 160 -17.92 21.54 -21.57
C CYS E 160 -18.01 22.83 -22.36
N PRO E 161 -19.08 23.61 -22.16
CA PRO E 161 -19.19 24.88 -22.87
C PRO E 161 -18.08 25.87 -22.50
N VAL E 162 -17.46 25.67 -21.35
CA VAL E 162 -16.44 26.60 -20.89
C VAL E 162 -15.04 26.23 -21.34
N CYS E 163 -14.60 25.03 -20.99
CA CYS E 163 -13.21 24.64 -21.25
C CYS E 163 -13.06 23.50 -22.25
N THR E 164 -14.20 22.99 -22.73
CA THR E 164 -14.27 21.91 -23.72
C THR E 164 -13.84 20.53 -23.20
N GLY E 165 -13.68 20.40 -21.89
CA GLY E 165 -13.39 19.10 -21.30
C GLY E 165 -14.59 18.18 -21.36
N VAL E 166 -14.36 16.89 -21.20
CA VAL E 166 -15.45 15.91 -21.23
C VAL E 166 -16.39 16.08 -20.04
N VAL E 167 -17.68 16.14 -20.33
CA VAL E 167 -18.68 16.21 -19.27
C VAL E 167 -19.18 14.80 -18.99
N LYS E 168 -18.91 14.32 -17.78
CA LYS E 168 -19.19 12.94 -17.40
C LYS E 168 -20.35 12.83 -16.43
N PRO E 169 -21.34 11.99 -16.76
CA PRO E 169 -22.49 11.69 -15.89
C PRO E 169 -22.03 11.28 -14.50
N ASP E 170 -22.84 11.55 -13.47
CA ASP E 170 -22.36 11.38 -12.09
C ASP E 170 -22.46 9.94 -11.62
N ILE E 171 -22.00 9.02 -12.46
CA ILE E 171 -21.94 7.61 -12.10
C ILE E 171 -20.65 7.35 -11.33
N VAL E 172 -20.73 6.63 -10.23
CA VAL E 172 -19.54 6.35 -9.43
C VAL E 172 -18.70 5.26 -10.07
N PHE E 173 -17.45 5.59 -10.38
CA PHE E 173 -16.53 4.65 -11.01
C PHE E 173 -15.72 3.86 -9.99
N PHE E 174 -15.13 2.76 -10.44
CA PHE E 174 -14.35 1.93 -9.54
C PHE E 174 -13.14 2.70 -9.03
N GLY E 175 -12.93 2.63 -7.72
CA GLY E 175 -11.84 3.34 -7.09
C GLY E 175 -12.33 4.64 -6.49
N GLU E 176 -13.37 5.21 -7.08
CA GLU E 176 -13.94 6.45 -6.58
C GLU E 176 -14.69 6.24 -5.27
N PRO E 177 -14.73 7.26 -4.42
CA PRO E 177 -15.51 7.17 -3.20
C PRO E 177 -17.01 7.13 -3.47
N LEU E 178 -17.73 6.42 -2.61
CA LEU E 178 -19.19 6.44 -2.64
C LEU E 178 -19.64 7.86 -2.36
N PRO E 179 -20.85 8.23 -2.81
CA PRO E 179 -21.35 9.58 -2.56
C PRO E 179 -21.45 9.93 -1.08
N GLN E 180 -21.36 11.22 -0.79
CA GLN E 180 -21.40 11.73 0.57
C GLN E 180 -22.67 11.27 1.29
N ARG E 181 -23.78 11.28 0.56
CA ARG E 181 -25.08 10.96 1.14
C ARG E 181 -25.14 9.54 1.68
N PHE E 182 -24.24 8.67 1.24
CA PHE E 182 -24.16 7.32 1.79
C PHE E 182 -24.02 7.36 3.31
N LEU E 183 -23.27 8.35 3.81
CA LEU E 183 -23.03 8.42 5.24
C LEU E 183 -24.31 8.64 6.04
N LEU E 184 -25.40 8.98 5.37
CA LEU E 184 -26.69 9.08 6.04
C LEU E 184 -27.05 7.78 6.75
N HIS E 185 -26.45 6.67 6.31
CA HIS E 185 -26.74 5.38 6.93
C HIS E 185 -26.49 5.45 8.44
N VAL E 186 -25.48 6.23 8.83
CA VAL E 186 -25.12 6.39 10.22
C VAL E 186 -26.32 6.73 11.10
N VAL E 187 -27.23 7.55 10.58
CA VAL E 187 -28.41 7.90 11.35
C VAL E 187 -29.65 7.15 10.89
N ASP E 188 -29.63 6.60 9.69
CA ASP E 188 -30.87 6.08 9.14
C ASP E 188 -31.18 4.72 9.72
N PHE E 189 -30.16 3.89 9.83
CA PHE E 189 -30.38 2.52 10.27
C PHE E 189 -30.70 2.35 11.76
N PRO E 190 -30.08 3.17 12.64
CA PRO E 190 -30.55 3.06 14.03
C PRO E 190 -31.97 3.56 14.22
N MET E 191 -32.44 4.39 13.29
CA MET E 191 -33.74 5.04 13.39
C MET E 191 -34.83 4.19 12.74
N ALA E 192 -34.43 3.22 11.93
CA ALA E 192 -35.38 2.37 11.20
C ALA E 192 -36.23 1.50 12.12
N ASP E 193 -37.52 1.36 11.82
CA ASP E 193 -38.36 0.40 12.55
C ASP E 193 -38.78 -0.74 11.62
N LEU E 194 -38.32 -0.69 10.38
CA LEU E 194 -38.53 -1.76 9.43
C LEU E 194 -37.45 -1.71 8.35
N LEU E 195 -36.85 -2.85 8.07
CA LEU E 195 -35.86 -2.93 6.99
C LEU E 195 -36.43 -3.74 5.84
N LEU E 196 -36.49 -3.12 4.67
CA LEU E 196 -37.05 -3.78 3.49
C LEU E 196 -35.94 -4.01 2.48
N ILE E 197 -35.74 -5.26 2.07
CA ILE E 197 -34.67 -5.57 1.12
C ILE E 197 -35.22 -6.19 -0.15
N LEU E 198 -35.05 -5.52 -1.28
CA LEU E 198 -35.68 -5.93 -2.53
C LEU E 198 -34.72 -6.13 -3.69
N GLY E 199 -34.77 -7.32 -4.29
CA GLY E 199 -34.07 -7.59 -5.52
C GLY E 199 -32.57 -7.47 -5.41
N THR E 200 -32.03 -7.87 -4.28
CA THR E 200 -30.59 -7.86 -4.07
C THR E 200 -30.19 -8.90 -3.03
N SER E 201 -29.08 -9.58 -3.28
CA SER E 201 -28.56 -10.55 -2.33
C SER E 201 -27.79 -9.86 -1.22
N LEU E 202 -27.30 -8.66 -1.54
CA LEU E 202 -26.50 -7.85 -0.62
C LEU E 202 -25.27 -8.61 -0.15
N GLU E 203 -24.55 -9.21 -1.09
CA GLU E 203 -23.37 -9.99 -0.77
C GLU E 203 -22.11 -9.13 -0.82
N VAL E 204 -22.24 -7.92 -1.36
CA VAL E 204 -21.12 -7.01 -1.53
C VAL E 204 -21.13 -5.88 -0.50
N GLU E 205 -19.98 -5.63 0.12
CA GLU E 205 -19.80 -4.53 1.05
C GLU E 205 -19.80 -3.20 0.30
N PRO E 206 -20.17 -2.11 0.98
CA PRO E 206 -20.54 -2.00 2.40
C PRO E 206 -22.02 -2.28 2.69
N PHE E 207 -22.77 -2.69 1.68
CA PHE E 207 -24.22 -2.92 1.82
C PHE E 207 -24.55 -4.14 2.66
N ALA E 208 -23.73 -5.17 2.53
CA ALA E 208 -23.93 -6.40 3.28
C ALA E 208 -24.02 -6.13 4.78
N SER E 209 -23.06 -5.38 5.30
CA SER E 209 -22.99 -5.10 6.74
C SER E 209 -24.13 -4.19 7.22
N LEU E 210 -24.70 -3.42 6.31
CA LEU E 210 -25.80 -2.52 6.66
C LEU E 210 -27.04 -3.28 7.11
N THR E 211 -27.16 -4.53 6.69
CA THR E 211 -28.28 -5.36 7.10
C THR E 211 -28.29 -5.64 8.59
N GLU E 212 -27.15 -5.44 9.24
CA GLU E 212 -27.04 -5.72 10.66
C GLU E 212 -27.00 -4.43 11.46
N ALA E 213 -27.16 -3.31 10.78
CA ALA E 213 -27.06 -2.00 11.40
C ALA E 213 -28.37 -1.60 12.06
N VAL E 214 -29.46 -2.29 11.73
CA VAL E 214 -30.74 -2.06 12.40
C VAL E 214 -30.76 -2.73 13.77
N ARG E 215 -31.57 -2.20 14.68
CA ARG E 215 -31.67 -2.73 16.01
C ARG E 215 -32.23 -4.15 15.97
N SER E 216 -31.94 -4.95 17.00
CA SER E 216 -32.28 -6.37 16.96
C SER E 216 -33.78 -6.68 16.90
N SER E 217 -34.62 -5.80 17.44
CA SER E 217 -36.06 -6.03 17.43
C SER E 217 -36.68 -5.67 16.09
N VAL E 218 -35.91 -5.05 15.22
CA VAL E 218 -36.44 -4.53 13.96
C VAL E 218 -36.57 -5.63 12.91
N PRO E 219 -37.78 -5.81 12.36
CA PRO E 219 -38.04 -6.81 11.32
C PRO E 219 -37.33 -6.50 10.00
N ARG E 220 -36.77 -7.55 9.42
CA ARG E 220 -36.13 -7.43 8.13
C ARG E 220 -36.85 -8.31 7.12
N LEU E 221 -37.52 -7.67 6.17
CA LEU E 221 -38.29 -8.38 5.17
C LEU E 221 -37.54 -8.45 3.86
N LEU E 222 -37.19 -9.67 3.47
CA LEU E 222 -36.49 -9.88 2.22
C LEU E 222 -37.42 -10.38 1.14
N ILE E 223 -37.54 -9.61 0.07
CA ILE E 223 -38.30 -10.03 -1.09
C ILE E 223 -37.32 -10.22 -2.23
N ASN E 224 -36.90 -11.47 -2.43
CA ASN E 224 -35.82 -11.77 -3.35
C ASN E 224 -35.99 -13.15 -3.97
N ARG E 225 -35.18 -13.46 -4.97
CA ARG E 225 -35.23 -14.77 -5.59
C ARG E 225 -34.75 -15.82 -4.60
N ASP E 226 -33.63 -15.53 -3.94
CA ASP E 226 -32.97 -16.47 -3.00
C ASP E 226 -32.77 -15.88 -1.60
N LEU E 227 -32.60 -16.76 -0.62
CA LEU E 227 -32.17 -16.36 0.71
C LEU E 227 -30.67 -16.62 0.88
N VAL E 228 -29.85 -15.64 0.51
CA VAL E 228 -28.40 -15.72 0.67
C VAL E 228 -27.90 -14.41 1.25
N GLY E 229 -26.62 -14.33 1.56
CA GLY E 229 -26.03 -13.13 2.12
C GLY E 229 -26.13 -13.10 3.64
N PRO E 230 -25.92 -11.92 4.23
CA PRO E 230 -25.91 -11.72 5.68
C PRO E 230 -27.21 -12.10 6.37
N LEU E 231 -28.33 -12.08 5.66
CA LEU E 231 -29.60 -12.50 6.26
C LEU E 231 -29.69 -14.01 6.38
N ALA E 232 -28.98 -14.72 5.50
CA ALA E 232 -28.94 -16.17 5.57
C ALA E 232 -27.91 -16.59 6.61
N TRP E 233 -26.80 -15.88 6.66
CA TRP E 233 -25.70 -16.22 7.55
C TRP E 233 -25.99 -15.82 9.00
N HIS E 234 -26.55 -14.64 9.18
CA HIS E 234 -26.88 -14.14 10.51
C HIS E 234 -28.37 -13.83 10.63
N PRO E 235 -29.21 -14.87 10.69
CA PRO E 235 -30.66 -14.67 10.77
C PRO E 235 -31.11 -14.10 12.11
N ARG E 236 -32.17 -13.31 12.11
CA ARG E 236 -32.76 -12.81 13.33
C ARG E 236 -34.19 -13.31 13.44
N SER E 237 -34.73 -13.33 14.66
CA SER E 237 -36.02 -13.97 14.91
C SER E 237 -37.17 -13.33 14.14
N ARG E 238 -37.05 -12.04 13.83
CA ARG E 238 -38.10 -11.33 13.12
C ARG E 238 -37.81 -11.10 11.65
N ASP E 239 -37.01 -11.98 11.05
CA ASP E 239 -36.80 -11.91 9.62
C ASP E 239 -37.97 -12.56 8.91
N VAL E 240 -38.35 -11.98 7.77
CA VAL E 240 -39.39 -12.55 6.94
C VAL E 240 -38.86 -12.63 5.52
N ALA E 241 -39.01 -13.80 4.89
CA ALA E 241 -38.53 -13.97 3.53
C ALA E 241 -39.68 -14.31 2.59
N GLN E 242 -39.90 -13.45 1.62
CA GLN E 242 -40.88 -13.71 0.57
C GLN E 242 -40.12 -14.08 -0.68
N LEU E 243 -39.71 -15.35 -0.77
CA LEU E 243 -38.87 -15.82 -1.85
C LEU E 243 -39.66 -16.05 -3.13
N GLY E 244 -39.00 -15.87 -4.26
CA GLY E 244 -39.65 -16.00 -5.55
C GLY E 244 -39.50 -14.74 -6.36
N ASP E 245 -40.34 -14.61 -7.38
CA ASP E 245 -40.34 -13.41 -8.22
C ASP E 245 -40.60 -12.15 -7.39
N VAL E 246 -39.82 -11.10 -7.64
CA VAL E 246 -39.91 -9.87 -6.87
C VAL E 246 -41.25 -9.16 -7.05
N VAL E 247 -41.68 -9.02 -8.30
CA VAL E 247 -42.97 -8.41 -8.64
C VAL E 247 -44.13 -9.12 -7.95
N HIS E 248 -44.10 -10.45 -7.98
CA HIS E 248 -45.14 -11.23 -7.34
C HIS E 248 -45.24 -10.95 -5.85
N GLY E 249 -44.09 -10.96 -5.17
CA GLY E 249 -44.04 -10.70 -3.74
C GLY E 249 -44.49 -9.30 -3.36
N VAL E 250 -44.01 -8.32 -4.11
CA VAL E 250 -44.40 -6.93 -3.87
C VAL E 250 -45.90 -6.76 -4.06
N GLU E 251 -46.45 -7.34 -5.13
CA GLU E 251 -47.89 -7.27 -5.37
C GLU E 251 -48.66 -7.93 -4.23
N SER E 252 -48.14 -9.05 -3.73
CA SER E 252 -48.73 -9.72 -2.59
C SER E 252 -48.80 -8.80 -1.38
N LEU E 253 -47.68 -8.14 -1.09
CA LEU E 253 -47.63 -7.23 0.04
C LEU E 253 -48.59 -6.05 -0.15
N VAL E 254 -48.66 -5.54 -1.38
CA VAL E 254 -49.54 -4.43 -1.71
C VAL E 254 -51.00 -4.80 -1.47
N GLU E 255 -51.37 -6.01 -1.88
CA GLU E 255 -52.72 -6.49 -1.61
C GLU E 255 -52.97 -6.64 -0.10
N LEU E 256 -52.04 -7.27 0.61
CA LEU E 256 -52.19 -7.45 2.06
C LEU E 256 -52.32 -6.11 2.80
N LEU E 257 -51.72 -5.08 2.23
CA LEU E 257 -51.83 -3.73 2.77
C LEU E 257 -53.14 -3.09 2.38
N GLY E 258 -53.78 -3.61 1.32
CA GLY E 258 -55.01 -3.04 0.82
C GLY E 258 -54.79 -1.78 0.00
N TRP E 259 -53.68 -1.73 -0.72
CA TRP E 259 -53.31 -0.55 -1.49
C TRP E 259 -53.48 -0.69 -3.00
N THR E 260 -54.06 -1.80 -3.43
CA THR E 260 -54.16 -2.15 -4.84
C THR E 260 -54.83 -1.08 -5.71
N GLU E 261 -55.95 -0.53 -5.25
CA GLU E 261 -56.62 0.53 -6.01
C GLU E 261 -55.78 1.79 -6.07
N GLU E 262 -55.29 2.19 -4.91
CA GLU E 262 -54.42 3.36 -4.81
C GLU E 262 -53.20 3.18 -5.71
N MET E 263 -52.72 1.94 -5.77
CA MET E 263 -51.58 1.59 -6.58
C MET E 263 -51.86 1.68 -8.08
N ARG E 264 -52.95 1.08 -8.53
CA ARG E 264 -53.31 1.17 -9.95
C ARG E 264 -53.58 2.61 -10.34
N ASP E 265 -54.19 3.36 -9.44
CA ASP E 265 -54.50 4.77 -9.68
C ASP E 265 -53.20 5.53 -9.89
N LEU E 266 -52.26 5.29 -8.98
CA LEU E 266 -50.95 5.91 -9.04
C LEU E 266 -50.22 5.59 -10.35
N VAL E 267 -50.19 4.31 -10.71
CA VAL E 267 -49.53 3.87 -11.93
C VAL E 267 -50.18 4.47 -13.17
N GLN E 268 -51.50 4.56 -13.18
CA GLN E 268 -52.24 5.15 -14.28
C GLN E 268 -51.85 6.62 -14.44
N ARG E 269 -51.89 7.35 -13.33
CA ARG E 269 -51.56 8.77 -13.37
C ARG E 269 -50.14 8.99 -13.85
N GLU E 270 -49.21 8.21 -13.31
CA GLU E 270 -47.78 8.43 -13.58
C GLU E 270 -47.34 7.96 -14.97
N THR E 271 -47.88 6.86 -15.46
CA THR E 271 -47.61 6.43 -16.82
C THR E 271 -48.29 7.42 -17.78
N GLY E 272 -49.40 7.99 -17.31
CA GLY E 272 -50.09 9.03 -18.05
C GLY E 272 -49.22 10.26 -18.19
N LYS E 273 -48.47 10.57 -17.13
CA LYS E 273 -47.59 11.74 -17.12
C LYS E 273 -46.38 11.60 -18.05
N LEU E 274 -46.01 10.37 -18.37
CA LEU E 274 -44.85 10.12 -19.22
C LEU E 274 -45.26 9.90 -20.68
N GLY F 1 -15.39 -21.45 -40.73
CA GLY F 1 -16.41 -22.40 -40.32
C GLY F 1 -16.46 -22.63 -38.83
N LYS F 2 -17.67 -22.84 -38.31
CA LYS F 2 -17.88 -23.07 -36.90
C LYS F 2 -17.79 -24.54 -36.60
N LEU F 3 -17.32 -24.87 -35.40
CA LEU F 3 -17.13 -26.26 -35.02
C LEU F 3 -18.28 -26.76 -34.17
N SER F 4 -18.55 -28.06 -34.23
CA SER F 4 -19.57 -28.66 -33.39
C SER F 4 -18.92 -29.54 -32.34
N LEU F 5 -19.72 -30.01 -31.39
CA LEU F 5 -19.25 -30.93 -30.37
C LEU F 5 -18.72 -32.21 -31.02
N GLN F 6 -19.45 -32.67 -32.03
CA GLN F 6 -19.07 -33.87 -32.77
C GLN F 6 -17.74 -33.68 -33.47
N ASP F 7 -17.49 -32.48 -33.97
CA ASP F 7 -16.22 -32.15 -34.60
C ASP F 7 -15.07 -32.34 -33.60
N VAL F 8 -15.29 -31.88 -32.37
CA VAL F 8 -14.30 -32.02 -31.32
C VAL F 8 -14.08 -33.48 -31.02
N ALA F 9 -15.17 -34.23 -30.87
CA ALA F 9 -15.10 -35.67 -30.62
C ALA F 9 -14.24 -36.36 -31.67
N GLU F 10 -14.48 -36.03 -32.93
CA GLU F 10 -13.76 -36.66 -34.03
C GLU F 10 -12.29 -36.24 -34.01
N LEU F 11 -12.04 -35.00 -33.63
CA LEU F 11 -10.67 -34.51 -33.44
C LEU F 11 -9.94 -35.35 -32.39
N ILE F 12 -10.64 -35.70 -31.32
CA ILE F 12 -10.06 -36.50 -30.26
C ILE F 12 -9.83 -37.94 -30.69
N ARG F 13 -10.80 -38.52 -31.39
CA ARG F 13 -10.71 -39.90 -31.85
C ARG F 13 -9.53 -40.09 -32.81
N ALA F 14 -9.27 -39.07 -33.62
CA ALA F 14 -8.15 -39.11 -34.55
C ALA F 14 -6.83 -38.74 -33.89
N ARG F 15 -6.88 -38.38 -32.61
CA ARG F 15 -5.71 -37.91 -31.89
C ARG F 15 -5.02 -36.74 -32.57
N ALA F 16 -5.80 -35.91 -33.26
CA ALA F 16 -5.32 -34.63 -33.74
C ALA F 16 -5.23 -33.73 -32.52
N CYS F 17 -5.98 -34.09 -31.49
CA CYS F 17 -5.89 -33.46 -30.18
C CYS F 17 -5.47 -34.49 -29.13
N GLN F 18 -4.22 -34.43 -28.69
CA GLN F 18 -3.73 -35.39 -27.70
C GLN F 18 -3.01 -34.68 -26.56
N ARG F 19 -3.09 -33.36 -26.54
CA ARG F 19 -2.51 -32.57 -25.47
C ARG F 19 -3.57 -31.65 -24.90
N VAL F 20 -4.56 -32.26 -24.24
CA VAL F 20 -5.72 -31.53 -23.75
C VAL F 20 -5.44 -30.88 -22.40
N VAL F 21 -5.69 -29.58 -22.30
CA VAL F 21 -5.60 -28.90 -21.02
C VAL F 21 -7.01 -28.60 -20.52
N VAL F 22 -7.29 -28.98 -19.27
CA VAL F 22 -8.64 -28.85 -18.71
C VAL F 22 -8.69 -27.90 -17.50
N MET F 23 -9.73 -27.06 -17.47
CA MET F 23 -10.00 -26.16 -16.36
C MET F 23 -11.39 -26.43 -15.80
N VAL F 24 -11.49 -26.73 -14.52
CA VAL F 24 -12.78 -27.07 -13.93
C VAL F 24 -13.07 -26.22 -12.71
N GLY F 25 -14.36 -26.12 -12.37
CA GLY F 25 -14.80 -25.34 -11.22
C GLY F 25 -15.86 -26.09 -10.43
N ALA F 26 -16.60 -25.36 -9.61
CA ALA F 26 -17.55 -25.96 -8.67
C ALA F 26 -18.64 -26.77 -9.37
N GLY F 27 -18.94 -26.41 -10.61
CA GLY F 27 -20.01 -27.04 -11.36
C GLY F 27 -19.93 -28.53 -11.53
N ILE F 28 -18.72 -29.06 -11.66
CA ILE F 28 -18.55 -30.48 -11.92
C ILE F 28 -18.70 -31.32 -10.65
N SER F 29 -18.72 -30.68 -9.49
CA SER F 29 -18.74 -31.42 -8.24
C SER F 29 -20.07 -31.40 -7.51
N THR F 30 -20.98 -30.52 -7.92
CA THR F 30 -22.29 -30.49 -7.28
C THR F 30 -23.13 -31.77 -7.53
N PRO F 31 -22.96 -32.44 -8.69
CA PRO F 31 -23.64 -33.74 -8.78
C PRO F 31 -23.14 -34.78 -7.78
N SER F 32 -21.99 -34.54 -7.16
CA SER F 32 -21.47 -35.46 -6.16
C SER F 32 -22.03 -35.14 -4.78
N GLY F 33 -22.80 -34.07 -4.68
CA GLY F 33 -23.45 -33.70 -3.44
C GLY F 33 -22.61 -32.82 -2.55
N ILE F 34 -21.54 -32.24 -3.12
CA ILE F 34 -20.66 -31.35 -2.39
C ILE F 34 -21.39 -30.09 -1.97
N PRO F 35 -21.51 -29.88 -0.65
CA PRO F 35 -22.24 -28.72 -0.14
C PRO F 35 -21.49 -27.42 -0.31
N ASP F 36 -22.20 -26.39 -0.75
CA ASP F 36 -21.63 -25.05 -0.81
C ASP F 36 -21.65 -24.47 0.58
N PHE F 37 -20.49 -24.17 1.13
CA PHE F 37 -20.38 -23.68 2.49
C PHE F 37 -20.95 -22.27 2.60
N ARG F 38 -21.13 -21.63 1.44
N ARG F 38 -21.10 -21.60 1.45
CA ARG F 38 -21.65 -20.26 1.36
CA ARG F 38 -21.66 -20.25 1.41
C ARG F 38 -23.17 -20.26 1.38
C ARG F 38 -23.18 -20.27 1.41
N SER F 39 -23.76 -21.37 0.93
CA SER F 39 -25.21 -21.48 0.76
C SER F 39 -25.89 -22.25 1.88
N PRO F 40 -26.96 -21.68 2.45
CA PRO F 40 -27.77 -22.31 3.49
C PRO F 40 -28.48 -23.57 3.00
N GLY F 41 -28.77 -24.49 3.90
CA GLY F 41 -29.48 -25.70 3.53
C GLY F 41 -28.73 -27.01 3.75
N SER F 42 -27.42 -26.91 3.90
CA SER F 42 -26.61 -28.10 4.16
C SER F 42 -26.28 -28.24 5.64
N GLY F 43 -25.93 -29.44 6.06
CA GLY F 43 -25.56 -29.70 7.44
C GLY F 43 -24.24 -28.99 7.77
N LEU F 44 -23.40 -28.85 6.76
CA LEU F 44 -22.14 -28.13 6.92
C LEU F 44 -22.38 -26.67 7.27
N TYR F 45 -23.30 -26.03 6.55
CA TYR F 45 -23.68 -24.65 6.77
C TYR F 45 -24.18 -24.46 8.19
N SER F 46 -25.09 -25.35 8.59
CA SER F 46 -25.65 -25.34 9.93
C SER F 46 -24.55 -25.46 10.98
N ASN F 47 -23.66 -26.44 10.81
CA ASN F 47 -22.54 -26.61 11.72
C ASN F 47 -21.61 -25.40 11.79
N LEU F 48 -21.47 -24.69 10.67
CA LEU F 48 -20.63 -23.51 10.59
C LEU F 48 -21.29 -22.29 11.23
N GLN F 49 -22.62 -22.28 11.30
CA GLN F 49 -23.29 -21.18 11.99
C GLN F 49 -23.05 -21.21 13.50
N GLN F 50 -22.53 -22.33 13.98
CA GLN F 50 -22.21 -22.51 15.40
C GLN F 50 -21.15 -21.54 15.93
N TYR F 51 -20.33 -21.01 15.03
CA TYR F 51 -19.20 -20.19 15.45
C TYR F 51 -19.42 -18.69 15.24
N ASP F 52 -18.50 -17.88 15.75
CA ASP F 52 -18.62 -16.44 15.68
C ASP F 52 -18.04 -15.90 14.37
N LEU F 53 -18.37 -16.54 13.26
CA LEU F 53 -17.88 -16.12 11.96
C LEU F 53 -18.71 -14.96 11.39
N PRO F 54 -18.04 -13.89 10.95
CA PRO F 54 -18.70 -12.73 10.34
C PRO F 54 -19.24 -13.02 8.96
N TYR F 55 -18.62 -13.97 8.27
CA TYR F 55 -19.06 -14.40 6.95
C TYR F 55 -18.35 -15.72 6.68
N PRO F 56 -18.91 -16.54 5.78
CA PRO F 56 -18.34 -17.87 5.51
C PRO F 56 -16.86 -17.83 5.15
N GLU F 57 -16.48 -16.89 4.30
CA GLU F 57 -15.12 -16.81 3.80
C GLU F 57 -14.06 -16.72 4.88
N ALA F 58 -14.49 -16.35 6.09
CA ALA F 58 -13.57 -16.25 7.21
C ALA F 58 -12.97 -17.58 7.61
N ILE F 59 -13.56 -18.70 7.17
CA ILE F 59 -12.94 -20.00 7.46
C ILE F 59 -11.66 -20.16 6.65
N PHE F 60 -11.49 -19.34 5.63
CA PHE F 60 -10.28 -19.38 4.84
C PHE F 60 -9.40 -18.15 5.08
N GLU F 61 -9.53 -17.54 6.25
CA GLU F 61 -8.68 -16.42 6.60
C GLU F 61 -7.76 -16.78 7.76
N LEU F 62 -6.47 -16.50 7.60
CA LEU F 62 -5.48 -16.87 8.60
C LEU F 62 -5.67 -16.21 9.98
N PRO F 63 -5.99 -14.91 10.04
CA PRO F 63 -6.22 -14.36 11.38
C PRO F 63 -7.32 -15.09 12.15
N PHE F 64 -8.41 -15.43 11.48
CA PHE F 64 -9.47 -16.18 12.13
C PHE F 64 -9.03 -17.60 12.47
N PHE F 65 -8.22 -18.20 11.59
CA PHE F 65 -7.73 -19.54 11.81
C PHE F 65 -6.88 -19.59 13.07
N PHE F 66 -6.04 -18.59 13.24
CA PHE F 66 -5.15 -18.52 14.38
C PHE F 66 -5.91 -18.07 15.61
N HIS F 67 -7.07 -17.44 15.39
CA HIS F 67 -7.94 -17.13 16.52
C HIS F 67 -8.71 -18.37 16.96
N ASN F 68 -9.23 -19.12 15.99
CA ASN F 68 -9.98 -20.35 16.27
C ASN F 68 -10.01 -21.25 15.03
N PRO F 69 -9.23 -22.33 15.06
CA PRO F 69 -9.07 -23.23 13.92
C PRO F 69 -10.21 -24.24 13.75
N LYS F 70 -11.15 -24.25 14.69
CA LYS F 70 -12.20 -25.27 14.67
C LYS F 70 -13.19 -25.19 13.49
N PRO F 71 -13.62 -23.98 13.08
CA PRO F 71 -14.49 -23.95 11.91
C PRO F 71 -13.88 -24.56 10.65
N PHE F 72 -12.64 -24.17 10.36
CA PHE F 72 -11.94 -24.71 9.21
C PHE F 72 -11.86 -26.22 9.29
N PHE F 73 -11.58 -26.76 10.46
CA PHE F 73 -11.44 -28.20 10.58
C PHE F 73 -12.80 -28.90 10.56
N THR F 74 -13.87 -28.17 10.83
CA THR F 74 -15.21 -28.66 10.58
C THR F 74 -15.38 -28.87 9.09
N LEU F 75 -15.01 -27.83 8.33
CA LEU F 75 -15.05 -27.93 6.87
C LEU F 75 -14.19 -29.10 6.36
N ALA F 76 -12.99 -29.21 6.92
CA ALA F 76 -12.03 -30.24 6.54
C ALA F 76 -12.56 -31.62 6.80
N LYS F 77 -13.16 -31.81 7.96
CA LYS F 77 -13.79 -33.07 8.32
C LYS F 77 -14.89 -33.39 7.33
N GLU F 78 -15.66 -32.37 6.95
CA GLU F 78 -16.72 -32.61 5.98
C GLU F 78 -16.20 -33.02 4.60
N LEU F 79 -15.15 -32.36 4.13
CA LEU F 79 -14.70 -32.56 2.76
C LEU F 79 -13.53 -33.51 2.61
N TYR F 80 -13.07 -34.09 3.71
CA TYR F 80 -11.93 -35.00 3.68
C TYR F 80 -12.26 -36.23 2.83
N PRO F 81 -11.25 -36.74 2.08
CA PRO F 81 -11.37 -37.90 1.21
C PRO F 81 -12.11 -39.08 1.84
N GLY F 82 -13.10 -39.60 1.11
CA GLY F 82 -13.90 -40.72 1.58
C GLY F 82 -15.37 -40.37 1.68
N ASN F 83 -15.67 -39.18 2.19
CA ASN F 83 -17.06 -38.79 2.42
C ASN F 83 -17.86 -38.57 1.14
N TYR F 84 -17.18 -38.29 0.04
CA TYR F 84 -17.85 -38.03 -1.22
C TYR F 84 -17.20 -38.78 -2.36
N LYS F 85 -17.98 -39.07 -3.42
CA LYS F 85 -17.48 -39.83 -4.54
C LYS F 85 -17.42 -38.99 -5.80
N PRO F 86 -16.46 -39.29 -6.69
CA PRO F 86 -16.41 -38.63 -7.99
C PRO F 86 -17.63 -38.98 -8.84
N ASN F 87 -17.99 -38.12 -9.79
CA ASN F 87 -19.08 -38.43 -10.69
C ASN F 87 -18.57 -38.64 -12.11
N VAL F 88 -19.50 -38.67 -13.06
CA VAL F 88 -19.20 -39.02 -14.44
C VAL F 88 -18.17 -38.07 -15.07
N THR F 89 -18.20 -36.80 -14.65
CA THR F 89 -17.27 -35.81 -15.17
C THR F 89 -15.83 -36.16 -14.79
N HIS F 90 -15.64 -36.38 -13.49
CA HIS F 90 -14.33 -36.76 -12.97
C HIS F 90 -13.80 -37.99 -13.66
N TYR F 91 -14.66 -38.99 -13.83
CA TYR F 91 -14.24 -40.25 -14.42
C TYR F 91 -13.98 -40.11 -15.90
N PHE F 92 -14.66 -39.15 -16.53
CA PHE F 92 -14.37 -38.83 -17.93
C PHE F 92 -12.97 -38.25 -18.03
N LEU F 93 -12.62 -37.37 -17.09
CA LEU F 93 -11.27 -36.80 -17.05
C LEU F 93 -10.23 -37.89 -16.78
N ARG F 94 -10.60 -38.84 -15.92
CA ARG F 94 -9.76 -40.01 -15.63
C ARG F 94 -9.50 -40.85 -16.87
N LEU F 95 -10.55 -41.10 -17.65
CA LEU F 95 -10.42 -41.88 -18.87
C LEU F 95 -9.57 -41.12 -19.85
N LEU F 96 -9.76 -39.81 -19.88
CA LEU F 96 -8.93 -38.93 -20.70
C LEU F 96 -7.46 -39.09 -20.36
N HIS F 97 -7.15 -39.19 -19.07
CA HIS F 97 -5.76 -39.43 -18.66
C HIS F 97 -5.25 -40.81 -19.04
N ASP F 98 -6.08 -41.83 -18.84
CA ASP F 98 -5.68 -43.20 -19.12
C ASP F 98 -5.38 -43.43 -20.59
N LYS F 99 -6.07 -42.71 -21.46
CA LYS F 99 -5.87 -42.86 -22.89
C LYS F 99 -4.73 -41.98 -23.40
N GLY F 100 -4.02 -41.33 -22.48
CA GLY F 100 -2.83 -40.57 -22.81
C GLY F 100 -3.12 -39.23 -23.48
N LEU F 101 -4.27 -38.64 -23.16
CA LEU F 101 -4.71 -37.42 -23.82
C LEU F 101 -4.62 -36.17 -22.92
N LEU F 102 -4.48 -36.38 -21.63
CA LEU F 102 -4.50 -35.28 -20.66
C LEU F 102 -3.13 -34.68 -20.42
N LEU F 103 -2.95 -33.43 -20.82
CA LEU F 103 -1.72 -32.70 -20.55
C LEU F 103 -1.69 -32.20 -19.10
N ARG F 104 -2.75 -31.51 -18.69
CA ARG F 104 -2.86 -31.03 -17.33
C ARG F 104 -4.31 -30.70 -16.98
N LEU F 105 -4.65 -30.86 -15.71
CA LEU F 105 -5.98 -30.50 -15.23
C LEU F 105 -5.88 -29.45 -14.13
N TYR F 106 -6.33 -28.24 -14.42
CA TYR F 106 -6.32 -27.15 -13.45
C TYR F 106 -7.66 -27.08 -12.73
N THR F 107 -7.65 -27.20 -11.41
CA THR F 107 -8.90 -27.20 -10.65
C THR F 107 -8.95 -26.10 -9.59
N GLN F 108 -10.14 -25.55 -9.39
CA GLN F 108 -10.37 -24.55 -8.35
C GLN F 108 -10.98 -25.21 -7.13
N ASN F 109 -11.35 -26.47 -7.29
CA ASN F 109 -12.03 -27.22 -6.24
C ASN F 109 -11.08 -27.74 -5.17
N ILE F 110 -11.60 -27.96 -3.97
CA ILE F 110 -10.80 -28.50 -2.89
C ILE F 110 -11.38 -29.81 -2.36
N ASP F 111 -12.32 -30.37 -3.11
CA ASP F 111 -12.97 -31.62 -2.73
C ASP F 111 -12.09 -32.84 -3.00
N GLY F 112 -11.03 -32.65 -3.78
CA GLY F 112 -10.06 -33.71 -4.02
C GLY F 112 -10.57 -34.89 -4.83
N LEU F 113 -11.62 -34.67 -5.60
CA LEU F 113 -12.25 -35.74 -6.36
C LEU F 113 -11.45 -36.09 -7.61
N GLU F 114 -10.59 -35.17 -8.05
CA GLU F 114 -9.69 -35.48 -9.16
C GLU F 114 -8.71 -36.59 -8.77
N ARG F 115 -8.16 -36.48 -7.56
CA ARG F 115 -7.26 -37.51 -7.04
C ARG F 115 -7.96 -38.83 -6.80
N VAL F 116 -9.14 -38.76 -6.19
CA VAL F 116 -9.88 -39.97 -5.85
C VAL F 116 -10.31 -40.75 -7.10
N SER F 117 -10.61 -40.03 -8.18
CA SER F 117 -11.02 -40.67 -9.43
C SER F 117 -9.85 -41.37 -10.10
N GLY F 118 -8.64 -41.12 -9.60
CA GLY F 118 -7.47 -41.82 -10.09
C GLY F 118 -6.53 -41.03 -10.98
N ILE F 119 -6.66 -39.72 -10.98
CA ILE F 119 -5.73 -38.88 -11.72
C ILE F 119 -4.50 -38.61 -10.87
N PRO F 120 -3.31 -38.93 -11.41
CA PRO F 120 -2.06 -38.74 -10.68
C PRO F 120 -1.78 -37.26 -10.36
N ALA F 121 -1.13 -37.00 -9.23
CA ALA F 121 -0.87 -35.63 -8.77
C ALA F 121 -0.08 -34.80 -9.77
N SER F 122 0.80 -35.45 -10.53
CA SER F 122 1.64 -34.74 -11.48
C SER F 122 0.86 -34.16 -12.64
N LYS F 123 -0.32 -34.72 -12.90
CA LYS F 123 -1.18 -34.23 -13.97
C LYS F 123 -2.13 -33.14 -13.47
N LEU F 124 -2.12 -32.91 -12.17
CA LEU F 124 -3.05 -31.98 -11.54
C LEU F 124 -2.39 -30.67 -11.17
N VAL F 125 -3.15 -29.59 -11.25
CA VAL F 125 -2.81 -28.32 -10.60
C VAL F 125 -3.99 -27.91 -9.73
N GLU F 126 -3.88 -28.18 -8.44
CA GLU F 126 -4.91 -27.82 -7.48
C GLU F 126 -4.68 -26.38 -7.01
N ALA F 127 -5.31 -25.44 -7.70
CA ALA F 127 -4.99 -24.03 -7.57
C ALA F 127 -5.44 -23.41 -6.26
N HIS F 128 -6.35 -24.06 -5.54
CA HIS F 128 -6.78 -23.54 -4.25
C HIS F 128 -6.31 -24.47 -3.14
N GLY F 129 -5.38 -25.36 -3.48
CA GLY F 129 -4.76 -26.22 -2.50
C GLY F 129 -5.42 -27.57 -2.38
N THR F 130 -5.01 -28.32 -1.37
CA THR F 130 -5.50 -29.67 -1.18
C THR F 130 -5.44 -30.18 0.25
N PHE F 131 -6.28 -31.17 0.52
CA PHE F 131 -6.30 -31.88 1.79
C PHE F 131 -5.39 -33.09 1.73
N ALA F 132 -4.78 -33.33 0.58
CA ALA F 132 -3.91 -34.48 0.39
C ALA F 132 -2.62 -34.32 1.18
N SER F 133 -2.29 -33.07 1.51
CA SER F 133 -1.10 -32.79 2.28
C SER F 133 -1.31 -31.65 3.27
N ALA F 134 -0.48 -31.59 4.30
CA ALA F 134 -0.61 -30.60 5.35
C ALA F 134 0.75 -30.07 5.77
N THR F 135 0.76 -28.90 6.40
CA THR F 135 2.00 -28.28 6.83
C THR F 135 1.84 -27.74 8.24
N CYS F 136 2.83 -27.98 9.09
CA CYS F 136 2.79 -27.43 10.42
C CYS F 136 2.98 -25.92 10.40
N THR F 137 2.14 -25.21 11.14
CA THR F 137 2.13 -23.75 11.17
C THR F 137 3.34 -23.14 11.86
N VAL F 138 4.04 -23.95 12.65
CA VAL F 138 5.17 -23.45 13.41
C VAL F 138 6.52 -23.81 12.80
N CYS F 139 6.76 -25.09 12.58
CA CYS F 139 8.07 -25.51 12.11
C CYS F 139 8.10 -25.88 10.62
N GLN F 140 6.95 -25.75 9.96
CA GLN F 140 6.82 -25.91 8.50
C GLN F 140 7.06 -27.33 7.99
N ARG F 141 7.06 -28.31 8.88
CA ARG F 141 7.19 -29.70 8.47
C ARG F 141 5.99 -30.18 7.65
N PRO F 142 6.24 -30.89 6.55
CA PRO F 142 5.20 -31.47 5.71
C PRO F 142 4.68 -32.80 6.24
N PHE F 143 3.40 -33.06 6.01
CA PHE F 143 2.76 -34.29 6.40
C PHE F 143 1.78 -34.72 5.30
N PRO F 144 1.67 -36.03 5.07
CA PRO F 144 0.59 -36.52 4.20
C PRO F 144 -0.77 -36.26 4.82
N GLY F 145 -1.80 -36.10 4.00
CA GLY F 145 -3.15 -35.86 4.49
C GLY F 145 -3.64 -36.93 5.46
N GLU F 146 -3.38 -38.19 5.11
CA GLU F 146 -3.77 -39.33 5.94
C GLU F 146 -3.23 -39.23 7.37
N ASP F 147 -2.03 -38.68 7.53
CA ASP F 147 -1.38 -38.58 8.83
C ASP F 147 -2.18 -37.84 9.90
N ILE F 148 -3.06 -36.94 9.49
CA ILE F 148 -3.85 -36.17 10.47
C ILE F 148 -5.33 -36.57 10.42
N ARG F 149 -5.63 -37.50 9.52
CA ARG F 149 -7.00 -37.96 9.30
C ARG F 149 -7.76 -38.29 10.58
N ALA F 150 -7.18 -39.16 11.41
CA ALA F 150 -7.79 -39.53 12.69
C ALA F 150 -8.18 -38.31 13.51
N ASP F 151 -7.23 -37.41 13.74
CA ASP F 151 -7.49 -36.20 14.51
C ASP F 151 -8.62 -35.39 13.91
N VAL F 152 -8.62 -35.26 12.58
CA VAL F 152 -9.64 -34.48 11.90
C VAL F 152 -11.03 -35.11 12.06
N MET F 153 -11.07 -36.44 12.05
CA MET F 153 -12.34 -37.17 12.15
C MET F 153 -12.81 -37.30 13.59
N ALA F 154 -11.94 -36.99 14.54
CA ALA F 154 -12.29 -37.10 15.95
C ALA F 154 -12.49 -35.71 16.55
N ASP F 155 -12.64 -34.72 15.68
CA ASP F 155 -12.85 -33.32 16.06
C ASP F 155 -11.72 -32.77 16.92
N ARG F 156 -10.53 -33.34 16.76
CA ARG F 156 -9.32 -32.83 17.40
C ARG F 156 -8.51 -31.95 16.45
N VAL F 157 -7.88 -30.92 16.98
CA VAL F 157 -6.98 -30.10 16.19
C VAL F 157 -5.64 -30.80 16.07
N PRO F 158 -5.25 -31.17 14.84
CA PRO F 158 -4.03 -31.94 14.60
C PRO F 158 -2.78 -31.18 15.03
N ARG F 159 -1.96 -31.78 15.87
CA ARG F 159 -0.75 -31.12 16.34
C ARG F 159 0.51 -31.86 15.90
N CYS F 160 1.56 -31.10 15.62
CA CYS F 160 2.80 -31.65 15.11
C CYS F 160 3.53 -32.49 16.17
N PRO F 161 4.00 -33.67 15.78
CA PRO F 161 4.75 -34.54 16.69
C PRO F 161 6.06 -33.93 17.19
N VAL F 162 6.57 -32.93 16.47
CA VAL F 162 7.86 -32.35 16.82
C VAL F 162 7.73 -31.17 17.78
N CYS F 163 6.98 -30.15 17.40
CA CYS F 163 6.90 -28.92 18.19
C CYS F 163 5.51 -28.65 18.76
N THR F 164 4.56 -29.52 18.44
CA THR F 164 3.16 -29.48 18.89
C THR F 164 2.33 -28.34 18.28
N GLY F 165 2.85 -27.67 17.26
CA GLY F 165 2.08 -26.64 16.59
C GLY F 165 0.95 -27.26 15.77
N VAL F 166 -0.03 -26.43 15.40
CA VAL F 166 -1.16 -26.89 14.61
C VAL F 166 -0.71 -27.30 13.21
N VAL F 167 -1.11 -28.48 12.78
CA VAL F 167 -0.81 -28.93 11.44
C VAL F 167 -1.97 -28.59 10.51
N LYS F 168 -1.71 -27.72 9.53
CA LYS F 168 -2.77 -27.22 8.70
C LYS F 168 -2.75 -27.78 7.29
N PRO F 169 -3.88 -28.35 6.84
CA PRO F 169 -4.07 -28.85 5.48
C PRO F 169 -3.63 -27.82 4.44
N ASP F 170 -3.15 -28.28 3.28
CA ASP F 170 -2.53 -27.34 2.35
C ASP F 170 -3.57 -26.65 1.48
N ILE F 171 -4.61 -26.16 2.12
CA ILE F 171 -5.63 -25.36 1.47
C ILE F 171 -5.14 -23.92 1.45
N VAL F 172 -5.25 -23.28 0.29
CA VAL F 172 -4.81 -21.89 0.15
C VAL F 172 -5.81 -20.93 0.77
N PHE F 173 -5.36 -20.15 1.75
CA PHE F 173 -6.22 -19.20 2.43
C PHE F 173 -6.16 -17.86 1.72
N PHE F 174 -7.14 -17.01 1.99
CA PHE F 174 -7.19 -15.69 1.36
C PHE F 174 -5.98 -14.89 1.77
N GLY F 175 -5.32 -14.28 0.79
CA GLY F 175 -4.11 -13.52 1.03
C GLY F 175 -2.86 -14.33 0.74
N GLU F 176 -2.94 -15.65 0.89
CA GLU F 176 -1.80 -16.53 0.63
C GLU F 176 -1.52 -16.65 -0.87
N PRO F 177 -0.24 -16.87 -1.22
CA PRO F 177 0.11 -17.08 -2.62
C PRO F 177 -0.45 -18.39 -3.17
N LEU F 178 -0.79 -18.40 -4.45
CA LEU F 178 -1.20 -19.62 -5.12
C LEU F 178 -0.07 -20.64 -5.10
N PRO F 179 -0.40 -21.93 -5.21
CA PRO F 179 0.64 -22.96 -5.19
C PRO F 179 1.65 -22.77 -6.31
N GLN F 180 2.87 -23.25 -6.11
CA GLN F 180 3.93 -23.10 -7.09
C GLN F 180 3.53 -23.71 -8.43
N ARG F 181 2.87 -24.87 -8.37
CA ARG F 181 2.54 -25.63 -9.57
C ARG F 181 1.64 -24.85 -10.53
N PHE F 182 0.98 -23.82 -10.02
CA PHE F 182 0.17 -22.97 -10.89
C PHE F 182 1.01 -22.41 -12.04
N LEU F 183 2.27 -22.09 -11.75
CA LEU F 183 3.13 -21.50 -12.77
C LEU F 183 3.39 -22.44 -13.93
N LEU F 184 3.03 -23.72 -13.78
CA LEU F 184 3.13 -24.64 -14.90
C LEU F 184 2.33 -24.12 -16.09
N HIS F 185 1.35 -23.24 -15.83
CA HIS F 185 0.54 -22.71 -16.93
C HIS F 185 1.44 -22.10 -18.00
N VAL F 186 2.54 -21.49 -17.58
CA VAL F 186 3.49 -20.86 -18.50
C VAL F 186 3.90 -21.78 -19.64
N VAL F 187 4.05 -23.07 -19.34
CA VAL F 187 4.41 -24.01 -20.39
C VAL F 187 3.22 -24.84 -20.87
N ASP F 188 2.16 -24.92 -20.07
CA ASP F 188 1.09 -25.85 -20.42
C ASP F 188 0.16 -25.32 -21.49
N PHE F 189 -0.17 -24.04 -21.40
CA PHE F 189 -1.12 -23.44 -22.32
C PHE F 189 -0.57 -23.19 -23.73
N PRO F 190 0.72 -22.80 -23.86
CA PRO F 190 1.24 -22.76 -25.23
C PRO F 190 1.35 -24.12 -25.89
N MET F 191 1.39 -25.19 -25.11
CA MET F 191 1.58 -26.53 -25.64
C MET F 191 0.25 -27.26 -25.91
N ALA F 192 -0.84 -26.73 -25.37
CA ALA F 192 -2.15 -27.34 -25.54
C ALA F 192 -2.65 -27.29 -26.99
N ASP F 193 -3.29 -28.36 -27.44
CA ASP F 193 -3.93 -28.37 -28.74
C ASP F 193 -5.44 -28.45 -28.59
N LEU F 194 -5.90 -28.47 -27.34
CA LEU F 194 -7.32 -28.42 -27.03
C LEU F 194 -7.52 -27.89 -25.62
N LEU F 195 -8.41 -26.92 -25.46
CA LEU F 195 -8.74 -26.39 -24.14
C LEU F 195 -10.15 -26.79 -23.76
N LEU F 196 -10.29 -27.46 -22.61
CA LEU F 196 -11.58 -27.91 -22.12
C LEU F 196 -11.98 -27.20 -20.83
N ILE F 197 -13.15 -26.57 -20.81
CA ILE F 197 -13.63 -25.86 -19.61
C ILE F 197 -14.93 -26.46 -19.10
N LEU F 198 -14.91 -26.94 -17.86
CA LEU F 198 -16.07 -27.66 -17.31
C LEU F 198 -16.53 -27.08 -15.98
N GLY F 199 -17.82 -26.74 -15.90
CA GLY F 199 -18.45 -26.38 -14.65
C GLY F 199 -17.91 -25.14 -13.95
N THR F 200 -17.53 -24.14 -14.74
CA THR F 200 -17.04 -22.90 -14.17
C THR F 200 -17.28 -21.73 -15.11
N SER F 201 -17.67 -20.60 -14.52
CA SER F 201 -17.91 -19.40 -15.29
C SER F 201 -16.60 -18.71 -15.66
N LEU F 202 -15.57 -18.99 -14.88
CA LEU F 202 -14.24 -18.40 -15.06
C LEU F 202 -14.29 -16.88 -14.97
N GLU F 203 -14.92 -16.40 -13.90
CA GLU F 203 -15.12 -14.98 -13.68
C GLU F 203 -13.98 -14.35 -12.90
N VAL F 204 -13.17 -15.18 -12.26
CA VAL F 204 -12.10 -14.68 -11.40
C VAL F 204 -10.71 -14.86 -11.99
N GLU F 205 -9.91 -13.81 -11.91
CA GLU F 205 -8.51 -13.90 -12.30
C GLU F 205 -7.78 -14.71 -11.25
N PRO F 206 -6.66 -15.34 -11.60
CA PRO F 206 -5.96 -15.35 -12.88
C PRO F 206 -6.51 -16.38 -13.88
N PHE F 207 -7.60 -17.04 -13.54
CA PHE F 207 -8.17 -18.07 -14.41
C PHE F 207 -8.79 -17.49 -15.67
N ALA F 208 -9.40 -16.32 -15.55
CA ALA F 208 -10.02 -15.67 -16.68
C ALA F 208 -9.04 -15.50 -17.84
N SER F 209 -7.87 -14.94 -17.55
CA SER F 209 -6.88 -14.65 -18.58
C SER F 209 -6.26 -15.91 -19.20
N LEU F 210 -6.27 -17.02 -18.46
CA LEU F 210 -5.70 -18.27 -18.94
C LEU F 210 -6.46 -18.84 -20.14
N THR F 211 -7.74 -18.50 -20.25
CA THR F 211 -8.55 -18.96 -21.36
C THR F 211 -8.04 -18.40 -22.69
N GLU F 212 -7.22 -17.37 -22.61
CA GLU F 212 -6.70 -16.72 -23.81
C GLU F 212 -5.23 -17.04 -24.04
N ALA F 213 -4.67 -17.90 -23.19
CA ALA F 213 -3.25 -18.25 -23.27
C ALA F 213 -2.99 -19.34 -24.30
N VAL F 214 -4.06 -20.03 -24.70
CA VAL F 214 -3.94 -21.03 -25.74
C VAL F 214 -3.87 -20.37 -27.11
N ARG F 215 -3.24 -21.04 -28.07
CA ARG F 215 -3.08 -20.48 -29.40
C ARG F 215 -4.43 -20.30 -30.10
N SER F 216 -4.46 -19.38 -31.06
CA SER F 216 -5.70 -19.00 -31.73
C SER F 216 -6.32 -20.16 -32.50
N SER F 217 -5.49 -21.07 -32.98
CA SER F 217 -5.97 -22.22 -33.74
C SER F 217 -6.53 -23.31 -32.84
N VAL F 218 -6.32 -23.17 -31.54
CA VAL F 218 -6.72 -24.19 -30.58
C VAL F 218 -8.17 -24.03 -30.17
N PRO F 219 -8.96 -25.10 -30.32
CA PRO F 219 -10.37 -25.12 -29.93
C PRO F 219 -10.58 -24.99 -28.43
N ARG F 220 -11.56 -24.19 -28.05
CA ARG F 220 -11.93 -24.05 -26.66
C ARG F 220 -13.36 -24.53 -26.49
N LEU F 221 -13.50 -25.66 -25.81
CA LEU F 221 -14.81 -26.27 -25.61
C LEU F 221 -15.33 -26.00 -24.22
N LEU F 222 -16.46 -25.30 -24.13
CA LEU F 222 -17.09 -24.99 -22.86
C LEU F 222 -18.30 -25.89 -22.60
N ILE F 223 -18.23 -26.66 -21.52
CA ILE F 223 -19.37 -27.43 -21.07
C ILE F 223 -19.83 -26.89 -19.72
N ASN F 224 -20.82 -26.02 -19.75
CA ASN F 224 -21.26 -25.31 -18.56
C ASN F 224 -22.74 -24.96 -18.67
N ARG F 225 -23.33 -24.48 -17.58
CA ARG F 225 -24.73 -24.08 -17.59
C ARG F 225 -24.93 -22.86 -18.49
N ASP F 226 -24.04 -21.87 -18.37
CA ASP F 226 -24.15 -20.63 -19.13
C ASP F 226 -22.88 -20.33 -19.93
N LEU F 227 -23.02 -19.51 -20.95
CA LEU F 227 -21.86 -18.98 -21.67
C LEU F 227 -21.52 -17.58 -21.18
N VAL F 228 -20.66 -17.50 -20.16
CA VAL F 228 -20.23 -16.21 -19.65
C VAL F 228 -18.71 -16.21 -19.45
N GLY F 229 -18.17 -15.05 -19.08
CA GLY F 229 -16.74 -14.92 -18.87
C GLY F 229 -16.02 -14.54 -20.16
N PRO F 230 -14.70 -14.71 -20.17
CA PRO F 230 -13.83 -14.38 -21.30
C PRO F 230 -14.19 -15.15 -22.57
N LEU F 231 -14.84 -16.29 -22.42
CA LEU F 231 -15.25 -17.07 -23.59
C LEU F 231 -16.42 -16.40 -24.27
N ALA F 232 -17.22 -15.69 -23.48
CA ALA F 232 -18.34 -14.94 -24.00
C ALA F 232 -17.91 -13.57 -24.50
N TRP F 233 -17.01 -12.93 -23.77
CA TRP F 233 -16.59 -11.58 -24.11
C TRP F 233 -15.64 -11.55 -25.29
N HIS F 234 -14.70 -12.49 -25.33
CA HIS F 234 -13.75 -12.57 -26.42
C HIS F 234 -13.80 -13.91 -27.13
N PRO F 235 -14.87 -14.15 -27.93
CA PRO F 235 -15.05 -15.42 -28.61
C PRO F 235 -14.04 -15.62 -29.73
N ARG F 236 -13.67 -16.88 -29.97
CA ARG F 236 -12.78 -17.21 -31.07
C ARG F 236 -13.51 -18.11 -32.04
N SER F 237 -13.02 -18.18 -33.28
CA SER F 237 -13.72 -18.88 -34.35
C SER F 237 -13.87 -20.37 -34.08
N ARG F 238 -12.94 -20.94 -33.33
CA ARG F 238 -12.95 -22.37 -33.08
C ARG F 238 -13.44 -22.72 -31.68
N ASP F 239 -14.24 -21.83 -31.10
CA ASP F 239 -14.87 -22.09 -29.81
C ASP F 239 -16.12 -22.93 -29.97
N VAL F 240 -16.36 -23.81 -28.99
CA VAL F 240 -17.56 -24.63 -28.98
C VAL F 240 -18.24 -24.54 -27.61
N ALA F 241 -19.55 -24.34 -27.60
CA ALA F 241 -20.26 -24.25 -26.33
C ALA F 241 -21.34 -25.33 -26.19
N GLN F 242 -21.17 -26.18 -25.17
CA GLN F 242 -22.18 -27.18 -24.85
C GLN F 242 -22.94 -26.75 -23.61
N LEU F 243 -23.92 -25.86 -23.80
CA LEU F 243 -24.66 -25.29 -22.69
C LEU F 243 -25.72 -26.24 -22.16
N GLY F 244 -25.98 -26.15 -20.86
CA GLY F 244 -26.91 -27.06 -20.20
C GLY F 244 -26.23 -27.77 -19.06
N ASP F 245 -26.85 -28.85 -18.60
CA ASP F 245 -26.31 -29.66 -17.52
C ASP F 245 -24.90 -30.16 -17.85
N VAL F 246 -23.98 -30.05 -16.89
CA VAL F 246 -22.59 -30.45 -17.10
C VAL F 246 -22.51 -31.96 -17.32
N VAL F 247 -23.17 -32.71 -16.45
CA VAL F 247 -23.22 -34.16 -16.59
C VAL F 247 -23.77 -34.56 -17.95
N HIS F 248 -24.87 -33.94 -18.35
CA HIS F 248 -25.50 -34.22 -19.65
C HIS F 248 -24.57 -33.94 -20.83
N GLY F 249 -23.93 -32.78 -20.81
CA GLY F 249 -23.02 -32.41 -21.88
C GLY F 249 -21.85 -33.35 -21.97
N VAL F 250 -21.30 -33.69 -20.81
CA VAL F 250 -20.18 -34.63 -20.75
C VAL F 250 -20.60 -35.98 -21.31
N GLU F 251 -21.78 -36.46 -20.93
CA GLU F 251 -22.30 -37.73 -21.44
C GLU F 251 -22.46 -37.68 -22.96
N SER F 252 -22.93 -36.54 -23.46
CA SER F 252 -23.05 -36.33 -24.90
C SER F 252 -21.70 -36.47 -25.58
N LEU F 253 -20.69 -35.81 -25.02
CA LEU F 253 -19.35 -35.87 -25.59
C LEU F 253 -18.81 -37.29 -25.55
N VAL F 254 -19.10 -38.01 -24.47
CA VAL F 254 -18.68 -39.39 -24.30
C VAL F 254 -19.30 -40.29 -25.38
N GLU F 255 -20.60 -40.11 -25.62
CA GLU F 255 -21.26 -40.85 -26.67
C GLU F 255 -20.67 -40.53 -28.04
N LEU F 256 -20.50 -39.25 -28.34
CA LEU F 256 -19.93 -38.86 -29.62
C LEU F 256 -18.51 -39.42 -29.80
N LEU F 257 -17.80 -39.60 -28.69
CA LEU F 257 -16.46 -40.18 -28.72
C LEU F 257 -16.51 -41.69 -28.89
N GLY F 258 -17.64 -42.27 -28.53
CA GLY F 258 -17.80 -43.72 -28.57
C GLY F 258 -17.10 -44.37 -27.40
N TRP F 259 -17.04 -43.66 -26.28
CA TRP F 259 -16.38 -44.16 -25.09
C TRP F 259 -17.40 -44.55 -24.04
N THR F 260 -18.66 -44.48 -24.41
CA THR F 260 -19.77 -44.68 -23.49
C THR F 260 -19.67 -45.99 -22.72
N GLU F 261 -19.38 -47.08 -23.43
CA GLU F 261 -19.28 -48.38 -22.81
C GLU F 261 -18.05 -48.47 -21.90
N GLU F 262 -16.91 -48.00 -22.42
CA GLU F 262 -15.67 -47.93 -21.63
C GLU F 262 -15.87 -47.09 -20.38
N MET F 263 -16.69 -46.06 -20.52
CA MET F 263 -17.02 -45.15 -19.43
C MET F 263 -17.83 -45.89 -18.39
N ARG F 264 -18.82 -46.64 -18.84
CA ARG F 264 -19.66 -47.45 -17.97
C ARG F 264 -18.86 -48.49 -17.17
N ASP F 265 -17.91 -49.11 -17.87
CA ASP F 265 -17.04 -50.08 -17.26
C ASP F 265 -16.16 -49.43 -16.21
N LEU F 266 -15.55 -48.32 -16.57
CA LEU F 266 -14.68 -47.57 -15.67
C LEU F 266 -15.39 -47.13 -14.39
N VAL F 267 -16.55 -46.51 -14.56
CA VAL F 267 -17.33 -46.02 -13.43
C VAL F 267 -17.76 -47.18 -12.54
N GLN F 268 -18.15 -48.29 -13.16
CA GLN F 268 -18.50 -49.47 -12.39
C GLN F 268 -17.33 -50.04 -11.57
N ARG F 269 -16.18 -50.19 -12.21
CA ARG F 269 -14.99 -50.72 -11.56
C ARG F 269 -14.60 -49.84 -10.38
N GLU F 270 -14.58 -48.53 -10.62
CA GLU F 270 -14.08 -47.59 -9.64
C GLU F 270 -15.06 -47.41 -8.49
N THR F 271 -16.35 -47.43 -8.78
CA THR F 271 -17.36 -47.40 -7.73
C THR F 271 -17.30 -48.70 -6.94
N GLY F 272 -16.90 -49.76 -7.65
CA GLY F 272 -16.71 -51.06 -7.06
C GLY F 272 -15.59 -51.06 -6.04
N LYS F 273 -14.51 -50.34 -6.35
CA LYS F 273 -13.40 -50.26 -5.42
C LYS F 273 -13.73 -49.44 -4.17
N LEU F 274 -14.74 -48.59 -4.26
CA LEU F 274 -15.13 -47.75 -3.13
C LEU F 274 -16.25 -48.40 -2.32
N ARG G 2 12.73 7.19 -8.40
CA ARG G 2 12.38 8.37 -9.21
C ARG G 2 10.90 8.72 -9.05
N SER G 3 10.64 9.88 -8.46
CA SER G 3 9.29 10.29 -8.12
C SER G 3 8.52 10.77 -9.34
N GLY G 4 7.19 10.72 -9.25
CA GLY G 4 6.35 11.25 -10.30
C GLY G 4 5.32 12.19 -9.75
N LYS G 5 4.44 12.67 -10.62
CA LYS G 5 3.32 13.42 -10.20
C LYS G 5 2.14 12.60 -10.68
N VAL G 6 1.12 12.47 -9.83
CA VAL G 6 0.08 11.47 -10.04
C VAL G 6 -1.11 12.00 -10.83
N MET G 7 -1.78 11.11 -11.55
CA MET G 7 -3.07 11.43 -12.15
C MET G 7 -4.15 11.11 -11.14
N ARG G 8 -5.06 12.06 -10.92
CA ARG G 8 -6.11 11.88 -9.93
C ARG G 8 -7.06 10.73 -10.31
N ARG H 2 9.96 4.28 -14.00
CA ARG H 2 11.11 3.40 -13.79
C ARG H 2 10.91 2.44 -12.62
N SER H 3 11.11 1.16 -12.88
CA SER H 3 10.87 0.11 -11.89
C SER H 3 12.15 -0.16 -11.08
N GLY H 4 11.99 -0.79 -9.92
CA GLY H 4 13.11 -1.01 -9.05
C GLY H 4 13.13 -2.37 -8.38
N LYS H 5 14.28 -3.03 -8.43
CA LYS H 5 14.48 -4.20 -7.67
C LYS H 5 14.69 -3.72 -6.25
N VAL H 6 14.03 -4.36 -5.28
CA VAL H 6 13.93 -3.78 -3.95
C VAL H 6 15.03 -4.19 -2.98
N MET H 7 15.50 -3.23 -2.20
CA MET H 7 16.53 -3.46 -1.20
C MET H 7 15.91 -3.95 0.09
N THR I 1 -11.38 -10.88 -10.98
CA THR I 1 -11.80 -10.43 -9.67
C THR I 1 -12.65 -9.16 -9.77
N ARG I 2 -13.16 -8.69 -8.64
CA ARG I 2 -14.08 -7.56 -8.60
C ARG I 2 -13.45 -6.28 -8.06
N SER I 3 -14.05 -5.15 -8.42
CA SER I 3 -13.56 -3.84 -8.02
C SER I 3 -14.56 -3.14 -7.10
N GLY I 4 -14.07 -2.29 -6.23
CA GLY I 4 -14.95 -1.58 -5.31
C GLY I 4 -15.02 -0.08 -5.54
N LYS I 5 -16.09 0.52 -5.03
CA LYS I 5 -16.13 1.92 -4.88
C LYS I 5 -15.89 2.11 -3.40
N VAL I 6 -14.94 2.98 -3.05
CA VAL I 6 -14.43 3.03 -1.69
C VAL I 6 -15.27 3.87 -0.73
N MET I 7 -15.46 3.36 0.47
CA MET I 7 -16.11 4.13 1.53
C MET I 7 -15.10 5.08 2.17
N ARG I 8 -15.48 6.35 2.29
CA ARG I 8 -14.59 7.35 2.87
C ARG I 8 -15.02 7.71 4.29
N THR J 1 -17.79 -7.37 -0.15
CA THR J 1 -16.54 -7.39 -0.89
C THR J 1 -15.87 -8.75 -0.75
N ARG J 2 -15.05 -9.13 -1.73
CA ARG J 2 -14.42 -10.45 -1.71
C ARG J 2 -12.89 -10.43 -1.66
N SER J 3 -12.32 -11.56 -1.25
CA SER J 3 -10.87 -11.67 -1.08
C SER J 3 -10.26 -12.63 -2.10
N GLY J 4 -9.00 -12.39 -2.46
CA GLY J 4 -8.32 -13.23 -3.43
C GLY J 4 -7.14 -13.97 -2.83
N LYS J 5 -6.37 -14.61 -3.70
CA LYS J 5 -5.13 -15.19 -3.34
C LYS J 5 -4.17 -14.79 -4.44
N VAL J 6 -2.92 -14.55 -4.08
CA VAL J 6 -2.01 -13.80 -4.94
C VAL J 6 -1.07 -14.65 -5.80
N MET J 7 -0.92 -14.22 -7.05
CA MET J 7 0.11 -14.76 -7.93
C MET J 7 1.39 -14.01 -7.55
N ARG J 8 2.49 -14.72 -7.32
CA ARG J 8 3.72 -14.09 -6.88
C ARG J 8 4.72 -13.93 -8.02
ZN ZN K . -3.50 32.17 4.18
ZN ZN L . -25.46 18.52 6.21
N LEU M . -7.29 13.70 19.74
CA LEU M . -6.16 12.98 20.16
C LEU M . -5.70 12.05 19.02
O LEU M . -5.31 10.93 19.25
CB LEU M . -6.50 12.17 21.39
CG LEU M . -5.95 12.74 22.70
CD1 LEU M . -5.74 11.67 23.72
CD2 LEU M . -4.68 13.55 22.49
N LYS N . -3.28 9.80 12.83
CA LYS N . -3.10 11.16 12.47
C LYS N . -1.92 11.30 11.53
O LYS N . -1.00 12.06 11.84
CB LYS N . -2.82 11.97 13.71
CG LYS N . -4.09 12.38 14.43
CD LYS N . -3.99 12.20 15.95
CE LYS N . -5.30 11.66 16.56
NZ LYS N . -5.74 12.53 17.65
ZN ZN O . 27.44 -15.76 5.60
N LEU P . 13.04 -6.25 20.35
CA LEU P . 12.05 -5.47 20.97
C LEU P . 11.16 -4.83 19.89
O LEU P . 11.09 -3.62 19.80
CB LEU P . 12.68 -4.39 21.81
CG LEU P . 12.91 -4.82 23.26
CD1 LEU P . 13.27 -3.64 24.13
CD2 LEU P . 11.72 -5.59 23.82
N LYS Q . 7.05 -4.68 14.25
CA LYS Q . 6.82 -6.07 14.10
C LYS Q . 5.36 -6.34 13.78
O LYS Q . 4.81 -7.35 14.18
CB LYS Q . 7.19 -6.77 15.39
CG LYS Q . 8.48 -6.21 15.96
CD LYS Q . 8.49 -6.10 17.49
CE LYS Q . 9.55 -5.08 17.97
NZ LYS Q . 10.39 -5.68 18.98
ZN ZN R . 11.24 -28.09 -11.36
ZN ZN S . -15.20 22.40 -17.99
ZN ZN T . 5.92 -28.56 14.02
N LEU U . 8.59 20.51 -11.46
CA LEU U . 8.85 19.51 -12.41
C LEU U . 8.35 18.15 -11.88
O LEU U . 9.00 17.14 -12.04
CB LEU U . 10.34 19.46 -12.73
CG LEU U . 10.75 20.56 -13.70
CD1 LEU U . 12.21 20.46 -14.09
CD2 LEU U . 9.86 20.58 -14.93
N LEU V . 18.01 -6.35 -15.66
CA LEU V . 18.62 -5.27 -14.99
C LEU V . 17.63 -4.67 -13.98
O LEU V . 17.42 -3.48 -13.97
CB LEU V . 19.02 -4.21 -15.99
CG LEU V . 20.42 -4.43 -16.59
CD1 LEU V . 20.44 -4.05 -18.07
CD2 LEU V . 21.47 -3.67 -15.82
N LEU W . -21.79 1.73 -11.49
CA LEU W . -22.05 0.54 -10.77
C LEU W . -20.81 0.22 -9.93
O LEU W . -20.57 -0.92 -9.58
CB LEU W . -22.35 -0.60 -11.72
CG LEU W . -23.86 -0.85 -11.90
CD1 LEU W . -24.14 -2.15 -12.64
CD2 LEU W . -24.57 -0.84 -10.56
N LEU X . -9.90 -21.83 -0.55
CA LEU X . -10.64 -21.54 -1.71
C LEU X . -10.33 -20.10 -2.15
O LEU X . -11.18 -19.42 -2.71
CB LEU X . -12.12 -21.69 -1.45
CG LEU X . -12.69 -22.99 -2.05
CD1 LEU X . -13.96 -23.40 -1.33
CD2 LEU X . -12.94 -22.85 -3.53
#